data_6MGR
#
_entry.id   6MGR
#
_cell.length_a   69.343
_cell.length_b   119.592
_cell.length_c   119.307
_cell.angle_alpha   90.00
_cell.angle_beta   89.99
_cell.angle_gamma   90.00
#
_symmetry.space_group_name_H-M   'P 1 21 1'
#
loop_
_entity.id
_entity.type
_entity.pdbx_description
1 polymer 'Inosine monophosphate dehydrogenase'
2 non-polymer '5-[(Z)-(aminomethylidene)amino]-1-(5-O-phosphono-beta-D-ribofuranosyl)-1H-imidazole-4-carboxylic acid'
3 non-polymer 'SULFATE ION'
4 non-polymer 'CHLORIDE ION'
5 non-polymer (4S)-2-METHYL-2,4-PENTANEDIOL
6 non-polymer 'POTASSIUM ION'
7 water water
#
_entity_poly.entity_id   1
_entity_poly.type   'polypeptide(L)'
_entity_poly.pdbx_seq_one_letter_code
;SNAMKIVKRALTFEDVLLRPGYSEVLPKEVKIHTKLTKNITLNMPLISAAMDTVTEHRAAIMMARLGGLGVIHKNMDIAS
QVREVKRVKKSESGGIKDLKKRKEYPDANKDNFGRLRVGAAIGVGQMDRVDALVEAGVDVVVLDSAHGHSKGIIDTVKAI
KAKYPNLDLIAGNIATAAAAKALCEAGVDAVKVGIGPGSICTTRIVSGVGVPQISAIDECVEEANKFGVPVIADGGIKYS
GDIAKALAVGASSVMIGSLLAGTDESPGELFTYQGRQYKSYRGMGSLGAMQKGSSDRYFQQGTAQDKLVPEGIEGRVPYV
GSIRSVVHQLLGGLRSSMGYVGAKDIEDFQKRAEFVEITTAGLKESHVHDVTITHEAPNYKVNHQ
;
_entity_poly.pdbx_strand_id   A,B,C,D
#
loop_
_chem_comp.id
_chem_comp.type
_chem_comp.name
_chem_comp.formula
CL non-polymer 'CHLORIDE ION' 'Cl -1'
JQS non-polymer '5-[(Z)-(aminomethylidene)amino]-1-(5-O-phosphono-beta-D-ribofuranosyl)-1H-imidazole-4-carboxylic acid' 'C10 H15 N4 O9 P'
K non-polymer 'POTASSIUM ION' 'K 1'
MPD non-polymer (4S)-2-METHYL-2,4-PENTANEDIOL 'C6 H14 O2'
SO4 non-polymer 'SULFATE ION' 'O4 S -2'
#
# COMPACT_ATOMS: atom_id res chain seq x y z
N MET A 4 13.92 -20.65 3.78
CA MET A 4 14.12 -20.17 2.40
C MET A 4 15.21 -19.11 2.35
N LYS A 5 15.90 -19.04 1.21
CA LYS A 5 17.05 -18.14 1.06
C LYS A 5 16.59 -16.82 0.45
N ILE A 6 16.36 -15.83 1.31
CA ILE A 6 16.11 -14.46 0.89
C ILE A 6 17.43 -13.70 1.01
N VAL A 7 17.95 -13.24 -0.14
CA VAL A 7 19.28 -12.64 -0.16
C VAL A 7 19.23 -11.19 0.31
N LYS A 8 18.16 -10.47 -0.01
CA LYS A 8 18.05 -9.05 0.34
C LYS A 8 16.59 -8.61 0.26
N ARG A 9 16.32 -7.44 0.82
CA ARG A 9 15.10 -6.68 0.56
C ARG A 9 15.42 -5.65 -0.53
N ALA A 10 14.88 -5.86 -1.71
CA ALA A 10 15.30 -5.11 -2.89
C ALA A 10 14.34 -3.96 -3.19
N LEU A 11 14.90 -2.80 -3.52
CA LEU A 11 14.15 -1.58 -3.74
C LEU A 11 14.15 -1.18 -5.21
N THR A 12 13.13 -0.44 -5.63
CA THR A 12 13.23 0.20 -6.92
C THR A 12 13.01 1.71 -6.79
N PHE A 13 12.87 2.38 -7.95
CA PHE A 13 12.88 3.85 -8.00
C PHE A 13 11.94 4.50 -6.98
N GLU A 14 10.69 4.07 -6.97
N GLU A 14 10.67 4.09 -6.97
CA GLU A 14 9.66 4.69 -6.14
CA GLU A 14 9.69 4.76 -6.12
C GLU A 14 9.92 4.52 -4.66
C GLU A 14 9.95 4.55 -4.64
N ASP A 15 10.85 3.64 -4.28
CA ASP A 15 11.17 3.40 -2.87
C ASP A 15 12.12 4.43 -2.28
N VAL A 16 12.81 5.22 -3.11
CA VAL A 16 13.92 6.05 -2.64
C VAL A 16 13.80 7.46 -3.21
N LEU A 17 14.40 8.40 -2.48
CA LEU A 17 14.56 9.78 -2.93
C LEU A 17 16.00 10.19 -2.65
N LEU A 18 16.49 11.12 -3.46
CA LEU A 18 17.81 11.73 -3.24
C LEU A 18 17.68 12.88 -2.24
N ARG A 19 18.64 12.98 -1.31
CA ARG A 19 18.67 14.11 -0.39
C ARG A 19 19.28 15.33 -1.10
N PRO A 20 18.76 16.53 -0.86
CA PRO A 20 19.46 17.73 -1.34
C PRO A 20 20.79 17.89 -0.61
N GLY A 21 21.75 18.52 -1.29
CA GLY A 21 23.03 18.83 -0.68
C GLY A 21 23.40 20.28 -0.92
N TYR A 22 24.50 20.71 -0.29
CA TYR A 22 24.96 22.08 -0.50
C TYR A 22 25.38 22.27 -1.95
N SER A 23 24.90 23.33 -2.60
CA SER A 23 25.11 23.47 -4.04
C SER A 23 25.67 24.84 -4.38
N GLU A 24 26.65 24.85 -5.29
CA GLU A 24 27.18 26.08 -5.86
C GLU A 24 27.10 26.09 -7.37
N VAL A 25 26.33 25.16 -7.95
CA VAL A 25 26.21 25.00 -9.39
C VAL A 25 24.75 25.14 -9.78
N LEU A 26 24.52 25.71 -10.95
CA LEU A 26 23.14 25.82 -11.43
C LEU A 26 22.85 24.70 -12.43
N PRO A 27 21.61 24.18 -12.42
CA PRO A 27 21.25 23.11 -13.36
C PRO A 27 21.72 23.38 -14.78
N LYS A 28 21.66 24.63 -15.23
CA LYS A 28 22.05 24.93 -16.60
C LYS A 28 23.55 24.81 -16.83
N GLU A 29 24.35 24.77 -15.76
CA GLU A 29 25.81 24.72 -15.85
C GLU A 29 26.40 23.33 -15.62
N VAL A 30 25.63 22.36 -15.13
CA VAL A 30 26.23 21.06 -14.89
C VAL A 30 26.52 20.36 -16.22
N LYS A 31 27.47 19.44 -16.19
CA LYS A 31 27.87 18.66 -17.36
C LYS A 31 27.27 17.26 -17.25
N ILE A 32 26.77 16.74 -18.37
CA ILE A 32 26.04 15.47 -18.37
C ILE A 32 26.62 14.48 -19.37
N HIS A 33 27.86 14.71 -19.80
N HIS A 33 27.86 14.72 -19.81
CA HIS A 33 28.57 13.70 -20.56
CA HIS A 33 28.60 13.71 -20.53
C HIS A 33 28.80 12.45 -19.70
C HIS A 33 28.71 12.43 -19.69
N THR A 34 28.87 11.30 -20.36
CA THR A 34 29.02 10.03 -19.65
C THR A 34 29.63 8.99 -20.59
N LYS A 35 30.00 7.84 -20.03
CA LYS A 35 30.49 6.71 -20.82
C LYS A 35 29.34 5.77 -21.19
N LEU A 36 29.23 5.47 -22.48
CA LEU A 36 28.42 4.35 -22.94
C LEU A 36 29.13 3.03 -22.69
N THR A 37 30.37 2.94 -23.16
CA THR A 37 31.20 1.76 -22.98
C THR A 37 32.55 2.22 -22.48
N LYS A 38 33.47 1.27 -22.30
CA LYS A 38 34.83 1.63 -21.93
C LYS A 38 35.43 2.62 -22.92
N ASN A 39 35.03 2.55 -24.18
CA ASN A 39 35.67 3.31 -25.24
C ASN A 39 34.78 4.34 -25.91
N ILE A 40 33.48 4.36 -25.63
CA ILE A 40 32.58 5.28 -26.30
C ILE A 40 31.97 6.23 -25.27
N THR A 41 32.03 7.51 -25.58
CA THR A 41 31.46 8.56 -24.76
C THR A 41 30.09 8.97 -25.30
N LEU A 42 29.23 9.43 -24.41
CA LEU A 42 27.97 10.08 -24.76
C LEU A 42 28.02 11.52 -24.26
N ASN A 43 27.36 12.42 -24.97
CA ASN A 43 27.24 13.78 -24.47
C ASN A 43 25.99 13.98 -23.62
N MET A 44 25.07 13.01 -23.61
CA MET A 44 24.03 12.95 -22.60
C MET A 44 23.64 11.49 -22.41
N PRO A 45 23.10 11.12 -21.23
CA PRO A 45 23.12 9.70 -20.82
C PRO A 45 21.95 8.84 -21.29
N LEU A 46 21.24 9.21 -22.35
CA LEU A 46 20.02 8.50 -22.75
C LEU A 46 20.21 7.65 -24.01
N ILE A 47 19.71 6.42 -23.97
CA ILE A 47 19.71 5.47 -25.10
C ILE A 47 18.29 5.04 -25.38
N SER A 48 17.86 5.13 -26.64
CA SER A 48 16.56 4.64 -27.03
C SER A 48 16.60 3.12 -27.21
N ALA A 49 15.53 2.46 -26.76
CA ALA A 49 15.51 1.01 -26.61
C ALA A 49 15.50 0.28 -27.97
N ALA A 50 16.08 -0.92 -27.98
CA ALA A 50 16.15 -1.75 -29.19
C ALA A 50 14.82 -2.48 -29.39
N MET A 51 13.78 -1.71 -29.71
CA MET A 51 12.43 -2.25 -29.82
C MET A 51 11.79 -1.77 -31.12
N ASP A 52 11.02 -2.67 -31.76
CA ASP A 52 10.51 -2.31 -33.08
C ASP A 52 9.39 -1.27 -33.05
N THR A 53 9.02 -0.77 -31.87
CA THR A 53 8.15 0.40 -31.77
C THR A 53 8.88 1.62 -31.21
N VAL A 54 10.21 1.55 -31.09
CA VAL A 54 10.96 2.67 -30.53
C VAL A 54 12.03 3.15 -31.52
N THR A 55 12.96 2.28 -31.92
CA THR A 55 14.17 2.71 -32.60
C THR A 55 14.38 2.04 -33.95
N GLU A 56 14.24 2.81 -35.02
CA GLU A 56 14.89 2.53 -36.29
C GLU A 56 15.71 3.78 -36.65
N HIS A 57 16.08 3.98 -37.92
CA HIS A 57 17.11 4.98 -38.22
C HIS A 57 16.70 6.38 -37.76
N ARG A 58 15.43 6.76 -37.94
CA ARG A 58 15.04 8.13 -37.66
C ARG A 58 15.11 8.47 -36.17
N ALA A 59 14.69 7.53 -35.31
CA ALA A 59 14.84 7.79 -33.88
C ALA A 59 16.30 7.77 -33.47
N ALA A 60 17.09 6.87 -34.08
CA ALA A 60 18.51 6.76 -33.72
C ALA A 60 19.28 8.01 -34.16
N ILE A 61 18.92 8.57 -35.33
CA ILE A 61 19.55 9.82 -35.78
C ILE A 61 19.29 10.93 -34.76
N MET A 62 18.03 11.09 -34.33
CA MET A 62 17.73 12.16 -33.39
C MET A 62 18.40 11.92 -32.04
N MET A 63 18.41 10.68 -31.56
CA MET A 63 19.05 10.41 -30.28
C MET A 63 20.54 10.74 -30.34
N ALA A 64 21.21 10.39 -31.45
CA ALA A 64 22.62 10.73 -31.61
C ALA A 64 22.83 12.24 -31.77
N ARG A 65 21.95 12.91 -32.52
CA ARG A 65 22.07 14.35 -32.69
C ARG A 65 21.94 15.10 -31.36
N LEU A 66 21.14 14.57 -30.44
CA LEU A 66 20.96 15.19 -29.12
C LEU A 66 22.05 14.78 -28.14
N GLY A 67 22.99 13.93 -28.55
CA GLY A 67 24.12 13.53 -27.74
C GLY A 67 24.06 12.13 -27.18
N GLY A 68 22.94 11.44 -27.32
CA GLY A 68 22.77 10.07 -26.81
C GLY A 68 22.99 9.05 -27.90
N LEU A 69 22.22 7.95 -27.85
CA LEU A 69 22.37 6.86 -28.81
C LEU A 69 21.02 6.19 -29.05
N GLY A 70 20.84 5.70 -30.27
CA GLY A 70 19.77 4.76 -30.61
C GLY A 70 20.35 3.39 -30.90
N VAL A 71 19.65 2.33 -30.48
CA VAL A 71 20.01 0.95 -30.81
C VAL A 71 18.95 0.42 -31.77
N ILE A 72 19.37 0.18 -33.03
CA ILE A 72 18.46 -0.44 -34.00
C ILE A 72 18.06 -1.82 -33.51
N HIS A 73 16.76 -2.09 -33.50
CA HIS A 73 16.28 -3.40 -33.07
C HIS A 73 16.62 -4.46 -34.11
N LYS A 74 16.54 -5.73 -33.69
CA LYS A 74 16.93 -6.88 -34.51
C LYS A 74 15.73 -7.65 -35.05
N ASN A 75 14.52 -7.11 -34.95
CA ASN A 75 13.32 -7.78 -35.48
C ASN A 75 13.17 -7.43 -36.96
N MET A 76 14.20 -7.79 -37.72
CA MET A 76 14.25 -7.56 -39.15
C MET A 76 15.42 -8.38 -39.69
N ASP A 77 15.38 -8.68 -40.98
CA ASP A 77 16.47 -9.46 -41.54
C ASP A 77 17.75 -8.61 -41.58
N ILE A 78 18.87 -9.29 -41.87
CA ILE A 78 20.17 -8.63 -41.72
C ILE A 78 20.28 -7.48 -42.71
N ALA A 79 19.84 -7.69 -43.95
CA ALA A 79 19.84 -6.63 -44.96
C ALA A 79 19.17 -5.37 -44.45
N SER A 80 17.96 -5.51 -43.88
CA SER A 80 17.22 -4.34 -43.40
C SER A 80 17.97 -3.63 -42.28
N GLN A 81 18.59 -4.38 -41.37
CA GLN A 81 19.26 -3.76 -40.24
C GLN A 81 20.52 -3.01 -40.70
N VAL A 82 21.24 -3.58 -41.66
CA VAL A 82 22.35 -2.87 -42.30
C VAL A 82 21.88 -1.56 -42.90
N ARG A 83 20.76 -1.60 -43.64
CA ARG A 83 20.18 -0.39 -44.22
C ARG A 83 19.92 0.68 -43.15
N GLU A 84 19.35 0.27 -42.02
CA GLU A 84 19.07 1.22 -40.94
C GLU A 84 20.36 1.82 -40.37
N VAL A 85 21.39 0.99 -40.18
CA VAL A 85 22.64 1.46 -39.60
C VAL A 85 23.34 2.45 -40.53
N LYS A 86 23.43 2.12 -41.82
CA LYS A 86 24.12 3.06 -42.71
C LYS A 86 23.27 4.30 -42.99
N ARG A 87 21.94 4.19 -42.87
CA ARG A 87 21.11 5.39 -42.90
C ARG A 87 21.48 6.36 -41.78
N VAL A 88 21.83 5.82 -40.61
CA VAL A 88 22.27 6.69 -39.51
C VAL A 88 23.68 7.20 -39.78
N LYS A 89 24.57 6.31 -40.21
CA LYS A 89 25.97 6.69 -40.42
C LYS A 89 26.11 7.72 -41.52
N LYS A 90 25.19 7.75 -42.48
CA LYS A 90 25.27 8.65 -43.62
C LYS A 90 24.40 9.89 -43.47
N SER A 91 23.77 10.06 -42.29
CA SER A 91 22.94 11.23 -42.04
C SER A 91 23.77 12.52 -42.09
N GLU A 92 24.95 12.51 -41.47
CA GLU A 92 25.88 13.62 -41.54
C GLU A 92 27.09 13.26 -42.41
N LEU A 99 26.20 22.09 -42.01
CA LEU A 99 26.76 23.34 -41.50
C LEU A 99 25.77 24.01 -40.56
N LYS A 100 24.54 24.22 -41.01
CA LYS A 100 23.48 24.64 -40.12
C LYS A 100 23.11 23.55 -39.12
N LYS A 101 23.50 22.30 -39.40
CA LYS A 101 23.33 21.22 -38.44
C LYS A 101 24.30 21.35 -37.28
N ARG A 102 25.48 21.93 -37.52
CA ARG A 102 26.45 22.13 -36.44
C ARG A 102 25.89 23.07 -35.38
N LYS A 103 25.33 24.20 -35.82
CA LYS A 103 24.68 25.11 -34.88
C LYS A 103 23.40 24.51 -34.31
N GLU A 104 22.70 23.68 -35.11
CA GLU A 104 21.43 23.15 -34.67
C GLU A 104 21.61 22.06 -33.61
N TYR A 105 22.56 21.16 -33.82
CA TYR A 105 22.81 20.03 -32.92
C TYR A 105 24.26 20.08 -32.43
N PRO A 106 24.57 21.00 -31.52
CA PRO A 106 25.97 21.17 -31.10
C PRO A 106 26.49 20.05 -30.21
N ASP A 107 25.62 19.23 -29.63
CA ASP A 107 26.02 18.14 -28.75
C ASP A 107 25.96 16.80 -29.45
N ALA A 108 25.96 16.81 -30.78
CA ALA A 108 25.80 15.57 -31.53
C ALA A 108 26.91 14.60 -31.17
N ASN A 109 26.52 13.33 -31.01
CA ASN A 109 27.41 12.24 -30.63
C ASN A 109 27.96 11.60 -31.90
N LYS A 110 29.20 11.93 -32.25
CA LYS A 110 29.80 11.53 -33.53
C LYS A 110 31.05 10.66 -33.32
N ASP A 111 31.36 9.84 -34.34
CA ASP A 111 32.56 9.00 -34.32
C ASP A 111 33.77 9.83 -34.78
N ASN A 112 34.89 9.14 -35.04
CA ASN A 112 36.14 9.82 -35.40
C ASN A 112 36.05 10.52 -36.74
N PHE A 113 35.06 10.17 -37.56
CA PHE A 113 34.90 10.75 -38.88
C PHE A 113 33.71 11.71 -38.96
N GLY A 114 33.18 12.15 -37.82
CA GLY A 114 32.10 13.11 -37.83
C GLY A 114 30.74 12.54 -38.18
N ARG A 115 30.58 11.22 -38.13
CA ARG A 115 29.32 10.55 -38.42
C ARG A 115 28.61 10.22 -37.10
N LEU A 116 27.28 10.38 -37.10
CA LEU A 116 26.49 10.02 -35.92
C LEU A 116 26.76 8.58 -35.50
N ARG A 117 26.89 8.38 -34.19
CA ARG A 117 27.03 7.05 -33.62
C ARG A 117 25.69 6.32 -33.63
N VAL A 118 25.76 5.00 -33.76
CA VAL A 118 24.57 4.16 -33.75
C VAL A 118 24.94 2.82 -33.15
N GLY A 119 24.01 2.24 -32.37
CA GLY A 119 24.11 0.88 -31.91
C GLY A 119 23.19 -0.03 -32.71
N ALA A 120 23.45 -1.33 -32.67
CA ALA A 120 22.58 -2.31 -33.29
C ALA A 120 22.49 -3.55 -32.42
N ALA A 121 21.28 -4.10 -32.29
CA ALA A 121 21.08 -5.29 -31.47
C ALA A 121 21.29 -6.58 -32.26
N ILE A 122 21.81 -7.59 -31.56
CA ILE A 122 21.97 -8.95 -32.08
C ILE A 122 21.53 -9.92 -30.99
N GLY A 123 21.34 -11.18 -31.38
CA GLY A 123 21.06 -12.25 -30.47
C GLY A 123 22.21 -13.25 -30.40
N VAL A 124 22.01 -14.27 -29.55
CA VAL A 124 22.97 -15.36 -29.40
C VAL A 124 23.21 -16.03 -30.74
N GLY A 125 24.49 -16.28 -31.05
CA GLY A 125 24.87 -17.04 -32.22
C GLY A 125 24.63 -16.37 -33.55
N GLN A 126 24.47 -15.05 -33.60
CA GLN A 126 24.17 -14.37 -34.86
C GLN A 126 25.42 -13.73 -35.45
N MET A 127 26.44 -14.55 -35.71
CA MET A 127 27.70 -13.99 -36.19
C MET A 127 27.57 -13.41 -37.60
N ASP A 128 26.73 -14.01 -38.46
CA ASP A 128 26.47 -13.41 -39.77
C ASP A 128 25.95 -11.99 -39.63
N ARG A 129 25.03 -11.77 -38.70
CA ARG A 129 24.48 -10.42 -38.49
C ARG A 129 25.57 -9.47 -38.01
N VAL A 130 26.42 -9.92 -37.07
CA VAL A 130 27.54 -9.11 -36.60
C VAL A 130 28.45 -8.71 -37.75
N ASP A 131 28.79 -9.67 -38.62
CA ASP A 131 29.68 -9.38 -39.74
C ASP A 131 29.15 -8.21 -40.56
N ALA A 132 27.86 -8.24 -40.86
CA ALA A 132 27.30 -7.24 -41.77
C ALA A 132 27.12 -5.89 -41.08
N LEU A 133 26.87 -5.89 -39.76
CA LEU A 133 26.79 -4.62 -39.03
C LEU A 133 28.16 -3.97 -38.90
N VAL A 134 29.20 -4.74 -38.58
CA VAL A 134 30.57 -4.22 -38.57
C VAL A 134 30.92 -3.62 -39.93
N GLU A 135 30.65 -4.37 -41.01
CA GLU A 135 30.94 -3.87 -42.34
C GLU A 135 30.18 -2.58 -42.64
N ALA A 136 28.98 -2.43 -42.08
CA ALA A 136 28.19 -1.21 -42.23
C ALA A 136 28.65 -0.09 -41.31
N GLY A 137 29.71 -0.30 -40.52
CA GLY A 137 30.22 0.73 -39.65
C GLY A 137 29.46 0.96 -38.37
N VAL A 138 28.78 -0.06 -37.83
CA VAL A 138 28.12 0.12 -36.54
C VAL A 138 29.17 0.45 -35.48
N ASP A 139 28.82 1.37 -34.58
CA ASP A 139 29.75 1.78 -33.52
C ASP A 139 29.79 0.80 -32.35
N VAL A 140 28.67 0.15 -32.07
CA VAL A 140 28.56 -0.73 -30.91
C VAL A 140 27.47 -1.75 -31.19
N VAL A 141 27.73 -2.98 -30.78
CA VAL A 141 26.77 -4.07 -30.94
C VAL A 141 26.21 -4.38 -29.55
N VAL A 142 24.89 -4.54 -29.47
CA VAL A 142 24.17 -4.80 -28.22
C VAL A 142 23.70 -6.25 -28.28
N LEU A 143 24.46 -7.13 -27.64
CA LEU A 143 24.09 -8.53 -27.51
C LEU A 143 22.95 -8.62 -26.49
N ASP A 144 21.73 -8.86 -26.96
CA ASP A 144 20.54 -8.76 -26.13
C ASP A 144 19.94 -10.15 -25.93
N SER A 145 19.74 -10.53 -24.67
CA SER A 145 19.01 -11.73 -24.31
C SER A 145 18.13 -11.43 -23.12
N ALA A 146 17.00 -12.15 -23.05
CA ALA A 146 16.20 -12.18 -21.83
C ALA A 146 17.06 -12.53 -20.62
N HIS A 147 18.08 -13.35 -20.83
CA HIS A 147 18.92 -13.83 -19.72
C HIS A 147 20.38 -13.72 -20.14
N GLY A 148 21.01 -12.58 -19.85
CA GLY A 148 22.41 -12.40 -20.24
C GLY A 148 23.38 -13.27 -19.48
N HIS A 149 23.01 -13.73 -18.29
CA HIS A 149 23.91 -14.56 -17.48
C HIS A 149 23.73 -16.03 -17.89
N SER A 150 24.16 -16.32 -19.13
CA SER A 150 23.98 -17.65 -19.72
C SER A 150 25.18 -18.05 -20.56
N LYS A 151 25.38 -19.36 -20.67
CA LYS A 151 26.47 -19.88 -21.49
C LYS A 151 26.39 -19.35 -22.91
N GLY A 152 25.18 -19.29 -23.48
CA GLY A 152 25.04 -18.84 -24.86
C GLY A 152 25.53 -17.42 -25.06
N ILE A 153 25.16 -16.53 -24.15
CA ILE A 153 25.60 -15.14 -24.24
C ILE A 153 27.12 -15.06 -24.05
N ILE A 154 27.64 -15.75 -23.03
CA ILE A 154 29.07 -15.70 -22.75
C ILE A 154 29.87 -16.19 -23.94
N ASP A 155 29.46 -17.34 -24.51
CA ASP A 155 30.17 -17.88 -25.67
C ASP A 155 30.10 -16.91 -26.85
N THR A 156 28.97 -16.24 -27.03
CA THR A 156 28.85 -15.26 -28.11
C THR A 156 29.78 -14.07 -27.88
N VAL A 157 29.88 -13.60 -26.63
CA VAL A 157 30.80 -12.52 -26.32
C VAL A 157 32.22 -12.90 -26.73
N LYS A 158 32.63 -14.12 -26.36
CA LYS A 158 34.00 -14.53 -26.62
C LYS A 158 34.25 -14.67 -28.12
N ALA A 159 33.27 -15.18 -28.87
CA ALA A 159 33.45 -15.36 -30.31
C ALA A 159 33.50 -14.01 -31.03
N ILE A 160 32.74 -13.02 -30.56
CA ILE A 160 32.78 -11.71 -31.19
C ILE A 160 34.10 -11.01 -30.91
N LYS A 161 34.56 -11.06 -29.65
CA LYS A 161 35.85 -10.46 -29.32
C LYS A 161 37.00 -11.14 -30.05
N ALA A 162 36.90 -12.46 -30.25
CA ALA A 162 37.95 -13.18 -30.96
C ALA A 162 38.05 -12.70 -32.41
N LYS A 163 36.91 -12.40 -33.03
CA LYS A 163 36.88 -12.01 -34.42
C LYS A 163 37.05 -10.52 -34.61
N TYR A 164 36.53 -9.70 -33.69
CA TYR A 164 36.52 -8.24 -33.79
C TYR A 164 37.01 -7.65 -32.47
N PRO A 165 38.31 -7.73 -32.19
CA PRO A 165 38.78 -7.33 -30.85
C PRO A 165 38.49 -5.88 -30.50
N ASN A 166 38.33 -4.99 -31.48
CA ASN A 166 38.10 -3.58 -31.21
C ASN A 166 36.62 -3.19 -31.37
N LEU A 167 35.74 -4.16 -31.55
CA LEU A 167 34.31 -3.85 -31.62
C LEU A 167 33.75 -3.71 -30.20
N ASP A 168 33.23 -2.53 -29.88
CA ASP A 168 32.60 -2.34 -28.58
C ASP A 168 31.34 -3.19 -28.49
N LEU A 169 31.15 -3.81 -27.33
CA LEU A 169 30.12 -4.82 -27.16
C LEU A 169 29.41 -4.56 -25.84
N ILE A 170 28.13 -4.29 -25.91
CA ILE A 170 27.24 -4.27 -24.75
C ILE A 170 26.57 -5.63 -24.66
N ALA A 171 26.41 -6.16 -23.44
CA ALA A 171 25.72 -7.43 -23.23
C ALA A 171 24.76 -7.35 -22.05
N GLY A 172 23.61 -8.00 -22.20
CA GLY A 172 22.58 -8.03 -21.18
C GLY A 172 21.47 -8.95 -21.62
N ASN A 173 20.40 -8.99 -20.83
CA ASN A 173 20.27 -8.19 -19.62
C ASN A 173 20.60 -9.02 -18.39
N ILE A 174 21.03 -8.35 -17.32
CA ILE A 174 21.43 -8.99 -16.09
C ILE A 174 20.80 -8.24 -14.91
N ALA A 175 20.92 -8.83 -13.72
CA ALA A 175 20.40 -8.18 -12.52
C ALA A 175 21.16 -8.58 -11.26
N THR A 176 22.31 -9.25 -11.37
CA THR A 176 23.05 -9.68 -10.19
C THR A 176 24.53 -9.36 -10.35
N ALA A 177 25.22 -9.25 -9.22
CA ALA A 177 26.66 -9.03 -9.23
C ALA A 177 27.39 -10.19 -9.90
N ALA A 178 26.95 -11.43 -9.66
CA ALA A 178 27.60 -12.58 -10.29
C ALA A 178 27.48 -12.51 -11.81
N ALA A 179 26.34 -12.04 -12.33
CA ALA A 179 26.19 -11.93 -13.77
C ALA A 179 27.09 -10.84 -14.33
N ALA A 180 27.20 -9.71 -13.62
CA ALA A 180 28.11 -8.65 -14.05
C ALA A 180 29.54 -9.13 -14.07
N LYS A 181 29.95 -9.88 -13.04
CA LYS A 181 31.30 -10.41 -13.00
C LYS A 181 31.55 -11.33 -14.19
N ALA A 182 30.64 -12.26 -14.46
CA ALA A 182 30.86 -13.19 -15.57
C ALA A 182 30.95 -12.46 -16.91
N LEU A 183 30.10 -11.46 -17.15
CA LEU A 183 30.19 -10.76 -18.43
C LEU A 183 31.49 -9.96 -18.53
N CYS A 184 31.86 -9.28 -17.44
CA CYS A 184 33.07 -8.46 -17.48
C CYS A 184 34.30 -9.33 -17.67
N GLU A 185 34.30 -10.53 -17.06
CA GLU A 185 35.43 -11.41 -17.22
C GLU A 185 35.51 -11.95 -18.65
N ALA A 186 34.37 -12.05 -19.33
CA ALA A 186 34.39 -12.44 -20.74
C ALA A 186 34.84 -11.30 -21.65
N GLY A 187 34.98 -10.08 -21.13
CA GLY A 187 35.52 -8.98 -21.89
C GLY A 187 34.52 -8.02 -22.50
N VAL A 188 33.29 -7.95 -21.98
CA VAL A 188 32.32 -6.97 -22.51
C VAL A 188 32.77 -5.55 -22.21
N ASP A 189 32.25 -4.60 -22.98
CA ASP A 189 32.58 -3.19 -22.81
C ASP A 189 31.54 -2.43 -22.01
N ALA A 190 30.38 -3.03 -21.77
CA ALA A 190 29.38 -2.50 -20.87
C ALA A 190 28.39 -3.63 -20.60
N VAL A 191 27.73 -3.58 -19.44
CA VAL A 191 26.66 -4.52 -19.13
C VAL A 191 25.36 -3.75 -19.09
N LYS A 192 24.28 -4.38 -19.53
CA LYS A 192 22.95 -3.76 -19.49
C LYS A 192 22.11 -4.44 -18.42
N VAL A 193 21.60 -3.64 -17.48
CA VAL A 193 20.95 -4.14 -16.27
C VAL A 193 19.45 -3.94 -16.36
N GLY A 194 18.70 -5.02 -16.17
CA GLY A 194 17.25 -4.94 -16.04
C GLY A 194 16.58 -6.26 -16.36
N ILE A 195 16.08 -6.96 -15.34
CA ILE A 195 15.30 -8.19 -15.54
C ILE A 195 13.90 -7.91 -15.01
N GLY A 196 12.96 -7.63 -15.91
CA GLY A 196 11.58 -7.44 -15.55
C GLY A 196 10.98 -6.05 -15.36
N PRO A 197 11.77 -4.97 -15.27
CA PRO A 197 11.16 -3.68 -14.90
C PRO A 197 10.45 -2.95 -16.03
N GLY A 198 10.62 -3.38 -17.29
CA GLY A 198 10.08 -2.61 -18.40
C GLY A 198 8.56 -2.44 -18.30
N SER A 199 8.10 -1.30 -18.81
CA SER A 199 6.67 -0.96 -18.82
C SER A 199 5.82 -2.09 -19.43
N ILE A 200 6.26 -2.65 -20.57
CA ILE A 200 5.50 -3.66 -21.29
C ILE A 200 5.84 -5.09 -20.86
N CYS A 201 6.78 -5.26 -19.95
CA CYS A 201 7.39 -6.55 -19.66
C CYS A 201 6.59 -7.33 -18.61
N THR A 202 6.41 -8.63 -18.85
CA THR A 202 5.73 -9.49 -17.88
C THR A 202 6.64 -10.59 -17.35
N THR A 203 7.95 -10.52 -17.61
CA THR A 203 8.89 -11.54 -17.15
C THR A 203 8.70 -11.89 -15.69
N ARG A 204 8.59 -10.88 -14.82
CA ARG A 204 8.48 -11.19 -13.39
C ARG A 204 7.18 -11.91 -13.08
N ILE A 205 6.11 -11.60 -13.80
CA ILE A 205 4.83 -12.21 -13.51
C ILE A 205 4.74 -13.61 -14.11
N VAL A 206 5.26 -13.80 -15.31
CA VAL A 206 5.08 -15.09 -15.95
C VAL A 206 6.10 -16.11 -15.40
N SER A 207 7.29 -15.63 -15.02
CA SER A 207 8.36 -16.52 -14.57
C SER A 207 8.66 -16.43 -13.08
N GLY A 208 8.20 -15.39 -12.38
CA GLY A 208 8.56 -15.24 -10.99
C GLY A 208 9.97 -14.72 -10.74
N VAL A 209 10.68 -14.31 -11.79
CA VAL A 209 12.11 -13.98 -11.73
C VAL A 209 12.30 -12.48 -11.96
N GLY A 210 13.17 -11.86 -11.16
CA GLY A 210 13.60 -10.50 -11.40
C GLY A 210 14.15 -9.87 -10.14
N VAL A 211 14.75 -8.68 -10.32
CA VAL A 211 15.28 -7.90 -9.21
C VAL A 211 14.79 -6.46 -9.37
N PRO A 212 14.12 -5.87 -8.35
CA PRO A 212 13.77 -4.44 -8.42
C PRO A 212 14.95 -3.59 -8.84
N GLN A 213 14.65 -2.61 -9.70
CA GLN A 213 15.68 -2.08 -10.61
C GLN A 213 16.75 -1.27 -9.88
N ILE A 214 16.38 -0.53 -8.84
CA ILE A 214 17.37 0.29 -8.13
C ILE A 214 18.41 -0.61 -7.46
N SER A 215 17.96 -1.69 -6.81
CA SER A 215 18.91 -2.59 -6.17
C SER A 215 19.72 -3.36 -7.20
N ALA A 216 19.10 -3.73 -8.33
CA ALA A 216 19.83 -4.41 -9.38
C ALA A 216 20.96 -3.54 -9.93
N ILE A 217 20.67 -2.25 -10.16
CA ILE A 217 21.71 -1.33 -10.64
C ILE A 217 22.84 -1.24 -9.62
N ASP A 218 22.49 -0.98 -8.35
CA ASP A 218 23.49 -0.85 -7.29
C ASP A 218 24.41 -2.08 -7.22
N GLU A 219 23.80 -3.27 -7.17
CA GLU A 219 24.55 -4.51 -7.12
C GLU A 219 25.46 -4.66 -8.34
N CYS A 220 24.94 -4.37 -9.52
CA CYS A 220 25.77 -4.61 -10.71
C CYS A 220 26.84 -3.56 -10.89
N VAL A 221 26.55 -2.30 -10.53
CA VAL A 221 27.57 -1.25 -10.60
C VAL A 221 28.76 -1.59 -9.71
N GLU A 222 28.48 -2.04 -8.47
CA GLU A 222 29.58 -2.31 -7.55
C GLU A 222 30.51 -3.38 -8.10
N GLU A 223 29.96 -4.38 -8.80
CA GLU A 223 30.81 -5.39 -9.41
C GLU A 223 31.51 -4.87 -10.67
N ALA A 224 30.75 -4.23 -11.56
CA ALA A 224 31.29 -3.79 -12.86
C ALA A 224 32.38 -2.74 -12.70
N ASN A 225 32.24 -1.87 -11.68
CA ASN A 225 33.23 -0.86 -11.38
C ASN A 225 34.62 -1.46 -11.15
N LYS A 226 34.68 -2.67 -10.57
CA LYS A 226 35.96 -3.35 -10.40
C LYS A 226 36.65 -3.58 -11.73
N PHE A 227 35.88 -3.67 -12.81
CA PHE A 227 36.46 -3.90 -14.14
C PHE A 227 36.50 -2.64 -14.99
N GLY A 228 36.12 -1.49 -14.43
CA GLY A 228 36.02 -0.27 -15.21
C GLY A 228 34.98 -0.35 -16.30
N VAL A 229 33.89 -1.07 -16.07
CA VAL A 229 32.89 -1.35 -17.10
C VAL A 229 31.62 -0.56 -16.77
N PRO A 230 31.12 0.27 -17.70
CA PRO A 230 29.89 1.02 -17.43
C PRO A 230 28.66 0.13 -17.38
N VAL A 231 27.66 0.59 -16.62
CA VAL A 231 26.38 -0.10 -16.49
C VAL A 231 25.31 0.74 -17.19
N ILE A 232 24.54 0.10 -18.06
CA ILE A 232 23.37 0.72 -18.68
C ILE A 232 22.14 0.27 -17.90
N ALA A 233 21.43 1.24 -17.29
CA ALA A 233 20.20 0.95 -16.58
C ALA A 233 19.04 0.91 -17.58
N ASP A 234 18.46 -0.28 -17.79
CA ASP A 234 17.51 -0.50 -18.88
C ASP A 234 16.13 -0.89 -18.34
N GLY A 235 15.17 -0.01 -18.53
CA GLY A 235 13.77 -0.32 -18.30
C GLY A 235 13.25 0.21 -16.97
N GLY A 236 11.95 0.48 -16.92
CA GLY A 236 11.31 0.91 -15.68
C GLY A 236 11.36 2.41 -15.45
N ILE A 237 11.96 3.17 -16.36
CA ILE A 237 11.99 4.62 -16.24
C ILE A 237 10.61 5.17 -16.60
N LYS A 238 9.99 5.91 -15.69
CA LYS A 238 8.71 6.53 -15.98
C LYS A 238 8.74 8.05 -15.91
N TYR A 239 9.73 8.64 -15.24
CA TYR A 239 9.81 10.07 -15.01
C TYR A 239 11.27 10.48 -15.08
N SER A 240 11.50 11.77 -15.34
CA SER A 240 12.88 12.25 -15.39
C SER A 240 13.61 11.98 -14.07
N GLY A 241 12.91 12.06 -12.93
CA GLY A 241 13.56 11.76 -11.65
C GLY A 241 14.10 10.35 -11.54
N ASP A 242 13.47 9.39 -12.25
CA ASP A 242 13.99 8.03 -12.29
C ASP A 242 15.34 7.97 -12.99
N ILE A 243 15.50 8.72 -14.08
CA ILE A 243 16.81 8.83 -14.73
C ILE A 243 17.85 9.32 -13.73
N ALA A 244 17.50 10.37 -12.99
CA ALA A 244 18.43 10.92 -12.00
C ALA A 244 18.81 9.88 -10.96
N LYS A 245 17.82 9.14 -10.44
CA LYS A 245 18.10 8.13 -9.42
C LYS A 245 18.98 7.01 -9.98
N ALA A 246 18.67 6.52 -11.20
CA ALA A 246 19.47 5.46 -11.81
C ALA A 246 20.92 5.89 -11.97
N LEU A 247 21.16 7.11 -12.46
CA LEU A 247 22.53 7.59 -12.61
C LEU A 247 23.21 7.80 -11.27
N ALA A 248 22.49 8.41 -10.32
CA ALA A 248 23.10 8.70 -9.02
C ALA A 248 23.50 7.42 -8.31
N VAL A 249 22.72 6.35 -8.48
CA VAL A 249 23.09 5.11 -7.80
C VAL A 249 24.25 4.40 -8.50
N GLY A 250 24.65 4.88 -9.68
CA GLY A 250 25.92 4.43 -10.25
C GLY A 250 25.87 4.00 -11.70
N ALA A 251 24.69 3.92 -12.29
CA ALA A 251 24.62 3.66 -13.72
C ALA A 251 25.31 4.78 -14.48
N SER A 252 25.88 4.42 -15.62
CA SER A 252 26.50 5.40 -16.50
C SER A 252 25.53 5.94 -17.52
N SER A 253 24.48 5.18 -17.86
CA SER A 253 23.53 5.60 -18.88
C SER A 253 22.22 4.87 -18.65
N VAL A 254 21.17 5.36 -19.31
CA VAL A 254 19.82 4.83 -19.13
C VAL A 254 19.23 4.53 -20.50
N MET A 255 18.60 3.36 -20.62
CA MET A 255 17.89 2.97 -21.83
C MET A 255 16.39 3.11 -21.60
N ILE A 256 15.70 3.76 -22.54
CA ILE A 256 14.30 4.12 -22.36
C ILE A 256 13.48 3.63 -23.55
N GLY A 257 12.37 2.94 -23.26
CA GLY A 257 11.42 2.55 -24.28
C GLY A 257 10.12 3.36 -24.27
N SER A 258 9.30 3.19 -23.21
CA SER A 258 7.93 3.68 -23.29
C SER A 258 7.89 5.19 -23.48
N LEU A 259 8.79 5.93 -22.81
CA LEU A 259 8.80 7.38 -22.92
C LEU A 259 9.17 7.88 -24.31
N LEU A 260 9.72 7.03 -25.17
CA LEU A 260 10.05 7.45 -26.52
C LEU A 260 9.18 6.83 -27.59
N ALA A 261 8.33 5.87 -27.22
CA ALA A 261 7.54 5.14 -28.21
C ALA A 261 6.43 5.98 -28.85
N GLY A 262 5.98 7.04 -28.17
CA GLY A 262 4.92 7.86 -28.71
C GLY A 262 5.38 9.10 -29.44
N THR A 263 6.62 9.09 -29.93
CA THR A 263 7.20 10.26 -30.57
C THR A 263 7.05 10.18 -32.10
N ASP A 264 7.23 11.35 -32.73
CA ASP A 264 7.23 11.43 -34.18
C ASP A 264 8.20 10.42 -34.79
N GLU A 265 9.39 10.28 -34.21
CA GLU A 265 10.48 9.59 -34.86
C GLU A 265 10.42 8.08 -34.71
N SER A 266 9.63 7.58 -33.75
CA SER A 266 9.53 6.13 -33.57
C SER A 266 8.81 5.51 -34.77
N PRO A 267 9.05 4.23 -35.04
CA PRO A 267 8.35 3.57 -36.16
C PRO A 267 6.86 3.49 -35.88
N GLY A 268 6.10 3.29 -36.95
CA GLY A 268 4.65 3.23 -36.82
C GLY A 268 4.03 4.60 -36.86
N GLU A 269 2.81 4.69 -37.37
CA GLU A 269 2.17 5.99 -37.56
C GLU A 269 1.18 6.25 -36.43
N LEU A 270 0.71 7.49 -36.37
CA LEU A 270 -0.30 7.85 -35.40
C LEU A 270 -1.62 7.17 -35.73
N PHE A 271 -2.42 6.95 -34.70
CA PHE A 271 -3.81 6.57 -34.87
C PHE A 271 -4.62 7.23 -33.77
N THR A 272 -5.81 7.70 -34.14
CA THR A 272 -6.69 8.37 -33.19
C THR A 272 -7.64 7.33 -32.60
N TYR A 273 -7.81 7.39 -31.27
CA TYR A 273 -8.75 6.53 -30.55
C TYR A 273 -9.52 7.43 -29.59
N GLN A 274 -10.79 7.69 -29.91
CA GLN A 274 -11.68 8.50 -29.08
C GLN A 274 -11.11 9.90 -28.87
N GLY A 275 -10.84 10.58 -29.99
CA GLY A 275 -10.43 11.96 -29.96
C GLY A 275 -9.02 12.24 -29.46
N ARG A 276 -8.24 11.20 -29.18
CA ARG A 276 -6.85 11.36 -28.75
C ARG A 276 -5.93 10.56 -29.66
N GLN A 277 -4.69 11.03 -29.78
CA GLN A 277 -3.71 10.42 -30.68
C GLN A 277 -2.79 9.47 -29.91
N TYR A 278 -2.50 8.32 -30.51
CA TYR A 278 -1.68 7.30 -29.88
C TYR A 278 -0.71 6.69 -30.88
N LYS A 279 0.29 6.01 -30.33
CA LYS A 279 1.16 5.12 -31.10
C LYS A 279 1.21 3.78 -30.39
N SER A 280 1.43 2.72 -31.16
CA SER A 280 1.54 1.39 -30.59
C SER A 280 2.90 1.21 -29.91
N TYR A 281 2.90 0.45 -28.83
CA TYR A 281 4.12 0.11 -28.12
C TYR A 281 3.93 -1.30 -27.59
N ARG A 282 4.89 -2.17 -27.88
CA ARG A 282 4.75 -3.57 -27.53
C ARG A 282 6.10 -4.13 -27.10
N GLY A 283 6.06 -5.09 -26.19
CA GLY A 283 7.27 -5.80 -25.85
C GLY A 283 7.80 -6.61 -27.02
N MET A 284 9.12 -6.75 -27.06
CA MET A 284 9.73 -7.59 -28.09
C MET A 284 9.55 -9.07 -27.79
N GLY A 285 9.12 -9.41 -26.57
CA GLY A 285 8.66 -10.73 -26.22
C GLY A 285 7.15 -10.90 -26.21
N SER A 286 6.40 -9.96 -26.77
CA SER A 286 4.97 -10.13 -26.95
C SER A 286 4.70 -11.05 -28.14
N LEU A 287 3.46 -11.57 -28.20
CA LEU A 287 3.08 -12.45 -29.31
C LEU A 287 3.22 -11.74 -30.65
N GLY A 288 2.73 -10.50 -30.75
CA GLY A 288 2.76 -9.79 -32.02
C GLY A 288 4.17 -9.52 -32.51
N ALA A 289 5.09 -9.22 -31.60
CA ALA A 289 6.48 -8.99 -31.98
C ALA A 289 7.20 -10.28 -32.36
N MET A 290 6.84 -11.40 -31.72
CA MET A 290 7.49 -12.67 -32.03
C MET A 290 6.95 -13.29 -33.31
N GLN A 291 5.69 -13.04 -33.62
CA GLN A 291 5.06 -13.56 -34.83
C GLN A 291 5.53 -12.80 -36.07
N TYR A 298 16.94 -17.61 -28.80
CA TYR A 298 17.69 -18.70 -28.18
C TYR A 298 17.02 -19.16 -26.89
N PHE A 299 16.89 -18.24 -25.93
CA PHE A 299 16.37 -18.61 -24.62
C PHE A 299 14.88 -18.91 -24.67
N GLN A 300 14.11 -18.10 -25.40
CA GLN A 300 12.66 -18.28 -25.47
C GLN A 300 12.28 -19.50 -26.30
N LYS A 307 2.26 -23.39 -29.36
CA LYS A 307 2.06 -21.95 -29.26
C LYS A 307 3.08 -21.30 -28.32
N LEU A 308 3.48 -20.07 -28.65
CA LEU A 308 4.47 -19.35 -27.86
C LEU A 308 3.91 -18.93 -26.51
N VAL A 309 4.81 -18.84 -25.53
CA VAL A 309 4.48 -18.29 -24.21
C VAL A 309 5.17 -16.94 -24.08
N PRO A 310 4.44 -15.84 -24.21
CA PRO A 310 5.09 -14.52 -24.27
C PRO A 310 5.54 -14.01 -22.91
N GLU A 311 6.45 -13.03 -22.96
CA GLU A 311 6.94 -12.32 -21.78
C GLU A 311 6.70 -10.83 -21.87
N GLY A 312 5.81 -10.41 -22.77
CA GLY A 312 5.46 -9.01 -22.92
C GLY A 312 4.05 -8.89 -23.46
N ILE A 313 3.57 -7.65 -23.51
CA ILE A 313 2.23 -7.35 -24.00
C ILE A 313 2.33 -6.38 -25.17
N GLU A 314 1.22 -6.25 -25.88
CA GLU A 314 1.06 -5.28 -26.96
C GLU A 314 0.09 -4.20 -26.50
N GLY A 315 0.51 -2.94 -26.62
CA GLY A 315 -0.35 -1.85 -26.18
C GLY A 315 -0.15 -0.56 -26.92
N ARG A 316 -0.56 0.55 -26.31
CA ARG A 316 -0.41 1.87 -26.93
C ARG A 316 0.07 2.86 -25.88
N VAL A 317 0.76 3.90 -26.35
CA VAL A 317 1.16 5.04 -25.51
C VAL A 317 0.61 6.31 -26.15
N PRO A 318 0.35 7.36 -25.37
CA PRO A 318 -0.02 8.65 -25.98
C PRO A 318 1.06 9.16 -26.92
N TYR A 319 0.64 9.97 -27.89
CA TYR A 319 1.57 10.67 -28.75
C TYR A 319 2.07 11.93 -28.05
N VAL A 320 3.39 12.07 -27.93
CA VAL A 320 4.01 13.10 -27.11
C VAL A 320 4.77 14.11 -27.94
N GLY A 321 4.69 14.03 -29.28
CA GLY A 321 5.42 14.96 -30.12
C GLY A 321 6.81 14.49 -30.47
N SER A 322 7.76 15.41 -30.59
CA SER A 322 9.10 15.09 -31.04
C SER A 322 9.92 14.44 -29.94
N ILE A 323 10.86 13.58 -30.35
CA ILE A 323 11.87 13.07 -29.43
C ILE A 323 12.58 14.22 -28.74
N ARG A 324 12.93 15.25 -29.50
CA ARG A 324 13.68 16.37 -28.93
C ARG A 324 12.95 17.01 -27.76
N SER A 325 11.64 17.19 -27.89
CA SER A 325 10.87 17.78 -26.79
C SER A 325 10.89 16.88 -25.56
N VAL A 326 10.71 15.58 -25.77
CA VAL A 326 10.73 14.64 -24.66
C VAL A 326 12.10 14.62 -23.98
N VAL A 327 13.16 14.53 -24.79
CA VAL A 327 14.51 14.49 -24.25
C VAL A 327 14.81 15.78 -23.48
N HIS A 328 14.36 16.92 -24.00
CA HIS A 328 14.62 18.19 -23.32
C HIS A 328 14.07 18.17 -21.91
N GLN A 329 12.86 17.61 -21.72
CA GLN A 329 12.27 17.56 -20.39
C GLN A 329 13.00 16.56 -19.50
N LEU A 330 13.32 15.38 -20.05
CA LEU A 330 14.08 14.38 -19.32
C LEU A 330 15.41 14.94 -18.83
N LEU A 331 16.15 15.58 -19.71
CA LEU A 331 17.46 16.10 -19.33
C LEU A 331 17.35 17.27 -18.37
N GLY A 332 16.29 18.08 -18.48
CA GLY A 332 16.10 19.17 -17.54
C GLY A 332 15.81 18.65 -16.14
N GLY A 333 15.12 17.53 -16.03
CA GLY A 333 14.93 16.92 -14.72
C GLY A 333 16.24 16.41 -14.14
N LEU A 334 17.09 15.80 -14.98
CA LEU A 334 18.40 15.37 -14.51
C LEU A 334 19.25 16.56 -14.07
N ARG A 335 19.26 17.65 -14.85
CA ARG A 335 20.03 18.82 -14.46
C ARG A 335 19.53 19.41 -13.16
N SER A 336 18.21 19.52 -13.00
CA SER A 336 17.65 20.01 -11.75
C SER A 336 18.09 19.13 -10.59
N SER A 337 18.11 17.81 -10.80
CA SER A 337 18.52 16.88 -9.75
C SER A 337 19.96 17.14 -9.33
N MET A 338 20.86 17.29 -10.31
CA MET A 338 22.27 17.49 -10.01
C MET A 338 22.50 18.84 -9.32
N GLY A 339 21.74 19.86 -9.71
CA GLY A 339 21.81 21.13 -8.99
C GLY A 339 21.36 21.00 -7.55
N TYR A 340 20.30 20.22 -7.30
CA TYR A 340 19.83 19.99 -5.93
C TYR A 340 20.88 19.30 -5.09
N VAL A 341 21.69 18.46 -5.72
CA VAL A 341 22.69 17.68 -5.00
C VAL A 341 24.00 18.44 -4.91
N GLY A 342 24.18 19.46 -5.74
CA GLY A 342 25.43 20.20 -5.80
C GLY A 342 26.46 19.63 -6.74
N ALA A 343 26.07 18.76 -7.67
CA ALA A 343 27.02 18.03 -8.51
C ALA A 343 27.36 18.79 -9.78
N LYS A 344 28.65 18.96 -10.04
CA LYS A 344 29.08 19.60 -11.28
C LYS A 344 29.02 18.66 -12.49
N ASP A 345 29.06 17.34 -12.29
CA ASP A 345 28.99 16.40 -13.41
C ASP A 345 28.53 15.05 -12.87
N ILE A 346 28.49 14.06 -13.77
CA ILE A 346 27.86 12.77 -13.44
C ILE A 346 28.67 12.05 -12.36
N GLU A 347 29.99 11.98 -12.56
CA GLU A 347 30.84 11.33 -11.57
C GLU A 347 30.71 11.98 -10.20
N ASP A 348 30.65 13.32 -10.17
CA ASP A 348 30.47 14.04 -8.91
C ASP A 348 29.09 13.77 -8.31
N PHE A 349 28.07 13.72 -9.17
CA PHE A 349 26.72 13.34 -8.76
C PHE A 349 26.72 11.99 -8.04
N GLN A 350 27.44 11.01 -8.60
CA GLN A 350 27.50 9.69 -8.00
C GLN A 350 28.29 9.69 -6.70
N LYS A 351 29.32 10.54 -6.58
CA LYS A 351 30.08 10.62 -5.33
C LYS A 351 29.26 11.29 -4.23
N ARG A 352 28.46 12.29 -4.59
CA ARG A 352 27.72 13.04 -3.58
C ARG A 352 26.42 12.35 -3.16
N ALA A 353 25.86 11.51 -4.03
CA ALA A 353 24.49 11.02 -3.90
C ALA A 353 24.24 10.37 -2.53
N GLU A 354 23.17 10.81 -1.86
CA GLU A 354 22.70 10.16 -0.65
C GLU A 354 21.20 10.00 -0.74
N PHE A 355 20.72 8.78 -0.47
CA PHE A 355 19.32 8.43 -0.63
C PHE A 355 18.64 8.32 0.73
N VAL A 356 17.32 8.51 0.73
CA VAL A 356 16.47 8.07 1.83
C VAL A 356 15.48 7.06 1.25
N GLU A 357 15.17 6.05 2.05
CA GLU A 357 14.06 5.16 1.73
C GLU A 357 12.77 5.79 2.26
N ILE A 358 11.71 5.72 1.47
CA ILE A 358 10.44 6.35 1.81
C ILE A 358 9.37 5.26 1.86
N THR A 359 8.20 5.64 2.37
CA THR A 359 7.03 4.78 2.43
C THR A 359 6.07 5.14 1.30
N THR A 360 5.02 4.32 1.15
CA THR A 360 4.00 4.64 0.17
C THR A 360 3.31 5.97 0.49
N ALA A 361 3.12 6.27 1.77
CA ALA A 361 2.64 7.60 2.16
C ALA A 361 3.59 8.68 1.65
N GLY A 362 4.90 8.49 1.82
CA GLY A 362 5.84 9.46 1.29
C GLY A 362 5.81 9.54 -0.23
N LEU A 363 5.55 8.41 -0.89
CA LEU A 363 5.37 8.42 -2.35
C LEU A 363 4.13 9.21 -2.73
N LYS A 364 3.02 8.99 -2.01
CA LYS A 364 1.81 9.78 -2.26
C LYS A 364 2.10 11.26 -2.09
N GLU A 365 2.84 11.61 -1.05
CA GLU A 365 3.18 13.01 -0.79
C GLU A 365 4.03 13.58 -1.93
N SER A 366 4.85 12.75 -2.56
CA SER A 366 5.77 13.25 -3.58
C SER A 366 5.03 13.60 -4.87
N HIS A 367 4.09 12.76 -5.28
CA HIS A 367 3.26 13.05 -6.44
C HIS A 367 2.35 14.24 -6.16
N VAL A 368 1.61 14.65 -7.19
CA VAL A 368 0.56 15.65 -7.00
C VAL A 368 -0.58 15.02 -6.21
N HIS A 369 -1.05 15.73 -5.19
CA HIS A 369 -2.10 15.22 -4.32
C HIS A 369 -3.03 16.34 -3.89
N ASP A 370 -4.30 15.99 -3.66
CA ASP A 370 -5.31 16.89 -3.10
C ASP A 370 -5.58 18.10 -3.99
N VAL A 371 -5.25 17.99 -5.27
CA VAL A 371 -5.53 18.99 -6.29
C VAL A 371 -5.87 18.24 -7.57
N THR A 372 -6.92 18.66 -8.26
CA THR A 372 -7.24 18.10 -9.57
C THR A 372 -6.52 18.91 -10.64
N ILE A 373 -5.68 18.23 -11.41
CA ILE A 373 -4.88 18.90 -12.44
C ILE A 373 -5.79 19.29 -13.61
N THR A 374 -5.65 20.53 -14.08
CA THR A 374 -6.44 21.05 -15.19
C THR A 374 -5.63 21.38 -16.43
N HIS A 375 -4.33 21.60 -16.31
CA HIS A 375 -3.44 21.80 -17.44
C HIS A 375 -2.33 20.77 -17.37
N GLU A 376 -1.99 20.19 -18.52
CA GLU A 376 -1.02 19.10 -18.55
C GLU A 376 0.40 19.67 -18.53
N ALA A 377 1.20 19.20 -17.58
CA ALA A 377 2.59 19.60 -17.52
C ALA A 377 3.40 18.83 -18.58
N PRO A 378 4.39 19.48 -19.20
CA PRO A 378 5.18 18.77 -20.24
C PRO A 378 6.03 17.64 -19.69
N ASN A 379 6.18 17.52 -18.36
CA ASN A 379 7.08 16.53 -17.77
C ASN A 379 6.40 15.75 -16.64
N TYR A 380 5.07 15.80 -16.55
CA TYR A 380 4.36 15.11 -15.48
C TYR A 380 2.98 14.67 -15.96
N LYS A 381 2.67 13.39 -15.72
CA LYS A 381 1.39 12.78 -16.05
C LYS A 381 1.08 11.77 -14.96
N VAL A 382 -0.21 11.66 -14.60
CA VAL A 382 -0.62 10.74 -13.54
C VAL A 382 -0.98 9.37 -14.12
N ALA B 3 2.20 -9.24 26.35
CA ALA B 3 2.26 -8.81 24.95
C ALA B 3 1.83 -9.92 23.99
N MET B 4 1.33 -9.52 22.83
CA MET B 4 0.86 -10.49 21.85
C MET B 4 2.03 -11.26 21.24
N LYS B 5 1.80 -12.53 20.96
CA LYS B 5 2.84 -13.38 20.36
C LYS B 5 2.67 -13.31 18.86
N ILE B 6 3.49 -12.49 18.22
CA ILE B 6 3.73 -12.54 16.78
C ILE B 6 4.97 -13.38 16.57
N VAL B 7 4.82 -14.53 15.90
CA VAL B 7 5.93 -15.47 15.77
C VAL B 7 6.77 -15.23 14.51
N LYS B 8 6.20 -14.58 13.51
CA LYS B 8 6.95 -14.26 12.30
C LYS B 8 6.21 -13.17 11.52
N ARG B 9 6.93 -12.58 10.57
CA ARG B 9 6.35 -11.72 9.54
C ARG B 9 6.24 -12.56 8.27
N ALA B 10 5.02 -12.91 7.89
CA ALA B 10 4.81 -13.92 6.86
C ALA B 10 4.60 -13.29 5.48
N LEU B 11 5.19 -13.93 4.47
CA LEU B 11 5.20 -13.45 3.10
C LEU B 11 4.34 -14.33 2.21
N THR B 12 3.80 -13.76 1.14
CA THR B 12 3.20 -14.61 0.13
C THR B 12 3.82 -14.29 -1.25
N PHE B 13 3.21 -14.86 -2.31
CA PHE B 13 3.82 -14.87 -3.64
C PHE B 13 4.27 -13.46 -4.07
N GLU B 14 3.36 -12.48 -4.00
N GLU B 14 3.37 -12.49 -3.96
CA GLU B 14 3.65 -11.13 -4.49
CA GLU B 14 3.62 -11.15 -4.47
C GLU B 14 4.77 -10.44 -3.72
C GLU B 14 4.70 -10.42 -3.68
N ASP B 15 5.15 -10.97 -2.54
CA ASP B 15 6.18 -10.33 -1.73
C ASP B 15 7.60 -10.65 -2.19
N VAL B 16 7.79 -11.64 -3.08
CA VAL B 16 9.12 -12.16 -3.38
C VAL B 16 9.30 -12.38 -4.87
N LEU B 17 10.56 -12.34 -5.31
CA LEU B 17 10.96 -12.72 -6.66
C LEU B 17 12.17 -13.64 -6.58
N LEU B 18 12.28 -14.51 -7.58
CA LEU B 18 13.48 -15.33 -7.74
C LEU B 18 14.59 -14.54 -8.39
N ARG B 19 15.81 -14.69 -7.88
CA ARG B 19 16.96 -14.08 -8.55
C ARG B 19 17.34 -14.92 -9.77
N PRO B 20 17.76 -14.28 -10.87
CA PRO B 20 18.34 -15.06 -11.97
C PRO B 20 19.69 -15.63 -11.55
N GLY B 21 20.03 -16.79 -12.12
CA GLY B 21 21.32 -17.41 -11.87
C GLY B 21 21.98 -17.81 -13.19
N TYR B 22 23.26 -18.18 -13.10
CA TYR B 22 23.99 -18.62 -14.30
C TYR B 22 23.35 -19.87 -14.87
N SER B 23 23.12 -19.89 -16.18
CA SER B 23 22.29 -20.92 -16.80
C SER B 23 22.97 -21.51 -18.02
N GLU B 24 23.01 -22.84 -18.08
CA GLU B 24 23.45 -23.54 -19.27
C GLU B 24 22.34 -24.40 -19.87
N VAL B 25 21.10 -24.18 -19.46
CA VAL B 25 19.95 -24.97 -19.87
C VAL B 25 18.92 -24.06 -20.51
N LEU B 26 18.26 -24.55 -21.52
CA LEU B 26 17.16 -23.85 -22.15
C LEU B 26 15.84 -24.28 -21.54
N PRO B 27 14.87 -23.35 -21.44
CA PRO B 27 13.55 -23.73 -20.90
C PRO B 27 12.96 -24.98 -21.55
N LYS B 28 13.19 -25.19 -22.84
CA LYS B 28 12.55 -26.30 -23.52
C LYS B 28 13.16 -27.65 -23.15
N GLU B 29 14.35 -27.67 -22.54
CA GLU B 29 14.99 -28.93 -22.16
C GLU B 29 15.00 -29.21 -20.66
N VAL B 30 14.46 -28.34 -19.81
CA VAL B 30 14.40 -28.69 -18.39
C VAL B 30 13.34 -29.79 -18.20
N LYS B 31 13.51 -30.56 -17.13
CA LYS B 31 12.59 -31.64 -16.78
C LYS B 31 11.70 -31.17 -15.63
N ILE B 32 10.40 -31.45 -15.72
CA ILE B 32 9.44 -30.95 -14.74
C ILE B 32 8.65 -32.08 -14.08
N HIS B 33 9.15 -33.33 -14.16
N HIS B 33 9.13 -33.33 -14.18
CA HIS B 33 8.60 -34.41 -13.35
CA HIS B 33 8.60 -34.41 -13.35
C HIS B 33 8.78 -34.11 -11.86
C HIS B 33 8.73 -34.04 -11.88
N THR B 34 7.87 -34.63 -11.05
CA THR B 34 7.91 -34.39 -9.61
C THR B 34 7.16 -35.51 -8.91
N LYS B 35 7.12 -35.44 -7.58
CA LYS B 35 6.40 -36.41 -6.77
C LYS B 35 5.08 -35.82 -6.31
N LEU B 36 4.00 -36.57 -6.50
CA LEU B 36 2.73 -36.23 -5.87
C LEU B 36 2.69 -36.71 -4.42
N THR B 37 3.05 -37.98 -4.21
CA THR B 37 3.15 -38.61 -2.89
C THR B 37 4.50 -39.29 -2.81
N LYS B 38 4.73 -39.98 -1.69
CA LYS B 38 5.93 -40.80 -1.57
C LYS B 38 6.02 -41.82 -2.70
N ASN B 39 4.88 -42.31 -3.20
CA ASN B 39 4.85 -43.43 -4.14
C ASN B 39 4.27 -43.10 -5.51
N ILE B 40 3.87 -41.86 -5.77
CA ILE B 40 3.23 -41.52 -7.04
C ILE B 40 3.97 -40.35 -7.65
N THR B 41 4.45 -40.53 -8.87
CA THR B 41 5.11 -39.45 -9.59
C THR B 41 4.12 -38.72 -10.50
N LEU B 42 4.46 -37.48 -10.82
CA LEU B 42 3.77 -36.71 -11.84
C LEU B 42 4.76 -36.38 -12.95
N ASN B 43 4.26 -36.21 -14.16
CA ASN B 43 5.15 -35.78 -15.24
C ASN B 43 5.16 -34.27 -15.40
N MET B 44 4.21 -33.57 -14.77
CA MET B 44 4.26 -32.12 -14.62
C MET B 44 3.58 -31.80 -13.30
N PRO B 45 3.92 -30.67 -12.65
CA PRO B 45 3.57 -30.53 -11.23
C PRO B 45 2.19 -29.93 -10.92
N LEU B 46 1.22 -30.01 -11.82
CA LEU B 46 -0.08 -29.34 -11.59
C LEU B 46 -1.20 -30.35 -11.26
N ILE B 47 -2.01 -30.00 -10.26
CA ILE B 47 -3.21 -30.73 -9.86
C ILE B 47 -4.41 -29.79 -9.93
N SER B 48 -5.50 -30.27 -10.53
CA SER B 48 -6.74 -29.49 -10.55
C SER B 48 -7.51 -29.72 -9.24
N ALA B 49 -8.07 -28.63 -8.70
CA ALA B 49 -8.66 -28.64 -7.36
C ALA B 49 -9.91 -29.50 -7.26
N ALA B 50 -10.15 -30.02 -6.04
CA ALA B 50 -11.32 -30.86 -5.75
C ALA B 50 -12.54 -29.98 -5.48
N MET B 51 -13.00 -29.31 -6.54
CA MET B 51 -14.11 -28.38 -6.45
C MET B 51 -15.16 -28.72 -7.50
N ASP B 52 -16.42 -28.49 -7.16
CA ASP B 52 -17.49 -28.90 -8.07
C ASP B 52 -17.67 -27.94 -9.24
N THR B 53 -16.84 -26.90 -9.34
CA THR B 53 -16.75 -26.10 -10.56
C THR B 53 -15.41 -26.28 -11.26
N VAL B 54 -14.57 -27.21 -10.78
CA VAL B 54 -13.28 -27.43 -11.41
C VAL B 54 -13.14 -28.85 -11.97
N THR B 55 -13.23 -29.86 -11.10
CA THR B 55 -12.80 -31.21 -11.47
C THR B 55 -13.92 -32.24 -11.31
N GLU B 56 -14.40 -32.74 -12.45
CA GLU B 56 -15.00 -34.07 -12.53
C GLU B 56 -14.23 -34.84 -13.61
N HIS B 57 -14.82 -35.90 -14.18
CA HIS B 57 -14.00 -36.84 -14.94
C HIS B 57 -13.30 -36.18 -16.13
N ARG B 58 -13.99 -35.27 -16.84
CA ARG B 58 -13.39 -34.73 -18.06
C ARG B 58 -12.14 -33.91 -17.74
N ALA B 59 -12.19 -33.09 -16.69
CA ALA B 59 -11.01 -32.31 -16.31
C ALA B 59 -9.92 -33.22 -15.76
N ALA B 60 -10.29 -34.21 -14.94
CA ALA B 60 -9.31 -35.15 -14.41
C ALA B 60 -8.64 -35.94 -15.52
N ILE B 61 -9.41 -36.31 -16.55
CA ILE B 61 -8.82 -37.03 -17.69
C ILE B 61 -7.77 -36.16 -18.37
N MET B 62 -8.11 -34.91 -18.66
CA MET B 62 -7.16 -34.05 -19.36
C MET B 62 -5.96 -33.71 -18.50
N MET B 63 -6.17 -33.53 -17.19
CA MET B 63 -5.03 -33.26 -16.31
C MET B 63 -4.06 -34.45 -16.28
N ALA B 64 -4.58 -35.67 -16.21
CA ALA B 64 -3.72 -36.84 -16.24
C ALA B 64 -3.06 -37.02 -17.62
N ARG B 65 -3.78 -36.73 -18.70
CA ARG B 65 -3.19 -36.88 -20.04
C ARG B 65 -2.01 -35.94 -20.23
N LEU B 66 -2.08 -34.75 -19.66
CA LEU B 66 -1.00 -33.78 -19.75
C LEU B 66 0.10 -34.03 -18.73
N GLY B 67 -0.01 -35.08 -17.91
CA GLY B 67 1.01 -35.45 -16.96
C GLY B 67 0.73 -35.12 -15.51
N GLY B 68 -0.34 -34.39 -15.22
CA GLY B 68 -0.67 -34.00 -13.85
C GLY B 68 -1.71 -34.91 -13.24
N LEU B 69 -2.61 -34.30 -12.47
CA LEU B 69 -3.66 -35.05 -11.79
C LEU B 69 -4.89 -34.18 -11.60
N GLY B 70 -6.05 -34.81 -11.69
CA GLY B 70 -7.29 -34.24 -11.20
C GLY B 70 -7.75 -34.98 -9.94
N VAL B 71 -8.36 -34.23 -9.02
CA VAL B 71 -8.99 -34.80 -7.83
C VAL B 71 -10.50 -34.58 -7.96
N ILE B 72 -11.24 -35.67 -8.16
CA ILE B 72 -12.69 -35.58 -8.17
C ILE B 72 -13.18 -35.03 -6.84
N HIS B 73 -14.07 -34.03 -6.90
CA HIS B 73 -14.59 -33.42 -5.68
C HIS B 73 -15.57 -34.38 -5.00
N LYS B 74 -15.88 -34.10 -3.72
CA LYS B 74 -16.72 -34.99 -2.93
C LYS B 74 -18.14 -34.47 -2.75
N ASN B 75 -18.51 -33.38 -3.45
CA ASN B 75 -19.84 -32.82 -3.33
C ASN B 75 -20.82 -33.59 -4.24
N MET B 76 -20.85 -34.89 -4.02
CA MET B 76 -21.74 -35.81 -4.72
C MET B 76 -21.84 -37.08 -3.88
N ASP B 77 -22.88 -37.86 -4.13
CA ASP B 77 -23.02 -39.10 -3.39
C ASP B 77 -21.95 -40.10 -3.84
N ILE B 78 -21.80 -41.18 -3.05
CA ILE B 78 -20.68 -42.09 -3.25
C ILE B 78 -20.76 -42.77 -4.62
N ALA B 79 -21.97 -43.17 -5.03
CA ALA B 79 -22.19 -43.77 -6.34
C ALA B 79 -21.64 -42.90 -7.46
N SER B 80 -21.94 -41.60 -7.43
CA SER B 80 -21.52 -40.70 -8.51
C SER B 80 -20.01 -40.49 -8.52
N GLN B 81 -19.40 -40.37 -7.34
CA GLN B 81 -17.95 -40.21 -7.31
C GLN B 81 -17.25 -41.46 -7.81
N VAL B 82 -17.79 -42.64 -7.46
CA VAL B 82 -17.28 -43.89 -8.01
C VAL B 82 -17.34 -43.85 -9.54
N ARG B 83 -18.50 -43.47 -10.08
CA ARG B 83 -18.68 -43.39 -11.52
C ARG B 83 -17.70 -42.39 -12.14
N GLU B 84 -17.44 -41.28 -11.45
CA GLU B 84 -16.47 -40.32 -11.97
C GLU B 84 -15.07 -40.90 -11.97
N VAL B 85 -14.68 -41.62 -10.92
CA VAL B 85 -13.36 -42.24 -10.89
C VAL B 85 -13.23 -43.28 -11.98
N LYS B 86 -14.26 -44.10 -12.17
CA LYS B 86 -14.22 -45.15 -13.19
C LYS B 86 -14.11 -44.56 -14.59
N ARG B 87 -14.79 -43.44 -14.84
CA ARG B 87 -14.71 -42.79 -16.14
C ARG B 87 -13.28 -42.36 -16.45
N VAL B 88 -12.53 -41.93 -15.44
CA VAL B 88 -11.13 -41.61 -15.67
C VAL B 88 -10.32 -42.88 -15.85
N LYS B 89 -10.54 -43.87 -14.98
CA LYS B 89 -9.73 -45.09 -15.03
C LYS B 89 -9.91 -45.81 -16.36
N LYS B 90 -11.12 -45.82 -16.91
CA LYS B 90 -11.42 -46.54 -18.14
C LYS B 90 -11.27 -45.67 -19.38
N SER B 91 -10.75 -44.46 -19.23
CA SER B 91 -10.54 -43.59 -20.39
C SER B 91 -9.59 -44.22 -21.40
N GLU B 92 -8.50 -44.80 -20.92
CA GLU B 92 -7.57 -45.56 -21.75
C GLU B 92 -6.64 -46.45 -20.92
N LYS B 101 -3.81 -41.78 -29.44
CA LYS B 101 -3.79 -40.86 -28.30
C LYS B 101 -2.43 -40.84 -27.62
N ARG B 102 -1.66 -41.92 -27.75
CA ARG B 102 -0.41 -42.01 -27.02
C ARG B 102 0.65 -41.07 -27.61
N LYS B 103 0.65 -40.90 -28.93
CA LYS B 103 1.51 -39.89 -29.53
C LYS B 103 0.94 -38.49 -29.39
N GLU B 104 -0.37 -38.38 -29.12
CA GLU B 104 -1.01 -37.09 -28.90
C GLU B 104 -0.80 -36.58 -27.48
N TYR B 105 -0.69 -37.49 -26.52
CA TYR B 105 -0.48 -37.15 -25.10
C TYR B 105 0.67 -38.00 -24.57
N PRO B 106 1.91 -37.69 -24.96
CA PRO B 106 3.03 -38.57 -24.60
C PRO B 106 3.50 -38.46 -23.17
N ASP B 107 3.05 -37.46 -22.43
CA ASP B 107 3.41 -37.31 -21.02
C ASP B 107 2.32 -37.78 -20.09
N ALA B 108 1.40 -38.62 -20.58
CA ALA B 108 0.25 -39.00 -19.77
C ALA B 108 0.70 -39.68 -18.48
N ASN B 109 0.00 -39.37 -17.39
CA ASN B 109 0.33 -39.85 -16.06
C ASN B 109 -0.50 -41.10 -15.81
N LYS B 110 0.14 -42.27 -15.89
CA LYS B 110 -0.57 -43.54 -15.88
C LYS B 110 -0.09 -44.43 -14.74
N ASP B 111 -0.98 -45.31 -14.28
CA ASP B 111 -0.65 -46.30 -13.28
C ASP B 111 0.07 -47.50 -13.92
N ASN B 112 0.24 -48.57 -13.14
CA ASN B 112 1.02 -49.72 -13.59
C ASN B 112 0.38 -50.44 -14.76
N PHE B 113 -0.92 -50.30 -14.94
CA PHE B 113 -1.64 -50.97 -16.01
C PHE B 113 -1.88 -50.07 -17.21
N GLY B 114 -1.23 -48.90 -17.26
CA GLY B 114 -1.45 -47.98 -18.36
C GLY B 114 -2.73 -47.18 -18.29
N ARG B 115 -3.37 -47.10 -17.12
CA ARG B 115 -4.59 -46.33 -16.95
C ARG B 115 -4.25 -44.96 -16.37
N LEU B 116 -4.99 -43.94 -16.80
CA LEU B 116 -4.76 -42.59 -16.28
C LEU B 116 -4.95 -42.57 -14.76
N ARG B 117 -4.01 -41.93 -14.06
CA ARG B 117 -4.14 -41.73 -12.62
C ARG B 117 -5.24 -40.73 -12.31
N VAL B 118 -5.89 -40.92 -11.15
CA VAL B 118 -6.91 -39.98 -10.68
C VAL B 118 -6.91 -39.97 -9.17
N GLY B 119 -7.23 -38.81 -8.59
CA GLY B 119 -7.47 -38.70 -7.15
C GLY B 119 -8.93 -38.45 -6.83
N ALA B 120 -9.36 -38.71 -5.60
CA ALA B 120 -10.71 -38.36 -5.18
C ALA B 120 -10.70 -37.82 -3.75
N ALA B 121 -11.52 -36.80 -3.51
CA ALA B 121 -11.60 -36.21 -2.17
C ALA B 121 -12.55 -36.99 -1.28
N ILE B 122 -12.22 -37.00 0.01
CA ILE B 122 -13.07 -37.56 1.06
C ILE B 122 -12.97 -36.60 2.26
N GLY B 123 -13.93 -36.74 3.17
CA GLY B 123 -13.93 -36.00 4.41
C GLY B 123 -13.72 -36.90 5.61
N VAL B 124 -13.70 -36.26 6.78
CA VAL B 124 -13.51 -36.98 8.04
C VAL B 124 -14.57 -38.04 8.19
N GLY B 125 -14.13 -39.25 8.57
CA GLY B 125 -15.07 -40.30 8.92
C GLY B 125 -15.74 -41.03 7.77
N GLN B 126 -15.46 -40.68 6.52
CA GLN B 126 -16.21 -41.24 5.39
C GLN B 126 -15.61 -42.57 4.93
N MET B 127 -15.59 -43.56 5.82
CA MET B 127 -14.92 -44.81 5.46
C MET B 127 -15.68 -45.57 4.38
N ASP B 128 -17.02 -45.49 4.37
CA ASP B 128 -17.79 -46.08 3.29
C ASP B 128 -17.36 -45.52 1.93
N ARG B 129 -17.20 -44.19 1.86
CA ARG B 129 -16.75 -43.58 0.62
C ARG B 129 -15.36 -44.08 0.23
N VAL B 130 -14.45 -44.18 1.20
CA VAL B 130 -13.11 -44.69 0.90
C VAL B 130 -13.17 -46.09 0.33
N ASP B 131 -13.95 -46.98 0.97
CA ASP B 131 -14.08 -48.36 0.49
C ASP B 131 -14.45 -48.40 -0.99
N ALA B 132 -15.48 -47.64 -1.34
CA ALA B 132 -16.00 -47.68 -2.71
C ALA B 132 -15.01 -47.08 -3.70
N LEU B 133 -14.34 -45.98 -3.30
CA LEU B 133 -13.31 -45.41 -4.17
C LEU B 133 -12.14 -46.38 -4.36
N VAL B 134 -11.74 -47.07 -3.29
CA VAL B 134 -10.68 -48.08 -3.41
C VAL B 134 -11.10 -49.17 -4.39
N GLU B 135 -12.33 -49.68 -4.25
CA GLU B 135 -12.82 -50.71 -5.16
C GLU B 135 -12.86 -50.19 -6.61
N ALA B 136 -13.04 -48.89 -6.79
CA ALA B 136 -13.07 -48.33 -8.14
C ALA B 136 -11.67 -48.09 -8.70
N GLY B 137 -10.62 -48.40 -7.96
CA GLY B 137 -9.27 -48.23 -8.46
C GLY B 137 -8.70 -46.84 -8.36
N VAL B 138 -9.19 -46.01 -7.43
CA VAL B 138 -8.63 -44.68 -7.25
C VAL B 138 -7.15 -44.82 -6.90
N ASP B 139 -6.33 -43.90 -7.41
CA ASP B 139 -4.89 -43.99 -7.19
C ASP B 139 -4.47 -43.35 -5.88
N VAL B 140 -5.20 -42.34 -5.42
CA VAL B 140 -4.84 -41.58 -4.24
C VAL B 140 -6.12 -40.95 -3.69
N VAL B 141 -6.25 -41.01 -2.36
CA VAL B 141 -7.37 -40.39 -1.68
C VAL B 141 -6.89 -39.08 -1.07
N VAL B 142 -7.70 -38.02 -1.22
CA VAL B 142 -7.34 -36.70 -0.74
C VAL B 142 -8.27 -36.40 0.43
N LEU B 143 -7.76 -36.59 1.65
CA LEU B 143 -8.51 -36.30 2.86
C LEU B 143 -8.52 -34.79 3.05
N ASP B 144 -9.67 -34.17 2.81
CA ASP B 144 -9.79 -32.71 2.75
C ASP B 144 -10.62 -32.21 3.93
N SER B 145 -10.06 -31.24 4.65
CA SER B 145 -10.75 -30.55 5.72
C SER B 145 -10.30 -29.10 5.70
N ALA B 146 -11.19 -28.20 6.14
CA ALA B 146 -10.81 -26.81 6.34
C ALA B 146 -9.65 -26.72 7.31
N HIS B 147 -9.54 -27.67 8.24
CA HIS B 147 -8.52 -27.65 9.28
C HIS B 147 -7.96 -29.07 9.39
N GLY B 148 -6.90 -29.34 8.62
CA GLY B 148 -6.30 -30.66 8.64
C GLY B 148 -5.58 -30.99 9.94
N HIS B 149 -5.19 -29.97 10.70
CA HIS B 149 -4.46 -30.20 11.95
C HIS B 149 -5.47 -30.44 13.08
N SER B 150 -6.17 -31.57 12.97
CA SER B 150 -7.27 -31.86 13.89
C SER B 150 -7.31 -33.35 14.23
N LYS B 151 -7.85 -33.63 15.41
CA LYS B 151 -8.01 -35.02 15.85
C LYS B 151 -8.83 -35.83 14.84
N GLY B 152 -9.90 -35.23 14.30
CA GLY B 152 -10.74 -35.96 13.38
C GLY B 152 -9.99 -36.37 12.13
N ILE B 153 -9.17 -35.47 11.60
CA ILE B 153 -8.34 -35.80 10.44
C ILE B 153 -7.31 -36.87 10.79
N ILE B 154 -6.61 -36.70 11.91
CA ILE B 154 -5.54 -37.63 12.26
C ILE B 154 -6.12 -39.04 12.51
N ASP B 155 -7.27 -39.11 13.19
CA ASP B 155 -7.91 -40.40 13.42
C ASP B 155 -8.36 -41.04 12.11
N THR B 156 -8.78 -40.22 11.14
CA THR B 156 -9.18 -40.77 9.86
C THR B 156 -7.96 -41.28 9.08
N VAL B 157 -6.84 -40.56 9.18
CA VAL B 157 -5.61 -41.04 8.57
C VAL B 157 -5.26 -42.43 9.10
N LYS B 158 -5.31 -42.60 10.43
N LYS B 158 -5.32 -42.61 10.42
CA LYS B 158 -4.87 -43.87 11.01
CA LYS B 158 -4.86 -43.88 10.99
C LYS B 158 -5.81 -45.01 10.63
C LYS B 158 -5.81 -45.02 10.64
N ALA B 159 -7.11 -44.73 10.57
CA ALA B 159 -8.08 -45.78 10.23
C ALA B 159 -7.98 -46.19 8.77
N ILE B 160 -7.66 -45.25 7.88
CA ILE B 160 -7.50 -45.60 6.47
C ILE B 160 -6.23 -46.43 6.29
N LYS B 161 -5.11 -45.95 6.85
CA LYS B 161 -3.85 -46.72 6.75
C LYS B 161 -3.99 -48.10 7.39
N ALA B 162 -4.76 -48.21 8.48
CA ALA B 162 -4.98 -49.51 9.11
C ALA B 162 -5.74 -50.45 8.17
N LYS B 163 -6.70 -49.93 7.42
CA LYS B 163 -7.49 -50.77 6.55
C LYS B 163 -6.86 -50.95 5.18
N TYR B 164 -6.15 -49.94 4.67
CA TYR B 164 -5.56 -49.94 3.33
C TYR B 164 -4.13 -49.46 3.41
N PRO B 165 -3.22 -50.30 3.93
CA PRO B 165 -1.84 -49.84 4.17
C PRO B 165 -1.14 -49.33 2.92
N ASN B 166 -1.52 -49.79 1.72
CA ASN B 166 -0.86 -49.35 0.50
C ASN B 166 -1.62 -48.26 -0.25
N LEU B 167 -2.71 -47.74 0.30
CA LEU B 167 -3.46 -46.67 -0.34
C LEU B 167 -2.75 -45.34 -0.09
N ASP B 168 -2.28 -44.68 -1.17
CA ASP B 168 -1.67 -43.37 -1.00
C ASP B 168 -2.69 -42.35 -0.54
N LEU B 169 -2.28 -41.51 0.41
CA LEU B 169 -3.20 -40.65 1.12
C LEU B 169 -2.60 -39.25 1.20
N ILE B 170 -3.32 -38.27 0.66
CA ILE B 170 -2.99 -36.86 0.85
C ILE B 170 -3.89 -36.34 1.96
N ALA B 171 -3.34 -35.49 2.84
CA ALA B 171 -4.15 -34.91 3.89
C ALA B 171 -3.84 -33.42 4.02
N GLY B 172 -4.90 -32.64 4.24
CA GLY B 172 -4.81 -31.21 4.44
C GLY B 172 -6.18 -30.68 4.79
N ASN B 173 -6.30 -29.35 4.87
CA ASN B 173 -5.20 -28.42 4.63
C ASN B 173 -4.54 -27.93 5.92
N ILE B 174 -3.25 -27.62 5.82
CA ILE B 174 -2.45 -27.18 6.95
C ILE B 174 -1.69 -25.91 6.56
N ALA B 175 -1.11 -25.25 7.56
CA ALA B 175 -0.25 -24.11 7.27
C ALA B 175 0.92 -23.97 8.24
N THR B 176 1.23 -24.99 9.05
CA THR B 176 2.28 -24.85 10.06
C THR B 176 3.15 -26.08 10.08
N ALA B 177 4.38 -25.90 10.58
CA ALA B 177 5.28 -27.04 10.74
C ALA B 177 4.73 -28.05 11.73
N ALA B 178 4.10 -27.58 12.83
CA ALA B 178 3.52 -28.51 13.79
C ALA B 178 2.45 -29.40 13.14
N ALA B 179 1.62 -28.81 12.28
CA ALA B 179 0.61 -29.60 11.58
C ALA B 179 1.26 -30.60 10.62
N ALA B 180 2.27 -30.16 9.88
CA ALA B 180 2.98 -31.06 8.98
C ALA B 180 3.57 -32.23 9.76
N LYS B 181 4.16 -31.95 10.92
CA LYS B 181 4.75 -33.01 11.73
C LYS B 181 3.68 -34.01 12.17
N ALA B 182 2.53 -33.52 12.65
CA ALA B 182 1.49 -34.42 13.13
C ALA B 182 0.95 -35.32 12.03
N LEU B 183 0.68 -34.75 10.84
CA LEU B 183 0.18 -35.58 9.74
C LEU B 183 1.23 -36.57 9.28
N CYS B 184 2.49 -36.15 9.18
CA CYS B 184 3.52 -37.10 8.74
C CYS B 184 3.70 -38.21 9.76
N GLU B 185 3.58 -37.88 11.04
CA GLU B 185 3.75 -38.90 12.06
C GLU B 185 2.60 -39.88 12.03
N ALA B 186 1.44 -39.48 11.52
CA ALA B 186 0.32 -40.41 11.38
C ALA B 186 0.44 -41.28 10.13
N GLY B 187 1.40 -41.01 9.25
CA GLY B 187 1.63 -41.84 8.08
C GLY B 187 1.07 -41.35 6.77
N VAL B 188 0.79 -40.05 6.62
CA VAL B 188 0.29 -39.57 5.33
C VAL B 188 1.38 -39.68 4.28
N ASP B 189 0.97 -39.71 3.01
CA ASP B 189 1.94 -39.78 1.92
C ASP B 189 2.23 -38.43 1.28
N ALA B 190 1.43 -37.40 1.60
CA ALA B 190 1.70 -36.01 1.27
C ALA B 190 0.83 -35.14 2.15
N VAL B 191 1.24 -33.90 2.35
CA VAL B 191 0.45 -32.90 3.03
C VAL B 191 0.11 -31.80 2.04
N LYS B 192 -1.10 -31.26 2.17
CA LYS B 192 -1.59 -30.20 1.30
C LYS B 192 -1.64 -28.91 2.11
N VAL B 193 -0.91 -27.90 1.67
CA VAL B 193 -0.68 -26.67 2.41
C VAL B 193 -1.53 -25.55 1.83
N GLY B 194 -2.28 -24.86 2.69
CA GLY B 194 -3.02 -23.68 2.27
C GLY B 194 -4.21 -23.41 3.17
N ILE B 195 -4.08 -22.44 4.06
CA ILE B 195 -5.21 -21.98 4.90
C ILE B 195 -5.52 -20.55 4.50
N GLY B 196 -6.58 -20.36 3.71
CA GLY B 196 -7.02 -19.03 3.33
C GLY B 196 -6.67 -18.45 1.97
N PRO B 197 -5.62 -18.91 1.27
CA PRO B 197 -5.16 -18.15 0.10
C PRO B 197 -6.07 -18.26 -1.12
N GLY B 198 -6.93 -19.28 -1.20
CA GLY B 198 -7.76 -19.49 -2.38
C GLY B 198 -8.51 -18.25 -2.86
N SER B 199 -8.62 -18.11 -4.18
CA SER B 199 -9.25 -16.94 -4.78
C SER B 199 -10.67 -16.72 -4.24
N ILE B 200 -11.44 -17.79 -4.06
CA ILE B 200 -12.83 -17.70 -3.62
C ILE B 200 -12.99 -17.82 -2.11
N CYS B 201 -11.88 -17.89 -1.37
CA CYS B 201 -11.88 -18.25 0.04
C CYS B 201 -11.98 -17.02 0.93
N THR B 202 -12.80 -17.11 1.98
CA THR B 202 -12.92 -16.01 2.95
C THR B 202 -12.52 -16.44 4.35
N THR B 203 -11.95 -17.64 4.52
CA THR B 203 -11.55 -18.14 5.83
C THR B 203 -10.78 -17.10 6.63
N ARG B 204 -9.85 -16.39 6.00
CA ARG B 204 -9.02 -15.47 6.76
C ARG B 204 -9.83 -14.26 7.21
N ILE B 205 -10.85 -13.88 6.45
CA ILE B 205 -11.66 -12.72 6.81
C ILE B 205 -12.73 -13.10 7.82
N VAL B 206 -13.34 -14.28 7.64
CA VAL B 206 -14.42 -14.70 8.50
C VAL B 206 -13.88 -15.11 9.86
N SER B 207 -12.75 -15.81 9.88
CA SER B 207 -12.23 -16.39 11.11
C SER B 207 -10.97 -15.72 11.63
N GLY B 208 -10.29 -14.90 10.84
CA GLY B 208 -9.08 -14.26 11.30
C GLY B 208 -7.86 -15.16 11.27
N VAL B 209 -7.97 -16.34 10.67
CA VAL B 209 -6.99 -17.41 10.76
C VAL B 209 -6.39 -17.66 9.37
N GLY B 210 -5.07 -17.82 9.33
CA GLY B 210 -4.39 -18.20 8.10
C GLY B 210 -2.93 -17.81 8.14
N VAL B 211 -2.18 -18.30 7.15
CA VAL B 211 -0.77 -18.02 7.02
C VAL B 211 -0.48 -17.68 5.57
N PRO B 212 0.06 -16.50 5.26
CA PRO B 212 0.45 -16.17 3.88
C PRO B 212 1.22 -17.30 3.21
N GLN B 213 0.86 -17.59 1.96
CA GLN B 213 1.06 -18.93 1.41
C GLN B 213 2.54 -19.25 1.19
N ILE B 214 3.36 -18.27 0.81
CA ILE B 214 4.77 -18.58 0.57
C ILE B 214 5.44 -19.03 1.86
N SER B 215 5.19 -18.29 2.96
CA SER B 215 5.75 -18.67 4.26
C SER B 215 5.16 -19.99 4.74
N ALA B 216 3.88 -20.24 4.48
CA ALA B 216 3.28 -21.50 4.91
C ALA B 216 3.94 -22.69 4.21
N ILE B 217 4.20 -22.58 2.90
CA ILE B 217 4.88 -23.66 2.18
C ILE B 217 6.26 -23.88 2.75
N ASP B 218 7.03 -22.79 2.92
CA ASP B 218 8.40 -22.88 3.39
C ASP B 218 8.48 -23.62 4.73
N GLU B 219 7.62 -23.21 5.67
CA GLU B 219 7.60 -23.82 6.99
C GLU B 219 7.21 -25.29 6.90
N CYS B 220 6.19 -25.60 6.12
CA CYS B 220 5.71 -26.99 6.08
C CYS B 220 6.67 -27.90 5.33
N VAL B 221 7.32 -27.38 4.27
CA VAL B 221 8.27 -28.20 3.51
C VAL B 221 9.45 -28.57 4.39
N GLU B 222 9.95 -27.61 5.18
CA GLU B 222 11.08 -27.87 6.07
C GLU B 222 10.76 -28.99 7.04
N GLU B 223 9.52 -29.05 7.51
CA GLU B 223 9.14 -30.12 8.43
C GLU B 223 8.90 -31.43 7.68
N ALA B 224 8.11 -31.39 6.60
CA ALA B 224 7.73 -32.60 5.88
C ALA B 224 8.93 -33.30 5.26
N ASN B 225 9.92 -32.51 4.79
CA ASN B 225 11.14 -33.07 4.23
C ASN B 225 11.81 -34.04 5.18
N LYS B 226 11.70 -33.81 6.49
CA LYS B 226 12.28 -34.72 7.46
C LYS B 226 11.69 -36.12 7.34
N PHE B 227 10.45 -36.21 6.86
CA PHE B 227 9.78 -37.49 6.69
C PHE B 227 9.80 -37.98 5.25
N GLY B 228 10.42 -37.23 4.35
CA GLY B 228 10.40 -37.59 2.95
C GLY B 228 9.02 -37.43 2.33
N VAL B 229 8.24 -36.49 2.82
CA VAL B 229 6.82 -36.38 2.46
C VAL B 229 6.64 -35.13 1.60
N PRO B 230 6.13 -35.27 0.37
CA PRO B 230 5.95 -34.12 -0.51
C PRO B 230 4.89 -33.16 0.00
N VAL B 231 5.03 -31.88 -0.38
CA VAL B 231 4.07 -30.85 -0.02
C VAL B 231 3.34 -30.40 -1.28
N ILE B 232 2.01 -30.38 -1.21
CA ILE B 232 1.17 -29.81 -2.25
C ILE B 232 0.79 -28.39 -1.85
N ALA B 233 1.15 -27.43 -2.71
CA ALA B 233 0.83 -26.02 -2.49
C ALA B 233 -0.53 -25.71 -3.11
N ASP B 234 -1.53 -25.44 -2.28
CA ASP B 234 -2.93 -25.41 -2.68
C ASP B 234 -3.52 -24.02 -2.47
N GLY B 235 -3.76 -23.31 -3.56
CA GLY B 235 -4.54 -22.08 -3.50
C GLY B 235 -3.68 -20.83 -3.62
N GLY B 236 -4.28 -19.77 -4.14
CA GLY B 236 -3.60 -18.49 -4.26
C GLY B 236 -2.77 -18.30 -5.51
N ILE B 237 -2.73 -19.31 -6.38
CA ILE B 237 -1.97 -19.19 -7.62
C ILE B 237 -2.74 -18.29 -8.59
N LYS B 238 -2.10 -17.19 -8.99
CA LYS B 238 -2.69 -16.25 -9.92
C LYS B 238 -2.05 -16.28 -11.30
N TYR B 239 -0.76 -16.60 -11.37
CA TYR B 239 0.02 -16.52 -12.60
C TYR B 239 0.99 -17.67 -12.61
N SER B 240 1.55 -17.95 -13.79
CA SER B 240 2.52 -19.04 -13.91
C SER B 240 3.72 -18.81 -13.01
N GLY B 241 4.13 -17.55 -12.81
CA GLY B 241 5.23 -17.26 -11.92
C GLY B 241 4.98 -17.66 -10.47
N ASP B 242 3.71 -17.69 -10.05
CA ASP B 242 3.38 -18.15 -8.69
C ASP B 242 3.65 -19.63 -8.53
N ILE B 243 3.35 -20.42 -9.57
CA ILE B 243 3.73 -21.83 -9.63
C ILE B 243 5.24 -21.98 -9.46
N ALA B 244 6.02 -21.20 -10.22
CA ALA B 244 7.48 -21.25 -10.11
C ALA B 244 7.95 -20.95 -8.69
N LYS B 245 7.43 -19.88 -8.09
CA LYS B 245 7.83 -19.55 -6.72
C LYS B 245 7.45 -20.66 -5.73
N ALA B 246 6.22 -21.19 -5.84
CA ALA B 246 5.77 -22.23 -4.91
C ALA B 246 6.68 -23.46 -5.00
N LEU B 247 6.98 -23.93 -6.21
CA LEU B 247 7.88 -25.05 -6.35
C LEU B 247 9.29 -24.69 -5.90
N ALA B 248 9.79 -23.51 -6.26
CA ALA B 248 11.16 -23.16 -5.91
C ALA B 248 11.32 -23.11 -4.39
N VAL B 249 10.30 -22.63 -3.68
CA VAL B 249 10.42 -22.55 -2.23
C VAL B 249 10.33 -23.93 -1.59
N GLY B 250 9.96 -24.96 -2.35
CA GLY B 250 10.10 -26.33 -1.87
C GLY B 250 8.90 -27.23 -2.03
N ALA B 251 7.76 -26.69 -2.45
CA ALA B 251 6.61 -27.55 -2.76
C ALA B 251 6.93 -28.51 -3.91
N SER B 252 6.37 -29.71 -3.84
CA SER B 252 6.55 -30.69 -4.90
C SER B 252 5.51 -30.57 -5.99
N SER B 253 4.35 -30.00 -5.68
CA SER B 253 3.29 -29.88 -6.66
C SER B 253 2.37 -28.73 -6.25
N VAL B 254 1.49 -28.36 -7.18
CA VAL B 254 0.66 -27.18 -7.01
C VAL B 254 -0.77 -27.54 -7.37
N MET B 255 -1.72 -27.17 -6.51
CA MET B 255 -3.13 -27.38 -6.77
C MET B 255 -3.76 -26.05 -7.15
N ILE B 256 -4.56 -26.06 -8.21
CA ILE B 256 -5.05 -24.83 -8.83
C ILE B 256 -6.55 -24.93 -9.02
N GLY B 257 -7.27 -23.89 -8.60
CA GLY B 257 -8.70 -23.82 -8.85
C GLY B 257 -9.12 -22.79 -9.88
N SER B 258 -8.96 -21.49 -9.58
CA SER B 258 -9.61 -20.48 -10.41
C SER B 258 -9.08 -20.48 -11.83
N LEU B 259 -7.79 -20.82 -12.02
CA LEU B 259 -7.20 -20.80 -13.36
C LEU B 259 -7.74 -21.92 -14.25
N LEU B 260 -8.36 -22.95 -13.68
CA LEU B 260 -8.89 -24.05 -14.46
C LEU B 260 -10.41 -24.05 -14.53
N ALA B 261 -11.07 -23.27 -13.68
CA ALA B 261 -12.53 -23.20 -13.66
C ALA B 261 -13.13 -22.64 -14.94
N GLY B 262 -12.37 -21.83 -15.70
CA GLY B 262 -12.93 -21.23 -16.88
C GLY B 262 -12.78 -22.06 -18.16
N THR B 263 -12.45 -23.33 -18.00
CA THR B 263 -12.09 -24.16 -19.15
C THR B 263 -13.28 -24.96 -19.66
N ASP B 264 -13.14 -25.40 -20.91
CA ASP B 264 -14.09 -26.34 -21.51
C ASP B 264 -14.38 -27.52 -20.59
N GLU B 265 -13.34 -28.05 -19.95
CA GLU B 265 -13.46 -29.36 -19.31
C GLU B 265 -14.04 -29.29 -17.90
N SER B 266 -14.00 -28.12 -17.25
CA SER B 266 -14.57 -28.01 -15.92
C SER B 266 -16.09 -28.20 -16.00
N PRO B 267 -16.72 -28.70 -14.94
CA PRO B 267 -18.17 -28.90 -14.97
C PRO B 267 -18.87 -27.57 -15.15
N GLY B 268 -20.05 -27.63 -15.74
CA GLY B 268 -20.81 -26.40 -15.83
C GLY B 268 -20.91 -25.90 -17.24
N GLU B 269 -22.01 -25.20 -17.53
N GLU B 269 -22.00 -25.21 -17.54
CA GLU B 269 -22.27 -24.65 -18.85
CA GLU B 269 -22.22 -24.71 -18.89
C GLU B 269 -21.58 -23.30 -18.98
C GLU B 269 -21.71 -23.29 -19.03
N LEU B 270 -21.11 -23.00 -20.19
CA LEU B 270 -20.73 -21.64 -20.52
C LEU B 270 -21.99 -20.78 -20.56
N PHE B 271 -21.89 -19.57 -20.02
CA PHE B 271 -22.97 -18.61 -20.14
C PHE B 271 -22.38 -17.26 -20.53
N THR B 272 -23.20 -16.46 -21.20
CA THR B 272 -22.80 -15.15 -21.69
C THR B 272 -23.40 -14.07 -20.80
N TYR B 273 -22.56 -13.10 -20.45
CA TYR B 273 -22.95 -11.96 -19.62
C TYR B 273 -22.39 -10.70 -20.27
N GLN B 274 -23.25 -9.96 -20.97
CA GLN B 274 -22.90 -8.68 -21.58
C GLN B 274 -21.75 -8.85 -22.58
N GLY B 275 -21.98 -9.72 -23.56
CA GLY B 275 -21.05 -9.91 -24.65
C GLY B 275 -19.83 -10.74 -24.34
N ARG B 276 -19.59 -11.10 -23.09
CA ARG B 276 -18.47 -11.96 -22.72
C ARG B 276 -18.98 -13.29 -22.21
N GLN B 277 -18.12 -14.30 -22.26
CA GLN B 277 -18.46 -15.65 -21.82
C GLN B 277 -17.80 -15.97 -20.48
N TYR B 278 -18.55 -16.65 -19.63
CA TYR B 278 -18.06 -16.98 -18.28
C TYR B 278 -18.47 -18.41 -17.93
N LYS B 279 -17.87 -18.91 -16.86
CA LYS B 279 -18.34 -20.09 -16.15
C LYS B 279 -18.34 -19.77 -14.67
N SER B 280 -19.22 -20.46 -13.95
CA SER B 280 -19.29 -20.26 -12.51
C SER B 280 -18.06 -20.86 -11.83
N TYR B 281 -17.67 -20.23 -10.73
CA TYR B 281 -16.60 -20.72 -9.88
C TYR B 281 -16.97 -20.32 -8.47
N ARG B 282 -17.03 -21.30 -7.56
CA ARG B 282 -17.49 -21.02 -6.21
C ARG B 282 -16.69 -21.82 -5.21
N GLY B 283 -16.53 -21.25 -4.02
CA GLY B 283 -15.94 -22.00 -2.94
C GLY B 283 -16.78 -23.20 -2.56
N MET B 284 -16.09 -24.26 -2.13
CA MET B 284 -16.79 -25.43 -1.61
C MET B 284 -17.31 -25.18 -0.20
N GLY B 285 -16.93 -24.06 0.42
CA GLY B 285 -17.53 -23.62 1.67
C GLY B 285 -18.49 -22.47 1.50
N SER B 286 -18.91 -22.21 0.26
CA SER B 286 -19.94 -21.22 -0.03
C SER B 286 -21.33 -21.81 0.23
N LEU B 287 -22.33 -20.92 0.34
CA LEU B 287 -23.71 -21.37 0.50
C LEU B 287 -24.09 -22.35 -0.62
N GLY B 288 -24.12 -21.87 -1.86
CA GLY B 288 -24.49 -22.67 -3.01
C GLY B 288 -23.89 -24.07 -3.03
N ALA B 289 -22.60 -24.18 -2.73
CA ALA B 289 -21.97 -25.49 -2.67
C ALA B 289 -22.45 -26.30 -1.48
N MET B 290 -22.62 -25.65 -0.32
CA MET B 290 -23.00 -26.39 0.88
C MET B 290 -24.48 -26.79 0.86
N GLN B 291 -25.32 -26.04 0.16
CA GLN B 291 -26.75 -26.35 0.14
C GLN B 291 -27.05 -27.50 -0.83
N TYR B 298 -17.77 -31.65 8.52
CA TYR B 298 -17.27 -32.01 9.84
C TYR B 298 -16.96 -30.76 10.69
N PHE B 299 -15.84 -30.11 10.35
CA PHE B 299 -15.43 -28.91 11.08
C PHE B 299 -16.44 -27.78 10.91
N GLN B 300 -16.87 -27.53 9.68
CA GLN B 300 -17.84 -26.47 9.39
C GLN B 300 -19.23 -26.83 9.92
N LYS B 307 -28.63 -21.58 10.62
CA LYS B 307 -28.28 -21.17 9.27
C LYS B 307 -26.74 -21.18 9.08
N LEU B 308 -26.31 -21.48 7.85
CA LEU B 308 -24.89 -21.73 7.60
C LEU B 308 -24.07 -20.44 7.64
N VAL B 309 -22.84 -20.56 8.15
CA VAL B 309 -21.86 -19.49 8.13
C VAL B 309 -20.77 -19.89 7.13
N PRO B 310 -20.76 -19.31 5.95
CA PRO B 310 -19.88 -19.81 4.89
C PRO B 310 -18.44 -19.33 5.06
N GLU B 311 -17.54 -20.00 4.33
CA GLU B 311 -16.13 -19.65 4.29
C GLU B 311 -15.67 -19.39 2.87
N GLY B 312 -16.62 -19.15 1.95
CA GLY B 312 -16.31 -18.94 0.55
C GLY B 312 -17.45 -18.22 -0.12
N ILE B 313 -17.21 -17.80 -1.37
CA ILE B 313 -18.19 -17.04 -2.12
C ILE B 313 -18.51 -17.78 -3.42
N GLU B 314 -19.58 -17.34 -4.07
CA GLU B 314 -20.00 -17.86 -5.37
C GLU B 314 -19.74 -16.78 -6.41
N GLY B 315 -18.99 -17.13 -7.46
CA GLY B 315 -18.66 -16.14 -8.47
C GLY B 315 -18.54 -16.68 -9.86
N ARG B 316 -17.89 -15.92 -10.75
CA ARG B 316 -17.65 -16.36 -12.11
C ARG B 316 -16.23 -15.99 -12.52
N VAL B 317 -15.68 -16.77 -13.45
CA VAL B 317 -14.38 -16.47 -14.05
C VAL B 317 -14.55 -16.41 -15.57
N PRO B 318 -13.72 -15.66 -16.28
CA PRO B 318 -13.82 -15.64 -17.75
C PRO B 318 -13.60 -17.03 -18.34
N TYR B 319 -14.20 -17.25 -19.51
CA TYR B 319 -13.94 -18.47 -20.28
C TYR B 319 -12.58 -18.36 -20.96
N VAL B 320 -11.72 -19.36 -20.76
CA VAL B 320 -10.35 -19.30 -21.22
C VAL B 320 -10.02 -20.39 -22.24
N GLY B 321 -11.01 -21.15 -22.69
CA GLY B 321 -10.74 -22.21 -23.65
C GLY B 321 -10.42 -23.54 -22.99
N SER B 322 -9.53 -24.31 -23.60
CA SER B 322 -9.25 -25.66 -23.13
C SER B 322 -8.25 -25.66 -21.99
N ILE B 323 -8.34 -26.70 -21.14
CA ILE B 323 -7.33 -26.92 -20.11
C ILE B 323 -5.94 -27.02 -20.74
N ARG B 324 -5.83 -27.71 -21.87
CA ARG B 324 -4.53 -27.88 -22.50
C ARG B 324 -3.87 -26.53 -22.79
N SER B 325 -4.64 -25.58 -23.31
CA SER B 325 -4.08 -24.26 -23.61
C SER B 325 -3.66 -23.54 -22.33
N VAL B 326 -4.43 -23.66 -21.25
CA VAL B 326 -4.05 -23.03 -20.00
C VAL B 326 -2.79 -23.67 -19.44
N VAL B 327 -2.76 -25.01 -19.38
CA VAL B 327 -1.61 -25.72 -18.85
C VAL B 327 -0.36 -25.42 -19.64
N HIS B 328 -0.49 -25.33 -20.97
CA HIS B 328 0.68 -25.01 -21.80
C HIS B 328 1.31 -23.68 -21.37
N GLN B 329 0.48 -22.65 -21.13
CA GLN B 329 1.03 -21.36 -20.72
C GLN B 329 1.61 -21.43 -19.31
N LEU B 330 0.95 -22.14 -18.40
CA LEU B 330 1.46 -22.23 -17.03
C LEU B 330 2.80 -22.96 -17.00
N LEU B 331 2.90 -24.07 -17.70
CA LEU B 331 4.14 -24.82 -17.70
C LEU B 331 5.24 -24.08 -18.47
N GLY B 332 4.87 -23.30 -19.48
CA GLY B 332 5.88 -22.48 -20.15
C GLY B 332 6.50 -21.44 -19.23
N GLY B 333 5.69 -20.84 -18.36
CA GLY B 333 6.25 -19.92 -17.37
C GLY B 333 7.19 -20.63 -16.41
N LEU B 334 6.81 -21.83 -15.96
CA LEU B 334 7.67 -22.62 -15.08
C LEU B 334 9.01 -22.95 -15.75
N ARG B 335 8.95 -23.44 -16.99
CA ARG B 335 10.18 -23.74 -17.73
C ARG B 335 11.04 -22.49 -17.88
N SER B 336 10.42 -21.37 -18.24
CA SER B 336 11.15 -20.12 -18.34
C SER B 336 11.83 -19.77 -17.02
N SER B 337 11.10 -19.91 -15.90
CA SER B 337 11.68 -19.66 -14.58
C SER B 337 12.90 -20.54 -14.34
N MET B 338 12.76 -21.84 -14.61
CA MET B 338 13.88 -22.74 -14.35
C MET B 338 15.07 -22.40 -15.23
N GLY B 339 14.82 -21.93 -16.46
CA GLY B 339 15.92 -21.48 -17.32
C GLY B 339 16.60 -20.23 -16.79
N TYR B 340 15.82 -19.30 -16.22
CA TYR B 340 16.40 -18.11 -15.61
C TYR B 340 17.29 -18.47 -14.44
N VAL B 341 16.93 -19.53 -13.71
CA VAL B 341 17.66 -19.92 -12.52
C VAL B 341 18.81 -20.86 -12.85
N GLY B 342 18.79 -21.48 -14.04
CA GLY B 342 19.83 -22.40 -14.44
C GLY B 342 19.57 -23.83 -14.04
N ALA B 343 18.33 -24.19 -13.75
CA ALA B 343 17.99 -25.48 -13.16
C ALA B 343 17.58 -26.51 -14.21
N LYS B 344 18.19 -27.69 -14.14
CA LYS B 344 17.84 -28.75 -15.10
C LYS B 344 16.54 -29.47 -14.76
N ASP B 345 16.10 -29.44 -13.49
CA ASP B 345 14.90 -30.16 -13.07
C ASP B 345 14.41 -29.56 -11.75
N ILE B 346 13.32 -30.12 -11.20
CA ILE B 346 12.66 -29.50 -10.04
C ILE B 346 13.57 -29.49 -8.82
N GLU B 347 14.17 -30.64 -8.51
CA GLU B 347 15.05 -30.71 -7.34
C GLU B 347 16.19 -29.71 -7.45
N ASP B 348 16.81 -29.59 -8.63
CA ASP B 348 17.88 -28.61 -8.87
C ASP B 348 17.38 -27.18 -8.70
N PHE B 349 16.17 -26.90 -9.20
CA PHE B 349 15.50 -25.61 -9.05
C PHE B 349 15.40 -25.22 -7.58
N GLN B 350 14.99 -26.18 -6.74
CA GLN B 350 14.84 -25.90 -5.32
C GLN B 350 16.19 -25.71 -4.64
N LYS B 351 17.23 -26.41 -5.10
CA LYS B 351 18.55 -26.21 -4.52
C LYS B 351 19.15 -24.87 -4.93
N ARG B 352 18.91 -24.43 -6.18
CA ARG B 352 19.50 -23.18 -6.65
C ARG B 352 18.74 -21.92 -6.21
N ALA B 353 17.47 -22.07 -5.84
CA ALA B 353 16.55 -20.94 -5.72
C ALA B 353 17.03 -19.93 -4.67
N GLU B 354 17.07 -18.66 -5.08
CA GLU B 354 17.34 -17.55 -4.18
C GLU B 354 16.30 -16.47 -4.40
N PHE B 355 15.70 -15.98 -3.32
CA PHE B 355 14.63 -15.00 -3.40
C PHE B 355 15.12 -13.63 -2.95
N VAL B 356 14.47 -12.59 -3.46
CA VAL B 356 14.52 -11.26 -2.85
C VAL B 356 13.10 -10.91 -2.43
N GLU B 357 12.99 -10.26 -1.27
CA GLU B 357 11.76 -9.61 -0.87
C GLU B 357 11.67 -8.26 -1.58
N ILE B 358 10.49 -7.96 -2.09
CA ILE B 358 10.28 -6.71 -2.82
C ILE B 358 9.23 -5.87 -2.10
N THR B 359 9.09 -4.64 -2.56
CA THR B 359 8.10 -3.72 -2.02
C THR B 359 6.92 -3.62 -2.97
N THR B 360 5.89 -2.90 -2.51
CA THR B 360 4.75 -2.56 -3.36
C THR B 360 5.21 -1.88 -4.65
N ALA B 361 6.10 -0.89 -4.53
CA ALA B 361 6.64 -0.27 -5.73
C ALA B 361 7.30 -1.30 -6.64
N GLY B 362 8.05 -2.24 -6.05
CA GLY B 362 8.70 -3.26 -6.86
C GLY B 362 7.70 -4.17 -7.56
N LEU B 363 6.60 -4.49 -6.87
CA LEU B 363 5.52 -5.25 -7.50
C LEU B 363 4.87 -4.45 -8.63
N LYS B 364 4.57 -3.17 -8.39
CA LYS B 364 4.03 -2.33 -9.46
C LYS B 364 4.96 -2.35 -10.67
N GLU B 365 6.26 -2.21 -10.43
CA GLU B 365 7.25 -2.23 -11.51
C GLU B 365 7.25 -3.58 -12.22
N SER B 366 6.93 -4.66 -11.50
CA SER B 366 7.00 -6.00 -12.08
C SER B 366 5.85 -6.24 -13.06
N HIS B 367 4.65 -5.82 -12.69
CA HIS B 367 3.50 -5.87 -13.57
C HIS B 367 3.70 -4.93 -14.76
N VAL B 368 2.72 -4.95 -15.66
CA VAL B 368 2.67 -4.01 -16.76
C VAL B 368 2.26 -2.64 -16.21
N HIS B 369 3.00 -1.59 -16.57
CA HIS B 369 2.76 -0.26 -16.01
C HIS B 369 2.98 0.81 -17.08
N ASP B 370 2.21 1.89 -16.97
CA ASP B 370 2.34 3.10 -17.79
C ASP B 370 2.11 2.83 -19.28
N VAL B 371 1.43 1.74 -19.62
CA VAL B 371 1.05 1.43 -20.99
C VAL B 371 -0.37 0.86 -20.96
N THR B 372 -1.21 1.33 -21.87
CA THR B 372 -2.54 0.77 -22.02
C THR B 372 -2.46 -0.46 -22.91
N ILE B 373 -2.79 -1.63 -22.36
CA ILE B 373 -2.77 -2.86 -23.14
C ILE B 373 -3.90 -2.85 -24.15
N THR B 374 -3.60 -3.26 -25.39
CA THR B 374 -4.60 -3.30 -26.46
C THR B 374 -4.84 -4.69 -27.02
N HIS B 375 -3.98 -5.67 -26.70
CA HIS B 375 -4.15 -7.04 -27.12
C HIS B 375 -4.08 -7.93 -25.88
N GLU B 376 -4.90 -8.98 -25.86
CA GLU B 376 -4.95 -9.88 -24.72
C GLU B 376 -3.83 -10.92 -24.82
N ALA B 377 -2.90 -10.90 -23.87
CA ALA B 377 -1.83 -11.88 -23.82
C ALA B 377 -2.37 -13.21 -23.26
N PRO B 378 -1.87 -14.35 -23.76
CA PRO B 378 -2.42 -15.64 -23.32
C PRO B 378 -2.12 -15.97 -21.87
N ASN B 379 -1.11 -15.34 -21.26
CA ASN B 379 -0.63 -15.73 -19.95
C ASN B 379 -0.60 -14.55 -18.98
N TYR B 380 -1.34 -13.49 -19.26
CA TYR B 380 -1.27 -12.29 -18.43
C TYR B 380 -2.57 -11.49 -18.56
N LYS B 381 -3.19 -11.20 -17.41
CA LYS B 381 -4.31 -10.26 -17.33
C LYS B 381 -4.54 -9.87 -15.86
N ALA C 3 15.48 14.68 18.75
CA ALA C 3 14.72 13.93 17.75
C ALA C 3 13.31 13.59 18.25
N MET C 4 12.49 13.05 17.35
CA MET C 4 11.12 12.68 17.68
C MET C 4 11.08 11.32 18.35
N LYS C 5 10.21 11.16 19.33
CA LYS C 5 10.09 9.93 20.10
C LYS C 5 8.97 9.09 19.47
N ILE C 6 9.37 8.12 18.63
CA ILE C 6 8.49 7.04 18.24
C ILE C 6 8.70 5.91 19.24
N VAL C 7 7.62 5.52 19.92
CA VAL C 7 7.72 4.50 20.95
C VAL C 7 7.46 3.09 20.43
N LYS C 8 6.73 2.95 19.32
CA LYS C 8 6.50 1.63 18.74
C LYS C 8 5.99 1.78 17.31
N ARG C 9 6.04 0.67 16.58
CA ARG C 9 5.31 0.50 15.33
C ARG C 9 4.03 -0.27 15.63
N ALA C 10 2.88 0.38 15.45
CA ALA C 10 1.63 -0.20 15.92
C ALA C 10 0.82 -0.80 14.77
N LEU C 11 0.13 -1.90 15.09
CA LEU C 11 -0.58 -2.72 14.13
C LEU C 11 -2.08 -2.66 14.39
N THR C 12 -2.87 -2.88 13.34
CA THR C 12 -4.29 -3.12 13.58
C THR C 12 -4.71 -4.43 12.91
N PHE C 13 -6.04 -4.66 12.85
CA PHE C 13 -6.57 -5.99 12.54
C PHE C 13 -6.01 -6.53 11.21
N GLU C 14 -6.06 -5.72 10.15
N GLU C 14 -6.02 -5.70 10.17
CA GLU C 14 -5.63 -6.20 8.85
CA GLU C 14 -5.62 -6.13 8.84
C GLU C 14 -4.13 -6.51 8.79
C GLU C 14 -4.14 -6.49 8.78
N ASP C 15 -3.35 -6.08 9.78
CA ASP C 15 -1.92 -6.37 9.78
C ASP C 15 -1.58 -7.78 10.24
N VAL C 16 -2.52 -8.51 10.85
CA VAL C 16 -2.21 -9.76 11.52
C VAL C 16 -3.22 -10.86 11.19
N LEU C 17 -2.77 -12.10 11.35
CA LEU C 17 -3.63 -13.28 11.25
C LEU C 17 -3.30 -14.23 12.40
N LEU C 18 -4.31 -15.00 12.82
CA LEU C 18 -4.08 -16.08 13.78
C LEU C 18 -3.56 -17.31 13.06
N ARG C 19 -2.52 -17.93 13.62
CA ARG C 19 -2.07 -19.24 13.14
C ARG C 19 -3.05 -20.32 13.58
N PRO C 20 -3.34 -21.30 12.73
CA PRO C 20 -4.07 -22.49 13.21
C PRO C 20 -3.22 -23.30 14.17
N GLY C 21 -3.88 -23.97 15.11
CA GLY C 21 -3.23 -24.91 16.01
C GLY C 21 -3.93 -26.26 16.00
N TYR C 22 -3.34 -27.21 16.72
CA TYR C 22 -3.96 -28.53 16.85
C TYR C 22 -5.29 -28.41 17.58
N SER C 23 -6.31 -29.08 17.06
CA SER C 23 -7.67 -28.86 17.54
C SER C 23 -8.39 -30.18 17.77
N GLU C 24 -9.06 -30.30 18.91
CA GLU C 24 -9.92 -31.44 19.21
C GLU C 24 -11.37 -31.00 19.48
N VAL C 25 -11.71 -29.75 19.18
CA VAL C 25 -13.01 -29.17 19.50
C VAL C 25 -13.67 -28.69 18.22
N LEU C 26 -14.94 -28.83 18.16
CA LEU C 26 -15.66 -28.36 17.00
C LEU C 26 -16.21 -26.96 17.26
N PRO C 27 -16.22 -26.10 16.22
CA PRO C 27 -16.76 -24.74 16.40
C PRO C 27 -18.09 -24.71 17.13
N LYS C 28 -18.97 -25.68 16.86
CA LYS C 28 -20.28 -25.71 17.50
C LYS C 28 -20.19 -26.05 18.99
N GLU C 29 -19.06 -26.57 19.45
CA GLU C 29 -18.89 -27.00 20.84
C GLU C 29 -18.15 -25.99 21.71
N VAL C 30 -17.48 -25.00 21.13
CA VAL C 30 -16.72 -24.08 21.96
C VAL C 30 -17.68 -23.20 22.76
N LYS C 31 -17.20 -22.69 23.89
CA LYS C 31 -17.99 -21.84 24.77
C LYS C 31 -17.51 -20.41 24.59
N ILE C 32 -18.46 -19.47 24.43
CA ILE C 32 -18.12 -18.08 24.14
C ILE C 32 -18.65 -17.12 25.22
N HIS C 33 -18.88 -17.61 26.44
N HIS C 33 -18.91 -17.61 26.43
CA HIS C 33 -19.15 -16.72 27.56
CA HIS C 33 -19.16 -16.72 27.56
C HIS C 33 -17.90 -15.92 27.93
C HIS C 33 -17.91 -15.87 27.84
N THR C 34 -18.11 -14.72 28.48
CA THR C 34 -17.00 -13.84 28.81
C THR C 34 -17.41 -12.85 29.88
N LYS C 35 -16.44 -12.08 30.38
CA LYS C 35 -16.70 -11.05 31.37
C LYS C 35 -16.89 -9.70 30.69
N LEU C 36 -18.00 -9.04 31.02
CA LEU C 36 -18.20 -7.65 30.64
C LEU C 36 -17.44 -6.73 31.59
N THR C 37 -17.67 -6.89 32.89
CA THR C 37 -16.93 -6.17 33.91
C THR C 37 -16.40 -7.17 34.92
N LYS C 38 -15.78 -6.68 35.98
CA LYS C 38 -15.36 -7.55 37.08
C LYS C 38 -16.51 -8.42 37.57
N ASN C 39 -17.72 -7.89 37.59
CA ASN C 39 -18.85 -8.58 38.21
C ASN C 39 -20.00 -8.92 37.26
N ILE C 40 -19.88 -8.68 35.96
CA ILE C 40 -20.97 -8.98 35.04
C ILE C 40 -20.45 -9.87 33.92
N THR C 41 -21.06 -11.04 33.76
CA THR C 41 -20.72 -11.95 32.67
C THR C 41 -21.65 -11.72 31.50
N LEU C 42 -21.15 -12.02 30.31
CA LEU C 42 -21.96 -12.10 29.10
C LEU C 42 -21.95 -13.55 28.63
N ASN C 43 -23.01 -13.94 27.92
CA ASN C 43 -23.02 -15.27 27.34
C ASN C 43 -22.45 -15.29 25.94
N MET C 44 -22.28 -14.13 25.32
CA MET C 44 -21.52 -13.98 24.08
C MET C 44 -20.87 -12.60 24.11
N PRO C 45 -19.77 -12.41 23.38
CA PRO C 45 -18.90 -11.27 23.69
C PRO C 45 -19.19 -9.97 22.95
N LEU C 46 -20.40 -9.75 22.46
CA LEU C 46 -20.71 -8.57 21.63
C LEU C 46 -21.54 -7.54 22.38
N ILE C 47 -21.16 -6.27 22.24
CA ILE C 47 -21.89 -5.12 22.79
C ILE C 47 -22.24 -4.17 21.63
N SER C 48 -23.49 -3.73 21.56
CA SER C 48 -23.87 -2.72 20.57
C SER C 48 -23.52 -1.32 21.06
N ALA C 49 -23.03 -0.50 20.12
CA ALA C 49 -22.42 0.79 20.44
C ALA C 49 -23.43 1.78 21.00
N ALA C 50 -22.95 2.64 21.90
CA ALA C 50 -23.78 3.71 22.50
C ALA C 50 -23.91 4.88 21.52
N MET C 51 -24.65 4.64 20.44
CA MET C 51 -24.81 5.62 19.37
C MET C 51 -26.27 5.75 18.98
N ASP C 52 -26.68 6.97 18.62
CA ASP C 52 -28.09 7.23 18.39
C ASP C 52 -28.61 6.68 17.07
N THR C 53 -27.74 6.02 16.28
CA THR C 53 -28.19 5.25 15.12
C THR C 53 -27.93 3.76 15.30
N VAL C 54 -27.64 3.31 16.54
CA VAL C 54 -27.36 1.89 16.79
C VAL C 54 -28.25 1.36 17.92
N THR C 55 -28.16 1.95 19.12
CA THR C 55 -28.76 1.33 20.31
C THR C 55 -29.74 2.27 21.01
N GLU C 56 -31.04 1.94 20.89
CA GLU C 56 -32.03 2.29 21.90
C GLU C 56 -32.67 0.99 22.37
N HIS C 57 -33.86 1.03 22.98
CA HIS C 57 -34.31 -0.13 23.76
C HIS C 57 -34.45 -1.38 22.90
N ARG C 58 -34.87 -1.24 21.64
CA ARG C 58 -35.14 -2.44 20.86
C ARG C 58 -33.86 -3.19 20.48
N ALA C 59 -32.78 -2.46 20.13
CA ALA C 59 -31.53 -3.14 19.87
C ALA C 59 -30.94 -3.71 21.14
N ALA C 60 -31.04 -2.95 22.25
CA ALA C 60 -30.55 -3.44 23.54
C ALA C 60 -31.29 -4.70 23.98
N ILE C 61 -32.60 -4.76 23.74
CA ILE C 61 -33.35 -5.96 24.10
C ILE C 61 -32.83 -7.17 23.33
N MET C 62 -32.65 -7.02 22.01
CA MET C 62 -32.19 -8.16 21.22
C MET C 62 -30.76 -8.55 21.57
N MET C 63 -29.90 -7.56 21.80
CA MET C 63 -28.50 -7.89 22.13
C MET C 63 -28.43 -8.69 23.42
N ALA C 64 -29.22 -8.30 24.44
CA ALA C 64 -29.25 -9.06 25.69
C ALA C 64 -29.90 -10.43 25.51
N ARG C 65 -30.98 -10.50 24.72
CA ARG C 65 -31.63 -11.79 24.49
C ARG C 65 -30.68 -12.80 23.83
N LEU C 66 -29.76 -12.33 23.01
CA LEU C 66 -28.79 -13.20 22.36
C LEU C 66 -27.55 -13.44 23.21
N GLY C 67 -27.51 -12.89 24.43
CA GLY C 67 -26.44 -13.14 25.37
C GLY C 67 -25.45 -12.02 25.53
N GLY C 68 -25.54 -10.96 24.74
CA GLY C 68 -24.62 -9.83 24.82
C GLY C 68 -25.21 -8.66 25.59
N LEU C 69 -24.94 -7.45 25.11
CA LEU C 69 -25.42 -6.25 25.80
C LEU C 69 -25.60 -5.12 24.79
N GLY C 70 -26.63 -4.30 25.01
CA GLY C 70 -26.73 -2.99 24.38
C GLY C 70 -26.47 -1.89 25.39
N VAL C 71 -25.80 -0.82 24.95
CA VAL C 71 -25.63 0.40 25.75
C VAL C 71 -26.50 1.48 25.16
N ILE C 72 -27.52 1.93 25.91
CA ILE C 72 -28.35 3.05 25.47
C ILE C 72 -27.49 4.30 25.35
N HIS C 73 -27.59 4.97 24.21
CA HIS C 73 -26.82 6.19 24.01
C HIS C 73 -27.38 7.32 24.88
N LYS C 74 -26.59 8.39 25.02
CA LYS C 74 -26.90 9.49 25.93
C LYS C 74 -27.31 10.78 25.20
N ASN C 75 -27.50 10.73 23.88
CA ASN C 75 -27.96 11.90 23.11
C ASN C 75 -29.47 12.04 23.24
N MET C 76 -29.92 12.19 24.48
CA MET C 76 -31.33 12.34 24.82
C MET C 76 -31.40 12.81 26.27
N ASP C 77 -32.52 13.41 26.63
CA ASP C 77 -32.64 13.90 27.99
C ASP C 77 -32.76 12.73 28.96
N ILE C 78 -32.58 13.03 30.25
CA ILE C 78 -32.50 11.99 31.26
C ILE C 78 -33.80 11.18 31.30
N ALA C 79 -34.94 11.88 31.26
CA ALA C 79 -36.24 11.24 31.21
C ALA C 79 -36.29 10.15 30.13
N SER C 80 -35.87 10.49 28.91
CA SER C 80 -35.92 9.53 27.81
C SER C 80 -35.00 8.35 28.03
N GLN C 81 -33.76 8.60 28.45
CA GLN C 81 -32.84 7.49 28.65
C GLN C 81 -33.34 6.55 29.74
N VAL C 82 -33.95 7.11 30.79
CA VAL C 82 -34.58 6.30 31.83
C VAL C 82 -35.65 5.40 31.22
N ARG C 83 -36.51 5.96 30.35
CA ARG C 83 -37.56 5.14 29.74
C ARG C 83 -36.98 4.03 28.88
N GLU C 84 -35.88 4.31 28.18
CA GLU C 84 -35.25 3.27 27.37
C GLU C 84 -34.71 2.14 28.24
N VAL C 85 -34.01 2.49 29.33
CA VAL C 85 -33.51 1.47 30.25
C VAL C 85 -34.65 0.65 30.84
N LYS C 86 -35.74 1.33 31.25
CA LYS C 86 -36.88 0.63 31.82
C LYS C 86 -37.55 -0.28 30.79
N ARG C 87 -37.61 0.14 29.53
CA ARG C 87 -38.18 -0.72 28.50
C ARG C 87 -37.40 -2.01 28.36
N VAL C 88 -36.07 -1.93 28.47
CA VAL C 88 -35.27 -3.15 28.44
C VAL C 88 -35.49 -3.98 29.69
N LYS C 89 -35.47 -3.33 30.87
CA LYS C 89 -35.61 -4.06 32.12
C LYS C 89 -36.96 -4.77 32.22
N LYS C 90 -38.00 -4.17 31.66
CA LYS C 90 -39.35 -4.72 31.78
C LYS C 90 -39.73 -5.62 30.61
N SER C 91 -38.78 -5.91 29.71
CA SER C 91 -39.06 -6.74 28.55
C SER C 91 -39.57 -8.12 28.96
N GLU C 92 -38.96 -8.72 29.97
CA GLU C 92 -39.42 -10.00 30.52
C GLU C 92 -39.51 -9.98 32.05
N LYS C 100 -42.31 -19.13 26.20
CA LYS C 100 -41.92 -19.25 24.79
C LYS C 100 -40.58 -18.57 24.53
N LYS C 101 -40.36 -17.43 25.19
CA LYS C 101 -39.13 -16.68 24.99
C LYS C 101 -37.92 -17.42 25.56
N ARG C 102 -38.11 -18.19 26.64
CA ARG C 102 -36.98 -18.90 27.23
C ARG C 102 -36.53 -20.06 26.36
N LYS C 103 -37.47 -20.69 25.65
CA LYS C 103 -37.11 -21.68 24.66
C LYS C 103 -36.53 -21.02 23.41
N GLU C 104 -36.93 -19.77 23.15
CA GLU C 104 -36.55 -19.09 21.93
C GLU C 104 -35.18 -18.42 22.06
N TYR C 105 -34.89 -17.82 23.21
CA TYR C 105 -33.62 -17.15 23.49
C TYR C 105 -32.99 -17.78 24.72
N PRO C 106 -32.38 -18.97 24.57
CA PRO C 106 -31.89 -19.69 25.74
C PRO C 106 -30.61 -19.13 26.33
N ASP C 107 -29.94 -18.22 25.62
CA ASP C 107 -28.71 -17.62 26.11
C ASP C 107 -28.91 -16.20 26.59
N ALA C 108 -30.15 -15.81 26.90
CA ALA C 108 -30.45 -14.44 27.29
C ALA C 108 -29.57 -14.03 28.47
N ASN C 109 -29.11 -12.79 28.45
CA ASN C 109 -28.21 -12.24 29.45
C ASN C 109 -29.04 -11.49 30.49
N LYS C 110 -29.27 -12.13 31.64
CA LYS C 110 -30.22 -11.63 32.62
C LYS C 110 -29.53 -11.36 33.96
N ASP C 111 -30.11 -10.44 34.73
CA ASP C 111 -29.66 -10.12 36.09
C ASP C 111 -30.22 -11.15 37.07
N ASN C 112 -30.08 -10.88 38.37
CA ASN C 112 -30.48 -11.84 39.39
C ASN C 112 -31.99 -12.03 39.46
N PHE C 113 -32.76 -11.14 38.87
CA PHE C 113 -34.22 -11.23 38.89
C PHE C 113 -34.80 -11.71 37.57
N GLY C 114 -33.98 -12.25 36.69
CA GLY C 114 -34.47 -12.73 35.41
C GLY C 114 -34.78 -11.65 34.41
N ARG C 115 -34.28 -10.43 34.63
CA ARG C 115 -34.50 -9.32 33.72
C ARG C 115 -33.31 -9.16 32.80
N LEU C 116 -33.57 -8.80 31.54
CA LEU C 116 -32.50 -8.53 30.60
C LEU C 116 -31.59 -7.43 31.12
N ARG C 117 -30.29 -7.63 30.96
CA ARG C 117 -29.32 -6.62 31.36
C ARG C 117 -29.20 -5.54 30.28
N VAL C 118 -28.84 -4.33 30.71
CA VAL C 118 -28.68 -3.19 29.82
C VAL C 118 -27.66 -2.24 30.40
N GLY C 119 -26.90 -1.58 29.53
CA GLY C 119 -26.02 -0.51 29.90
C GLY C 119 -26.56 0.82 29.41
N ALA C 120 -26.01 1.90 29.96
CA ALA C 120 -26.38 3.25 29.52
C ALA C 120 -25.17 4.16 29.60
N ALA C 121 -24.99 4.97 28.56
CA ALA C 121 -23.86 5.90 28.50
C ALA C 121 -24.13 7.15 29.31
N ILE C 122 -23.08 7.67 29.94
CA ILE C 122 -23.09 8.98 30.58
C ILE C 122 -21.86 9.75 30.13
N GLY C 123 -21.84 11.05 30.42
CA GLY C 123 -20.69 11.88 30.20
C GLY C 123 -20.11 12.40 31.51
N VAL C 124 -19.02 13.16 31.36
CA VAL C 124 -18.34 13.74 32.51
C VAL C 124 -19.30 14.62 33.28
N GLY C 125 -19.32 14.44 34.61
CA GLY C 125 -20.05 15.34 35.49
C GLY C 125 -21.55 15.25 35.41
N GLN C 126 -22.10 14.14 34.92
CA GLN C 126 -23.55 14.00 34.81
C GLN C 126 -24.09 13.13 35.95
N MET C 127 -23.93 13.60 37.18
CA MET C 127 -24.33 12.77 38.30
C MET C 127 -25.86 12.65 38.39
N ASP C 128 -26.60 13.70 38.00
CA ASP C 128 -28.05 13.60 37.95
C ASP C 128 -28.49 12.46 37.02
N ARG C 129 -27.84 12.33 35.86
CA ARG C 129 -28.22 11.27 34.94
C ARG C 129 -27.88 9.89 35.54
N VAL C 130 -26.72 9.77 36.19
CA VAL C 130 -26.38 8.53 36.89
C VAL C 130 -27.46 8.19 37.93
N ASP C 131 -27.84 9.17 38.74
CA ASP C 131 -28.84 8.95 39.78
C ASP C 131 -30.09 8.29 39.20
N ALA C 132 -30.57 8.82 38.08
CA ALA C 132 -31.85 8.37 37.54
C ALA C 132 -31.71 7.02 36.84
N LEU C 133 -30.56 6.76 36.22
CA LEU C 133 -30.33 5.45 35.61
C LEU C 133 -30.23 4.36 36.68
N VAL C 134 -29.56 4.66 37.80
CA VAL C 134 -29.48 3.70 38.89
C VAL C 134 -30.87 3.38 39.42
N GLU C 135 -31.67 4.42 39.68
CA GLU C 135 -33.05 4.22 40.13
C GLU C 135 -33.87 3.40 39.15
N ALA C 136 -33.59 3.54 37.84
CA ALA C 136 -34.24 2.75 36.80
C ALA C 136 -33.73 1.32 36.72
N GLY C 137 -32.69 0.97 37.49
CA GLY C 137 -32.17 -0.37 37.47
C GLY C 137 -31.19 -0.69 36.36
N VAL C 138 -30.45 0.30 35.87
CA VAL C 138 -29.41 0.02 34.87
C VAL C 138 -28.38 -0.92 35.49
N ASP C 139 -27.86 -1.84 34.67
CA ASP C 139 -26.92 -2.83 35.18
C ASP C 139 -25.49 -2.32 35.21
N VAL C 140 -25.16 -1.41 34.30
CA VAL C 140 -23.79 -0.91 34.16
C VAL C 140 -23.87 0.47 33.52
N VAL C 141 -23.04 1.37 34.00
CA VAL C 141 -22.93 2.71 33.44
C VAL C 141 -21.65 2.77 32.62
N VAL C 142 -21.76 3.33 31.42
CA VAL C 142 -20.64 3.47 30.51
C VAL C 142 -20.27 4.94 30.47
N LEU C 143 -19.22 5.30 31.20
CA LEU C 143 -18.72 6.68 31.19
C LEU C 143 -17.85 6.81 29.95
N ASP C 144 -18.35 7.46 28.90
N ASP C 144 -18.36 7.54 28.96
CA ASP C 144 -17.57 7.55 27.67
CA ASP C 144 -17.71 7.69 27.68
C ASP C 144 -17.23 9.00 27.34
C ASP C 144 -17.20 9.11 27.51
N SER C 145 -15.94 9.23 27.10
CA SER C 145 -15.39 10.47 26.63
C SER C 145 -14.56 10.16 25.40
N ALA C 146 -14.38 11.18 24.56
CA ALA C 146 -13.39 11.10 23.50
C ALA C 146 -12.01 10.82 24.07
N HIS C 147 -11.76 11.28 25.30
CA HIS C 147 -10.45 11.12 25.95
C HIS C 147 -10.67 10.65 27.38
N GLY C 148 -10.70 9.33 27.57
CA GLY C 148 -10.90 8.79 28.91
C GLY C 148 -9.74 9.02 29.86
N HIS C 149 -8.55 9.28 29.34
CA HIS C 149 -7.36 9.49 30.18
C HIS C 149 -7.26 10.96 30.56
N SER C 150 -8.24 11.40 31.35
CA SER C 150 -8.36 12.80 31.73
C SER C 150 -8.85 12.95 33.17
N LYS C 151 -8.48 14.09 33.77
CA LYS C 151 -8.89 14.38 35.14
C LYS C 151 -10.41 14.36 35.27
N GLY C 152 -11.13 14.91 34.28
CA GLY C 152 -12.57 14.96 34.37
C GLY C 152 -13.19 13.58 34.46
N ILE C 153 -12.71 12.66 33.61
CA ILE C 153 -13.20 11.29 33.66
C ILE C 153 -12.84 10.63 34.98
N ILE C 154 -11.59 10.78 35.41
CA ILE C 154 -11.15 10.12 36.63
C ILE C 154 -11.89 10.69 37.84
N ASP C 155 -12.10 12.01 37.88
CA ASP C 155 -12.89 12.60 38.97
C ASP C 155 -14.32 12.06 38.96
N THR C 156 -14.86 11.77 37.77
CA THR C 156 -16.22 11.26 37.71
C THR C 156 -16.27 9.81 38.16
N VAL C 157 -15.27 9.01 37.79
CA VAL C 157 -15.17 7.65 38.31
C VAL C 157 -15.23 7.67 39.84
N LYS C 158 -14.43 8.54 40.46
CA LYS C 158 -14.33 8.51 41.91
C LYS C 158 -15.62 8.93 42.56
N ALA C 159 -16.30 9.94 41.99
CA ALA C 159 -17.56 10.42 42.57
C ALA C 159 -18.66 9.39 42.42
N ILE C 160 -18.70 8.66 41.31
CA ILE C 160 -19.72 7.63 41.14
C ILE C 160 -19.50 6.48 42.13
N LYS C 161 -18.24 6.02 42.25
CA LYS C 161 -17.93 4.92 43.17
C LYS C 161 -18.17 5.31 44.62
N ALA C 162 -17.92 6.57 44.98
CA ALA C 162 -18.17 7.01 46.35
C ALA C 162 -19.66 7.05 46.64
N LYS C 163 -20.49 7.32 45.63
CA LYS C 163 -21.93 7.38 45.85
C LYS C 163 -22.60 6.03 45.64
N TYR C 164 -22.09 5.24 44.69
CA TYR C 164 -22.66 3.94 44.32
C TYR C 164 -21.55 2.90 44.27
N PRO C 165 -21.07 2.44 45.43
CA PRO C 165 -19.91 1.54 45.43
C PRO C 165 -20.15 0.24 44.68
N ASN C 166 -21.40 -0.22 44.54
CA ASN C 166 -21.70 -1.47 43.88
C ASN C 166 -22.21 -1.31 42.44
N LEU C 167 -22.14 -0.09 41.89
CA LEU C 167 -22.52 0.11 40.50
C LEU C 167 -21.33 -0.22 39.60
N ASP C 168 -21.51 -1.21 38.72
CA ASP C 168 -20.48 -1.53 37.73
C ASP C 168 -20.29 -0.36 36.79
N LEU C 169 -19.03 -0.01 36.54
CA LEU C 169 -18.69 1.19 35.80
C LEU C 169 -17.69 0.83 34.70
N ILE C 170 -18.05 1.15 33.46
CA ILE C 170 -17.13 1.11 32.34
C ILE C 170 -16.68 2.53 32.04
N ALA C 171 -15.38 2.72 31.81
CA ALA C 171 -14.85 4.03 31.46
C ALA C 171 -13.95 3.93 30.23
N GLY C 172 -14.06 4.92 29.36
CA GLY C 172 -13.30 4.98 28.12
C GLY C 172 -13.52 6.33 27.47
N ASN C 173 -12.91 6.53 26.30
CA ASN C 173 -12.08 5.53 25.64
C ASN C 173 -10.60 5.82 25.85
N ILE C 174 -9.79 4.77 25.87
CA ILE C 174 -8.36 4.87 26.08
C ILE C 174 -7.65 4.10 24.96
N ALA C 175 -6.32 4.25 24.92
CA ALA C 175 -5.52 3.49 23.97
C ALA C 175 -4.10 3.26 24.46
N THR C 176 -3.78 3.51 25.73
CA THR C 176 -2.43 3.31 26.24
C THR C 176 -2.47 2.56 27.56
N ALA C 177 -1.33 1.95 27.89
CA ALA C 177 -1.21 1.26 29.18
C ALA C 177 -1.34 2.23 30.34
N ALA C 178 -0.76 3.43 30.21
CA ALA C 178 -0.85 4.42 31.29
C ALA C 178 -2.30 4.83 31.54
N ALA C 179 -3.07 4.98 30.48
CA ALA C 179 -4.49 5.28 30.65
C ALA C 179 -5.22 4.14 31.37
N ALA C 180 -4.96 2.89 30.96
CA ALA C 180 -5.61 1.76 31.62
C ALA C 180 -5.24 1.73 33.10
N LYS C 181 -3.98 2.01 33.42
CA LYS C 181 -3.56 2.00 34.81
C LYS C 181 -4.30 3.06 35.62
N ALA C 182 -4.42 4.27 35.07
CA ALA C 182 -5.09 5.35 35.79
C ALA C 182 -6.56 5.04 36.04
N LEU C 183 -7.26 4.49 35.04
CA LEU C 183 -8.67 4.15 35.25
C LEU C 183 -8.81 3.00 36.24
N CYS C 184 -7.97 1.98 36.11
CA CYS C 184 -8.04 0.85 37.03
C CYS C 184 -7.74 1.30 38.45
N GLU C 185 -6.78 2.21 38.60
CA GLU C 185 -6.45 2.67 39.94
C GLU C 185 -7.58 3.49 40.52
N ALA C 186 -8.39 4.12 39.66
CA ALA C 186 -9.55 4.86 40.13
C ALA C 186 -10.70 3.95 40.50
N GLY C 187 -10.62 2.65 40.21
CA GLY C 187 -11.62 1.69 40.59
C GLY C 187 -12.63 1.33 39.52
N VAL C 188 -12.31 1.51 38.23
CA VAL C 188 -13.29 1.13 37.20
C VAL C 188 -13.47 -0.39 37.18
N ASP C 189 -14.60 -0.83 36.64
CA ASP C 189 -14.86 -2.27 36.53
C ASP C 189 -14.54 -2.82 35.16
N ALA C 190 -14.34 -1.95 34.17
CA ALA C 190 -13.81 -2.34 32.86
C ALA C 190 -13.31 -1.06 32.21
N VAL C 191 -12.38 -1.22 31.27
CA VAL C 191 -11.92 -0.09 30.46
C VAL C 191 -12.34 -0.36 29.03
N LYS C 192 -12.63 0.71 28.30
CA LYS C 192 -13.02 0.60 26.89
C LYS C 192 -11.92 1.22 26.03
N VAL C 193 -11.42 0.43 25.08
CA VAL C 193 -10.24 0.76 24.30
C VAL C 193 -10.66 1.09 22.87
N GLY C 194 -10.22 2.26 22.39
CA GLY C 194 -10.35 2.61 21.00
C GLY C 194 -10.29 4.11 20.84
N ILE C 195 -9.18 4.64 20.32
CA ILE C 195 -9.09 6.06 19.99
C ILE C 195 -8.90 6.16 18.47
N GLY C 196 -9.98 6.50 17.76
CA GLY C 196 -9.92 6.72 16.35
C GLY C 196 -10.35 5.62 15.38
N PRO C 197 -10.47 4.34 15.79
CA PRO C 197 -10.63 3.29 14.77
C PRO C 197 -12.02 3.16 14.19
N GLY C 198 -13.04 3.74 14.82
CA GLY C 198 -14.42 3.62 14.35
C GLY C 198 -14.63 3.96 12.89
N SER C 199 -15.56 3.23 12.26
CA SER C 199 -15.88 3.44 10.84
C SER C 199 -16.21 4.90 10.54
N ILE C 200 -17.00 5.56 11.40
CA ILE C 200 -17.43 6.93 11.14
C ILE C 200 -16.51 7.97 11.79
N CYS C 201 -15.42 7.54 12.43
CA CYS C 201 -14.59 8.40 13.26
C CYS C 201 -13.52 9.12 12.46
N THR C 202 -13.32 10.41 12.74
CA THR C 202 -12.25 11.17 12.08
C THR C 202 -11.23 11.73 13.07
N THR C 203 -11.31 11.33 14.35
CA THR C 203 -10.38 11.79 15.39
C THR C 203 -8.92 11.74 14.93
N ARG C 204 -8.51 10.61 14.36
CA ARG C 204 -7.11 10.48 13.97
C ARG C 204 -6.75 11.47 12.88
N ILE C 205 -7.71 11.84 12.03
CA ILE C 205 -7.41 12.73 10.92
C ILE C 205 -7.49 14.19 11.32
N VAL C 206 -8.45 14.54 12.17
CA VAL C 206 -8.58 15.95 12.49
C VAL C 206 -7.61 16.34 13.59
N SER C 207 -7.28 15.42 14.49
CA SER C 207 -6.41 15.70 15.62
C SER C 207 -5.03 15.07 15.52
N GLY C 208 -4.84 14.08 14.66
CA GLY C 208 -3.55 13.45 14.55
C GLY C 208 -3.25 12.43 15.62
N VAL C 209 -4.24 12.08 16.45
CA VAL C 209 -4.05 11.32 17.68
C VAL C 209 -4.74 9.97 17.52
N GLY C 210 -4.06 8.91 17.95
CA GLY C 210 -4.66 7.59 17.95
C GLY C 210 -3.62 6.50 18.01
N VAL C 211 -4.10 5.29 18.31
CA VAL C 211 -3.25 4.10 18.29
C VAL C 211 -3.99 3.02 17.52
N PRO C 212 -3.38 2.46 16.46
CA PRO C 212 -3.97 1.31 15.75
C PRO C 212 -4.49 0.25 16.72
N GLN C 213 -5.68 -0.27 16.42
CA GLN C 213 -6.53 -0.86 17.44
C GLN C 213 -5.99 -2.16 18.01
N ILE C 214 -5.29 -2.97 17.22
CA ILE C 214 -4.76 -4.22 17.74
C ILE C 214 -3.68 -3.96 18.79
N SER C 215 -2.74 -3.06 18.48
CA SER C 215 -1.71 -2.69 19.44
C SER C 215 -2.31 -2.02 20.67
N ALA C 216 -3.37 -1.23 20.49
CA ALA C 216 -3.96 -0.55 21.64
C ALA C 216 -4.61 -1.54 22.59
N ILE C 217 -5.33 -2.53 22.06
CA ILE C 217 -5.89 -3.60 22.88
C ILE C 217 -4.77 -4.32 23.62
N ASP C 218 -3.75 -4.78 22.88
CA ASP C 218 -2.67 -5.56 23.48
C ASP C 218 -2.03 -4.81 24.65
N GLU C 219 -1.68 -3.54 24.43
CA GLU C 219 -1.05 -2.74 25.46
C GLU C 219 -1.98 -2.51 26.65
N CYS C 220 -3.26 -2.26 26.41
CA CYS C 220 -4.18 -1.98 27.50
C CYS C 220 -4.55 -3.25 28.27
N VAL C 221 -4.70 -4.37 27.56
CA VAL C 221 -4.97 -5.65 28.22
C VAL C 221 -3.82 -6.01 29.17
N GLU C 222 -2.57 -5.80 28.73
CA GLU C 222 -1.44 -6.15 29.59
C GLU C 222 -1.46 -5.36 30.90
N GLU C 223 -1.90 -4.11 30.84
CA GLU C 223 -1.97 -3.32 32.08
C GLU C 223 -3.22 -3.70 32.88
N ALA C 224 -4.39 -3.70 32.24
CA ALA C 224 -5.64 -3.92 32.97
C ALA C 224 -5.67 -5.29 33.64
N ASN C 225 -5.04 -6.31 33.01
CA ASN C 225 -4.98 -7.64 33.58
C ASN C 225 -4.32 -7.65 34.96
N LYS C 226 -3.40 -6.72 35.23
CA LYS C 226 -2.80 -6.64 36.56
C LYS C 226 -3.84 -6.33 37.62
N PHE C 227 -4.94 -5.69 37.23
CA PHE C 227 -6.00 -5.34 38.15
C PHE C 227 -7.20 -6.27 38.03
N GLY C 228 -7.12 -7.30 37.18
CA GLY C 228 -8.29 -8.14 36.95
C GLY C 228 -9.43 -7.41 36.28
N VAL C 229 -9.13 -6.43 35.44
CA VAL C 229 -10.14 -5.55 34.86
C VAL C 229 -10.29 -5.91 33.38
N PRO C 230 -11.49 -6.27 32.92
CA PRO C 230 -11.68 -6.62 31.50
C PRO C 230 -11.51 -5.41 30.59
N VAL C 231 -11.15 -5.69 29.34
CA VAL C 231 -10.99 -4.69 28.28
C VAL C 231 -12.10 -4.90 27.25
N ILE C 232 -12.79 -3.82 26.92
CA ILE C 232 -13.76 -3.78 25.83
C ILE C 232 -13.07 -3.17 24.61
N ALA C 233 -12.98 -3.94 23.53
CA ALA C 233 -12.39 -3.46 22.28
C ALA C 233 -13.49 -2.77 21.47
N ASP C 234 -13.39 -1.44 21.32
CA ASP C 234 -14.46 -0.61 20.79
C ASP C 234 -14.04 0.03 19.48
N GLY C 235 -14.64 -0.40 18.38
CA GLY C 235 -14.48 0.31 17.13
C GLY C 235 -13.53 -0.38 16.17
N GLY C 236 -13.79 -0.19 14.86
CA GLY C 236 -12.93 -0.73 13.82
C GLY C 236 -13.23 -2.14 13.39
N ILE C 237 -14.25 -2.78 13.98
CA ILE C 237 -14.60 -4.14 13.58
C ILE C 237 -15.32 -4.09 12.23
N LYS C 238 -14.72 -4.73 11.21
CA LYS C 238 -15.32 -4.80 9.89
C LYS C 238 -15.89 -6.18 9.55
N TYR C 239 -15.30 -7.24 10.08
CA TYR C 239 -15.69 -8.60 9.75
C TYR C 239 -15.63 -9.44 11.02
N SER C 240 -16.29 -10.61 10.97
CA SER C 240 -16.26 -11.49 12.13
C SER C 240 -14.84 -11.87 12.51
N GLY C 241 -13.92 -11.98 11.53
CA GLY C 241 -12.53 -12.26 11.85
C GLY C 241 -11.86 -11.21 12.73
N ASP C 242 -12.30 -9.96 12.63
CA ASP C 242 -11.75 -8.92 13.52
C ASP C 242 -12.18 -9.13 14.96
N ILE C 243 -13.41 -9.63 15.18
CA ILE C 243 -13.86 -9.97 16.52
C ILE C 243 -12.94 -11.03 17.11
N ALA C 244 -12.63 -12.06 16.32
CA ALA C 244 -11.75 -13.14 16.78
C ALA C 244 -10.37 -12.63 17.15
N LYS C 245 -9.78 -11.76 16.32
CA LYS C 245 -8.44 -11.24 16.61
C LYS C 245 -8.44 -10.36 17.86
N ALA C 246 -9.48 -9.54 18.03
CA ALA C 246 -9.54 -8.65 19.20
C ALA C 246 -9.64 -9.46 20.50
N LEU C 247 -10.51 -10.48 20.52
CA LEU C 247 -10.59 -11.36 21.68
C LEU C 247 -9.31 -12.15 21.87
N ALA C 248 -8.74 -12.70 20.79
CA ALA C 248 -7.54 -13.51 20.93
C ALA C 248 -6.39 -12.70 21.51
N VAL C 249 -6.32 -11.42 21.18
CA VAL C 249 -5.21 -10.62 21.69
C VAL C 249 -5.47 -10.16 23.11
N GLY C 250 -6.64 -10.45 23.68
CA GLY C 250 -6.81 -10.27 25.10
C GLY C 250 -8.03 -9.51 25.55
N ALA C 251 -8.71 -8.83 24.62
CA ALA C 251 -9.99 -8.21 24.97
C ALA C 251 -10.97 -9.26 25.46
N SER C 252 -11.81 -8.86 26.43
CA SER C 252 -12.87 -9.70 26.93
C SER C 252 -14.17 -9.53 26.16
N SER C 253 -14.36 -8.37 25.52
CA SER C 253 -15.58 -8.15 24.75
C SER C 253 -15.29 -7.14 23.65
N VAL C 254 -16.26 -6.99 22.75
CA VAL C 254 -16.13 -6.16 21.57
C VAL C 254 -17.37 -5.29 21.43
N MET C 255 -17.18 -4.00 21.19
CA MET C 255 -18.28 -3.09 20.95
C MET C 255 -18.34 -2.77 19.47
N ILE C 256 -19.54 -2.83 18.90
CA ILE C 256 -19.71 -2.76 17.46
C ILE C 256 -20.75 -1.70 17.12
N GLY C 257 -20.40 -0.81 16.20
CA GLY C 257 -21.35 0.17 15.69
C GLY C 257 -21.83 -0.12 14.26
N SER C 258 -20.94 0.03 13.26
CA SER C 258 -21.40 0.09 11.88
C SER C 258 -22.12 -1.19 11.47
N LEU C 259 -21.61 -2.35 11.92
CA LEU C 259 -22.20 -3.63 11.53
C LEU C 259 -23.62 -3.82 12.09
N LEU C 260 -24.00 -3.08 13.11
CA LEU C 260 -25.34 -3.22 13.64
C LEU C 260 -26.26 -2.07 13.23
N ALA C 261 -25.73 -1.02 12.62
CA ALA C 261 -26.53 0.17 12.34
C ALA C 261 -27.58 -0.07 11.25
N GLY C 262 -27.40 -1.07 10.38
CA GLY C 262 -28.34 -1.27 9.30
C GLY C 262 -29.38 -2.34 9.60
N THR C 263 -29.66 -2.57 10.87
CA THR C 263 -30.57 -3.64 11.25
C THR C 263 -31.98 -3.12 11.48
N ASP C 264 -32.93 -4.05 11.49
CA ASP C 264 -34.30 -3.71 11.85
C ASP C 264 -34.36 -2.97 13.18
N GLU C 265 -33.58 -3.44 14.16
CA GLU C 265 -33.79 -3.01 15.54
C GLU C 265 -33.11 -1.69 15.87
N SER C 266 -32.17 -1.23 15.05
CA SER C 266 -31.53 0.06 15.30
C SER C 266 -32.54 1.19 15.10
N PRO C 267 -32.32 2.33 15.74
CA PRO C 267 -33.24 3.45 15.56
C PRO C 267 -33.17 3.97 14.12
N GLY C 268 -34.13 4.82 13.79
CA GLY C 268 -34.18 5.38 12.46
C GLY C 268 -34.91 4.47 11.49
N GLU C 269 -35.44 5.08 10.44
CA GLU C 269 -36.26 4.35 9.50
C GLU C 269 -35.42 3.88 8.31
N LEU C 270 -35.89 2.81 7.68
CA LEU C 270 -35.35 2.40 6.40
C LEU C 270 -35.63 3.47 5.35
N PHE C 271 -34.75 3.55 4.35
CA PHE C 271 -35.01 4.42 3.21
C PHE C 271 -34.35 3.82 1.96
N THR C 272 -34.97 4.06 0.82
CA THR C 272 -34.50 3.54 -0.46
C THR C 272 -33.74 4.63 -1.21
N TYR C 273 -32.55 4.29 -1.69
CA TYR C 273 -31.74 5.18 -2.52
C TYR C 273 -31.27 4.38 -3.74
N GLN C 274 -31.95 4.57 -4.87
CA GLN C 274 -31.62 3.90 -6.13
C GLN C 274 -31.74 2.39 -5.98
N GLY C 275 -32.99 1.95 -5.76
CA GLY C 275 -33.34 0.54 -5.73
C GLY C 275 -32.76 -0.26 -4.59
N ARG C 276 -32.05 0.36 -3.65
CA ARG C 276 -31.44 -0.32 -2.52
C ARG C 276 -31.88 0.34 -1.21
N GLN C 277 -31.96 -0.47 -0.16
CA GLN C 277 -32.40 0.01 1.15
C GLN C 277 -31.22 0.32 2.05
N TYR C 278 -31.30 1.43 2.78
CA TYR C 278 -30.24 1.85 3.67
C TYR C 278 -30.82 2.31 5.00
N LYS C 279 -29.91 2.50 5.95
CA LYS C 279 -30.19 3.20 7.19
C LYS C 279 -29.06 4.18 7.45
N SER C 280 -29.40 5.27 8.13
CA SER C 280 -28.38 6.27 8.45
C SER C 280 -27.49 5.78 9.58
N TYR C 281 -26.21 6.15 9.51
CA TYR C 281 -25.24 5.85 10.54
C TYR C 281 -24.29 7.03 10.62
N ARG C 282 -24.09 7.54 11.83
CA ARG C 282 -23.31 8.77 12.01
C ARG C 282 -22.53 8.70 13.31
N GLY C 283 -21.37 9.34 13.31
CA GLY C 283 -20.63 9.50 14.54
C GLY C 283 -21.41 10.32 15.56
N MET C 284 -21.18 10.02 16.84
CA MET C 284 -21.76 10.84 17.89
C MET C 284 -21.03 12.17 18.04
N GLY C 285 -19.86 12.30 17.42
CA GLY C 285 -19.15 13.57 17.29
C GLY C 285 -19.29 14.22 15.93
N SER C 286 -20.22 13.75 15.10
CA SER C 286 -20.56 14.44 13.85
C SER C 286 -21.36 15.69 14.15
N LEU C 287 -21.48 16.56 13.16
CA LEU C 287 -22.31 17.75 13.31
C LEU C 287 -23.75 17.36 13.65
N GLY C 288 -24.38 16.55 12.78
CA GLY C 288 -25.79 16.19 12.98
C GLY C 288 -26.10 15.65 14.36
N ALA C 289 -25.18 14.86 14.93
CA ALA C 289 -25.38 14.35 16.28
C ALA C 289 -25.25 15.44 17.32
N MET C 290 -24.31 16.37 17.13
CA MET C 290 -24.08 17.40 18.12
C MET C 290 -25.08 18.55 18.02
N GLN C 291 -25.69 18.75 16.85
CA GLN C 291 -26.65 19.86 16.71
C GLN C 291 -27.84 19.67 17.63
N LYS C 292 -28.21 18.42 17.93
CA LYS C 292 -29.32 18.18 18.86
C LYS C 292 -28.96 18.72 20.24
N GLY C 293 -29.92 19.37 20.89
CA GLY C 293 -29.66 20.10 22.12
C GLY C 293 -29.50 19.26 23.36
N SER C 294 -29.64 17.93 23.25
CA SER C 294 -29.43 17.02 24.37
C SER C 294 -27.99 16.54 24.48
N SER C 295 -27.12 16.96 23.57
CA SER C 295 -25.72 16.53 23.57
C SER C 295 -24.91 17.52 24.40
N ASP C 296 -24.77 17.23 25.69
CA ASP C 296 -23.84 17.94 26.54
C ASP C 296 -22.45 17.34 26.35
N ARG C 297 -21.46 18.18 26.10
CA ARG C 297 -20.11 17.73 25.80
C ARG C 297 -19.10 18.41 26.72
N TYR C 298 -17.99 17.73 26.95
CA TYR C 298 -16.96 18.18 27.89
C TYR C 298 -15.66 18.49 27.16
N PHE C 299 -14.89 17.44 26.85
CA PHE C 299 -13.64 17.61 26.11
C PHE C 299 -13.88 18.25 24.75
N GLN C 300 -14.96 17.86 24.07
CA GLN C 300 -15.29 18.43 22.76
C GLN C 300 -15.92 19.81 22.86
N GLN C 301 -16.37 20.21 24.04
CA GLN C 301 -17.10 21.47 24.21
C GLN C 301 -16.41 22.36 25.24
N GLN C 305 -14.61 30.11 17.98
CA GLN C 305 -15.86 30.70 18.45
C GLN C 305 -17.02 29.72 18.31
N ASP C 306 -18.06 30.14 17.59
CA ASP C 306 -19.32 29.40 17.49
C ASP C 306 -19.15 28.00 16.91
N LYS C 307 -18.95 27.94 15.59
CA LYS C 307 -19.13 26.69 14.83
C LYS C 307 -18.32 25.55 15.42
N LEU C 308 -18.96 24.38 15.51
CA LEU C 308 -18.34 23.20 16.09
C LEU C 308 -17.34 22.56 15.14
N VAL C 309 -16.31 21.94 15.71
CA VAL C 309 -15.31 21.19 14.97
C VAL C 309 -15.59 19.71 15.21
N PRO C 310 -16.17 19.00 14.24
CA PRO C 310 -16.58 17.61 14.49
C PRO C 310 -15.41 16.63 14.44
N GLU C 311 -15.66 15.47 15.05
CA GLU C 311 -14.72 14.35 15.05
C GLU C 311 -15.32 13.12 14.37
N GLY C 312 -16.41 13.29 13.63
CA GLY C 312 -17.06 12.19 12.95
C GLY C 312 -17.87 12.70 11.78
N ILE C 313 -18.44 11.75 11.02
CA ILE C 313 -19.17 12.08 9.81
C ILE C 313 -20.57 11.49 9.89
N GLU C 314 -21.44 11.97 9.00
CA GLU C 314 -22.80 11.47 8.86
C GLU C 314 -22.90 10.68 7.56
N GLY C 315 -23.36 9.43 7.65
CA GLY C 315 -23.48 8.62 6.45
C GLY C 315 -24.59 7.59 6.49
N ARG C 316 -24.47 6.56 5.64
CA ARG C 316 -25.46 5.51 5.56
C ARG C 316 -24.76 4.16 5.43
N VAL C 317 -25.42 3.12 5.90
CA VAL C 317 -24.99 1.75 5.71
C VAL C 317 -26.13 1.00 5.02
N PRO C 318 -25.82 -0.10 4.32
CA PRO C 318 -26.91 -0.89 3.73
C PRO C 318 -27.75 -1.58 4.80
N TYR C 319 -29.01 -1.79 4.48
CA TYR C 319 -29.90 -2.59 5.32
C TYR C 319 -29.48 -4.06 5.29
N VAL C 320 -29.41 -4.69 6.47
CA VAL C 320 -28.89 -6.03 6.62
C VAL C 320 -29.88 -6.99 7.29
N GLY C 321 -31.11 -6.55 7.55
CA GLY C 321 -32.05 -7.43 8.23
C GLY C 321 -31.97 -7.36 9.73
N SER C 322 -32.23 -8.48 10.41
CA SER C 322 -32.33 -8.49 11.85
C SER C 322 -30.96 -8.50 12.51
N ILE C 323 -30.91 -7.98 13.74
CA ILE C 323 -29.71 -8.10 14.56
C ILE C 323 -29.35 -9.56 14.76
N ARG C 324 -30.37 -10.42 14.91
CA ARG C 324 -30.12 -11.83 15.13
C ARG C 324 -29.34 -12.44 13.97
N SER C 325 -29.73 -12.13 12.74
CA SER C 325 -29.02 -12.68 11.59
C SER C 325 -27.57 -12.20 11.55
N VAL C 326 -27.34 -10.92 11.83
CA VAL C 326 -25.98 -10.39 11.86
C VAL C 326 -25.16 -11.08 12.94
N VAL C 327 -25.69 -11.11 14.17
CA VAL C 327 -24.95 -11.71 15.28
C VAL C 327 -24.65 -13.17 15.00
N HIS C 328 -25.59 -13.89 14.38
CA HIS C 328 -25.35 -15.30 14.09
C HIS C 328 -24.09 -15.47 13.23
N GLN C 329 -23.95 -14.68 12.17
CA GLN C 329 -22.77 -14.77 11.32
C GLN C 329 -21.52 -14.35 12.08
N LEU C 330 -21.62 -13.30 12.91
CA LEU C 330 -20.45 -12.83 13.65
C LEU C 330 -19.96 -13.90 14.62
N LEU C 331 -20.88 -14.45 15.41
CA LEU C 331 -20.48 -15.51 16.35
C LEU C 331 -20.04 -16.78 15.63
N GLY C 332 -20.64 -17.07 14.48
CA GLY C 332 -20.16 -18.21 13.69
C GLY C 332 -18.71 -18.06 13.27
N GLY C 333 -18.33 -16.85 12.85
CA GLY C 333 -16.93 -16.59 12.54
C GLY C 333 -16.03 -16.75 13.74
N LEU C 334 -16.48 -16.26 14.91
CA LEU C 334 -15.66 -16.41 16.11
C LEU C 334 -15.51 -17.89 16.49
N ARG C 335 -16.60 -18.66 16.43
CA ARG C 335 -16.51 -20.08 16.71
C ARG C 335 -15.58 -20.79 15.73
N SER C 336 -15.67 -20.45 14.45
CA SER C 336 -14.77 -21.07 13.48
C SER C 336 -13.32 -20.77 13.84
N SER C 337 -13.04 -19.53 14.25
CA SER C 337 -11.69 -19.15 14.64
C SER C 337 -11.19 -19.97 15.83
N MET C 338 -12.00 -20.09 16.88
CA MET C 338 -11.62 -20.89 18.03
C MET C 338 -11.41 -22.34 17.64
N GLY C 339 -12.26 -22.86 16.74
CA GLY C 339 -12.04 -24.20 16.22
C GLY C 339 -10.69 -24.34 15.54
N TYR C 340 -10.31 -23.36 14.71
CA TYR C 340 -9.01 -23.42 14.05
C TYR C 340 -7.88 -23.38 15.06
N VAL C 341 -8.06 -22.65 16.17
CA VAL C 341 -6.99 -22.50 17.13
C VAL C 341 -6.94 -23.70 18.07
N GLY C 342 -8.03 -24.44 18.19
CA GLY C 342 -8.11 -25.55 19.13
C GLY C 342 -8.65 -25.16 20.49
N ALA C 343 -9.33 -24.01 20.58
CA ALA C 343 -9.67 -23.41 21.87
C ALA C 343 -11.06 -23.82 22.32
N LYS C 344 -11.16 -24.31 23.56
CA LYS C 344 -12.46 -24.72 24.09
C LYS C 344 -13.28 -23.54 24.61
N ASP C 345 -12.65 -22.42 24.93
CA ASP C 345 -13.37 -21.25 25.43
C ASP C 345 -12.48 -20.02 25.26
N ILE C 346 -13.00 -18.86 25.68
CA ILE C 346 -12.34 -17.59 25.38
C ILE C 346 -10.98 -17.50 26.05
N GLU C 347 -10.92 -17.87 27.33
CA GLU C 347 -9.66 -17.83 28.05
C GLU C 347 -8.62 -18.75 27.42
N ASP C 348 -9.04 -19.96 26.99
CA ASP C 348 -8.16 -20.88 26.30
C ASP C 348 -7.72 -20.31 24.95
N PHE C 349 -8.65 -19.69 24.23
CA PHE C 349 -8.37 -18.99 22.99
C PHE C 349 -7.24 -17.97 23.16
N GLN C 350 -7.30 -17.19 24.24
CA GLN C 350 -6.28 -16.16 24.50
C GLN C 350 -4.96 -16.78 24.90
N LYS C 351 -4.99 -17.89 25.65
CA LYS C 351 -3.76 -18.58 26.01
C LYS C 351 -3.08 -19.21 24.79
N ARG C 352 -3.85 -19.73 23.84
CA ARG C 352 -3.28 -20.46 22.71
C ARG C 352 -2.93 -19.55 21.54
N ALA C 353 -3.50 -18.36 21.47
CA ALA C 353 -3.41 -17.52 20.28
C ALA C 353 -1.97 -17.20 19.92
N GLU C 354 -1.63 -17.45 18.65
CA GLU C 354 -0.35 -17.02 18.08
C GLU C 354 -0.61 -16.28 16.78
N PHE C 355 0.01 -15.12 16.61
CA PHE C 355 -0.25 -14.26 15.47
C PHE C 355 0.91 -14.30 14.49
N VAL C 356 0.61 -14.01 13.24
CA VAL C 356 1.63 -13.65 12.24
C VAL C 356 1.29 -12.26 11.72
N GLU C 357 2.32 -11.46 11.49
CA GLU C 357 2.17 -10.20 10.80
C GLU C 357 2.28 -10.47 9.30
N ILE C 358 1.38 -9.86 8.53
CA ILE C 358 1.29 -10.11 7.10
C ILE C 358 1.55 -8.79 6.38
N THR C 359 1.74 -8.89 5.07
CA THR C 359 1.92 -7.71 4.24
C THR C 359 0.61 -7.35 3.54
N THR C 360 0.65 -6.24 2.82
CA THR C 360 -0.44 -5.86 1.93
C THR C 360 -0.77 -6.97 0.94
N ALA C 361 0.27 -7.58 0.34
CA ALA C 361 0.05 -8.70 -0.57
C ALA C 361 -0.64 -9.84 0.15
N GLY C 362 -0.21 -10.15 1.38
CA GLY C 362 -0.87 -11.19 2.16
C GLY C 362 -2.31 -10.85 2.48
N LEU C 363 -2.61 -9.55 2.66
CA LEU C 363 -3.99 -9.11 2.86
C LEU C 363 -4.80 -9.31 1.58
N LYS C 364 -4.25 -8.89 0.44
CA LYS C 364 -4.93 -9.10 -0.84
C LYS C 364 -5.25 -10.58 -1.03
N GLU C 365 -4.29 -11.44 -0.71
CA GLU C 365 -4.47 -12.88 -0.83
C GLU C 365 -5.57 -13.40 0.09
N SER C 366 -5.78 -12.72 1.23
CA SER C 366 -6.73 -13.21 2.22
C SER C 366 -8.17 -12.94 1.81
N HIS C 367 -8.43 -11.74 1.28
CA HIS C 367 -9.73 -11.42 0.72
C HIS C 367 -10.00 -12.28 -0.53
N VAL C 368 -11.21 -12.15 -1.06
CA VAL C 368 -11.50 -12.72 -2.37
C VAL C 368 -10.68 -11.97 -3.41
N HIS C 369 -10.14 -12.71 -4.38
CA HIS C 369 -9.31 -12.09 -5.40
C HIS C 369 -9.44 -12.87 -6.70
N ASP C 370 -9.28 -12.16 -7.83
CA ASP C 370 -9.22 -12.77 -9.16
C ASP C 370 -10.51 -13.50 -9.54
N VAL C 371 -11.60 -13.24 -8.81
CA VAL C 371 -12.91 -13.82 -9.10
C VAL C 371 -13.95 -12.73 -8.93
N THR C 372 -14.92 -12.69 -9.83
CA THR C 372 -16.03 -11.74 -9.73
C THR C 372 -17.16 -12.38 -8.94
N ILE C 373 -17.49 -11.80 -7.78
CA ILE C 373 -18.57 -12.32 -6.96
C ILE C 373 -19.91 -12.05 -7.63
N THR C 374 -20.78 -13.06 -7.66
CA THR C 374 -22.11 -12.94 -8.24
C THR C 374 -23.25 -13.21 -7.28
N HIS C 375 -23.01 -13.94 -6.18
CA HIS C 375 -23.98 -14.12 -5.11
C HIS C 375 -23.41 -13.49 -3.85
N GLU C 376 -24.27 -12.90 -3.05
CA GLU C 376 -23.85 -12.16 -1.86
C GLU C 376 -23.76 -13.12 -0.68
N ALA C 377 -22.58 -13.20 -0.09
CA ALA C 377 -22.39 -14.01 1.10
C ALA C 377 -22.93 -13.27 2.34
N PRO C 378 -23.49 -14.02 3.30
CA PRO C 378 -24.07 -13.37 4.49
C PRO C 378 -23.04 -12.77 5.42
N ASN C 379 -21.76 -13.11 5.27
CA ASN C 379 -20.72 -12.67 6.21
C ASN C 379 -19.52 -12.04 5.52
N TYR C 380 -19.65 -11.70 4.23
CA TYR C 380 -18.52 -11.12 3.50
C TYR C 380 -19.02 -10.12 2.47
N LYS C 381 -18.44 -8.93 2.47
CA LYS C 381 -18.75 -7.90 1.48
C LYS C 381 -17.56 -6.96 1.28
N ALA D 3 28.44 0.48 -2.78
CA ALA D 3 27.02 0.32 -2.42
C ALA D 3 26.36 1.67 -2.18
N MET D 4 25.04 1.70 -2.40
CA MET D 4 24.29 2.96 -2.30
C MET D 4 24.08 3.35 -0.85
N LYS D 5 24.30 4.63 -0.57
CA LYS D 5 24.19 5.15 0.80
C LYS D 5 22.76 5.57 1.04
N ILE D 6 21.99 4.71 1.71
CA ILE D 6 20.74 5.10 2.35
C ILE D 6 21.08 5.51 3.77
N VAL D 7 20.81 6.78 4.10
CA VAL D 7 21.12 7.30 5.43
C VAL D 7 19.92 7.28 6.37
N LYS D 8 18.73 6.98 5.87
CA LYS D 8 17.51 7.13 6.67
C LYS D 8 16.34 6.45 5.96
N ARG D 9 15.45 5.88 6.76
CA ARG D 9 14.08 5.54 6.34
C ARG D 9 13.18 6.67 6.79
N ALA D 10 12.70 7.47 5.85
CA ALA D 10 12.05 8.74 6.17
C ALA D 10 10.54 8.61 6.13
N LEU D 11 9.89 9.22 7.13
CA LEU D 11 8.45 9.15 7.31
C LEU D 11 7.78 10.49 6.98
N THR D 12 6.51 10.43 6.59
CA THR D 12 5.76 11.66 6.52
C THR D 12 4.49 11.55 7.39
N PHE D 13 3.59 12.54 7.23
CA PHE D 13 2.47 12.71 8.15
C PHE D 13 1.64 11.42 8.27
N GLU D 14 1.28 10.84 7.13
N GLU D 14 1.23 10.84 7.14
CA GLU D 14 0.40 9.66 7.10
CA GLU D 14 0.37 9.66 7.21
C GLU D 14 1.04 8.45 7.76
C GLU D 14 1.04 8.45 7.83
N ASP D 15 2.36 8.48 8.00
CA ASP D 15 3.06 7.35 8.61
C ASP D 15 2.97 7.29 10.13
N VAL D 16 2.52 8.37 10.79
CA VAL D 16 2.61 8.47 12.24
C VAL D 16 1.31 9.00 12.85
N LEU D 17 1.13 8.69 14.13
CA LEU D 17 0.06 9.24 14.95
C LEU D 17 0.64 9.63 16.31
N LEU D 18 0.01 10.62 16.93
CA LEU D 18 0.34 11.01 18.30
C LEU D 18 -0.40 10.10 19.29
N ARG D 19 0.31 9.64 20.30
CA ARG D 19 -0.37 8.92 21.37
C ARG D 19 -1.12 9.90 22.27
N PRO D 20 -2.31 9.52 22.75
CA PRO D 20 -2.95 10.32 23.81
C PRO D 20 -2.14 10.27 25.10
N GLY D 21 -2.27 11.33 25.91
CA GLY D 21 -1.61 11.38 27.20
C GLY D 21 -2.58 11.84 28.29
N TYR D 22 -2.14 11.77 29.52
CA TYR D 22 -2.97 12.25 30.63
C TYR D 22 -3.23 13.75 30.45
N SER D 23 -4.50 14.15 30.50
CA SER D 23 -4.87 15.53 30.22
C SER D 23 -5.67 16.15 31.36
N GLU D 24 -5.27 17.37 31.74
CA GLU D 24 -6.04 18.19 32.68
C GLU D 24 -6.50 19.49 32.04
N VAL D 25 -6.42 19.62 30.72
CA VAL D 25 -6.68 20.85 29.99
C VAL D 25 -7.75 20.60 28.94
N LEU D 26 -8.61 21.57 28.76
CA LEU D 26 -9.59 21.40 27.70
C LEU D 26 -9.11 22.06 26.41
N PRO D 27 -9.50 21.52 25.25
CA PRO D 27 -9.08 22.15 23.99
C PRO D 27 -9.36 23.65 23.93
N LYS D 28 -10.47 24.11 24.50
CA LYS D 28 -10.78 25.53 24.49
C LYS D 28 -9.79 26.35 25.31
N GLU D 29 -9.08 25.74 26.27
CA GLU D 29 -8.20 26.45 27.18
C GLU D 29 -6.72 26.43 26.77
N VAL D 30 -6.30 25.68 25.79
CA VAL D 30 -4.88 25.63 25.49
C VAL D 30 -4.48 26.91 24.75
N LYS D 31 -3.21 27.26 24.86
CA LYS D 31 -2.69 28.46 24.19
C LYS D 31 -1.92 28.02 22.96
N ILE D 32 -2.09 28.75 21.84
CA ILE D 32 -1.50 28.37 20.56
C ILE D 32 -0.61 29.48 19.99
N HIS D 33 -0.17 30.42 20.82
N HIS D 33 -0.19 30.43 20.82
CA HIS D 33 0.87 31.37 20.42
CA HIS D 33 0.87 31.36 20.43
C HIS D 33 2.16 30.63 20.12
C HIS D 33 2.12 30.58 20.05
N THR D 34 2.93 31.18 19.18
CA THR D 34 4.18 30.56 18.77
C THR D 34 5.10 31.63 18.20
N LYS D 35 6.32 31.22 17.90
CA LYS D 35 7.30 32.12 17.30
C LYS D 35 7.37 31.89 15.80
N LEU D 36 7.23 32.98 15.04
CA LEU D 36 7.48 32.96 13.60
C LEU D 36 8.98 33.00 13.30
N THR D 37 9.67 33.95 13.92
CA THR D 37 11.11 34.08 13.82
C THR D 37 11.65 34.30 15.21
N LYS D 38 12.96 34.55 15.30
CA LYS D 38 13.59 34.83 16.58
C LYS D 38 12.90 35.99 17.30
N ASN D 39 12.37 36.96 16.54
CA ASN D 39 11.84 38.20 17.12
C ASN D 39 10.36 38.45 16.85
N ILE D 40 9.66 37.62 16.11
CA ILE D 40 8.28 37.89 15.75
C ILE D 40 7.42 36.73 16.26
N THR D 41 6.46 37.04 17.12
CA THR D 41 5.52 36.04 17.61
C THR D 41 4.26 36.02 16.75
N LEU D 42 3.64 34.86 16.67
CA LEU D 42 2.31 34.70 16.13
C LEU D 42 1.36 34.34 17.26
N ASN D 43 0.09 34.72 17.11
CA ASN D 43 -0.91 34.30 18.08
C ASN D 43 -1.55 32.98 17.70
N MET D 44 -1.33 32.49 16.48
CA MET D 44 -1.72 31.16 16.07
C MET D 44 -0.74 30.72 14.98
N PRO D 45 -0.52 29.41 14.81
CA PRO D 45 0.71 28.98 14.11
C PRO D 45 0.61 28.86 12.60
N LEU D 46 -0.35 29.51 11.93
CA LEU D 46 -0.58 29.29 10.52
C LEU D 46 -0.11 30.46 9.66
N ILE D 47 0.54 30.15 8.53
CA ILE D 47 1.02 31.10 7.54
C ILE D 47 0.46 30.70 6.17
N SER D 48 -0.14 31.65 5.45
CA SER D 48 -0.58 31.37 4.09
C SER D 48 0.61 31.47 3.12
N ALA D 49 0.65 30.54 2.15
CA ALA D 49 1.81 30.37 1.29
C ALA D 49 2.01 31.56 0.34
N ALA D 50 3.28 31.77 -0.05
CA ALA D 50 3.63 32.84 -0.99
C ALA D 50 3.42 32.37 -2.43
N MET D 51 2.14 32.21 -2.78
CA MET D 51 1.76 31.71 -4.10
C MET D 51 0.72 32.65 -4.71
N ASP D 52 0.78 32.81 -6.04
CA ASP D 52 -0.06 33.81 -6.69
C ASP D 52 -1.51 33.36 -6.82
N THR D 53 -1.84 32.18 -6.31
CA THR D 53 -3.23 31.76 -6.15
C THR D 53 -3.61 31.59 -4.68
N VAL D 54 -2.80 32.10 -3.75
CA VAL D 54 -3.12 31.99 -2.32
C VAL D 54 -3.10 33.35 -1.62
N THR D 55 -1.97 34.06 -1.66
CA THR D 55 -1.78 35.23 -0.80
C THR D 55 -1.44 36.48 -1.60
N GLU D 56 -2.41 37.40 -1.67
CA GLU D 56 -2.10 38.82 -1.85
C GLU D 56 -2.73 39.56 -0.67
N HIS D 57 -3.00 40.86 -0.78
CA HIS D 57 -3.23 41.66 0.43
C HIS D 57 -4.46 41.20 1.20
N ARG D 58 -5.53 40.78 0.51
CA ARG D 58 -6.73 40.43 1.25
C ARG D 58 -6.52 39.17 2.08
N ALA D 59 -5.85 38.16 1.51
CA ALA D 59 -5.56 36.96 2.29
C ALA D 59 -4.61 37.28 3.44
N ALA D 60 -3.60 38.11 3.19
CA ALA D 60 -2.63 38.45 4.23
C ALA D 60 -3.30 39.17 5.39
N ILE D 61 -4.29 40.00 5.09
CA ILE D 61 -4.98 40.76 6.13
C ILE D 61 -5.80 39.83 7.02
N MET D 62 -6.53 38.89 6.42
CA MET D 62 -7.31 37.97 7.24
C MET D 62 -6.41 37.07 8.08
N MET D 63 -5.32 36.56 7.49
CA MET D 63 -4.42 35.71 8.25
C MET D 63 -3.84 36.46 9.45
N ALA D 64 -3.42 37.72 9.25
CA ALA D 64 -2.92 38.53 10.35
C ALA D 64 -4.02 38.84 11.37
N ARG D 65 -5.24 39.17 10.89
CA ARG D 65 -6.34 39.45 11.81
C ARG D 65 -6.66 38.26 12.70
N LEU D 66 -6.52 37.05 12.16
CA LEU D 66 -6.77 35.83 12.91
C LEU D 66 -5.59 35.39 13.74
N GLY D 67 -4.46 36.12 13.68
CA GLY D 67 -3.33 35.88 14.55
C GLY D 67 -2.10 35.31 13.86
N GLY D 68 -2.21 34.88 12.61
CA GLY D 68 -1.11 34.29 11.85
C GLY D 68 -0.45 35.30 10.95
N LEU D 69 -0.11 34.86 9.73
CA LEU D 69 0.61 35.71 8.79
C LEU D 69 0.31 35.27 7.37
N GLY D 70 0.31 36.26 6.46
CA GLY D 70 0.39 36.01 5.03
C GLY D 70 1.72 36.47 4.48
N VAL D 71 2.21 35.76 3.47
CA VAL D 71 3.42 36.12 2.75
C VAL D 71 3.02 36.48 1.33
N ILE D 72 3.11 37.78 1.00
CA ILE D 72 2.82 38.23 -0.36
C ILE D 72 3.79 37.58 -1.33
N HIS D 73 3.25 36.94 -2.36
CA HIS D 73 4.10 36.28 -3.34
C HIS D 73 4.86 37.31 -4.18
N LYS D 74 5.87 36.82 -4.89
CA LYS D 74 6.79 37.68 -5.63
C LYS D 74 6.61 37.58 -7.15
N ASN D 75 5.54 36.94 -7.61
CA ASN D 75 5.24 36.86 -9.04
C ASN D 75 4.50 38.12 -9.48
N MET D 76 5.17 39.26 -9.26
CA MET D 76 4.66 40.57 -9.61
C MET D 76 5.83 41.54 -9.53
N ASP D 77 5.68 42.69 -10.17
CA ASP D 77 6.75 43.68 -10.15
C ASP D 77 6.87 44.30 -8.75
N ILE D 78 8.02 44.94 -8.54
CA ILE D 78 8.34 45.47 -7.21
C ILE D 78 7.28 46.46 -6.74
N ALA D 79 6.87 47.38 -7.64
CA ALA D 79 5.85 48.36 -7.30
C ALA D 79 4.57 47.68 -6.82
N SER D 80 4.12 46.66 -7.56
CA SER D 80 2.91 45.92 -7.19
C SER D 80 3.04 45.26 -5.83
N GLN D 81 4.20 44.64 -5.55
CA GLN D 81 4.36 43.97 -4.27
C GLN D 81 4.43 44.97 -3.11
N VAL D 82 4.98 46.15 -3.36
CA VAL D 82 4.97 47.22 -2.37
C VAL D 82 3.53 47.64 -2.06
N ARG D 83 2.73 47.87 -3.10
CA ARG D 83 1.32 48.23 -2.89
C ARG D 83 0.60 47.16 -2.09
N GLU D 84 0.90 45.89 -2.34
CA GLU D 84 0.27 44.81 -1.59
C GLU D 84 0.67 44.87 -0.11
N VAL D 85 1.96 45.03 0.16
CA VAL D 85 2.42 45.17 1.55
C VAL D 85 1.79 46.39 2.20
N LYS D 86 1.79 47.52 1.50
CA LYS D 86 1.22 48.74 2.06
C LYS D 86 -0.27 48.56 2.36
N ARG D 87 -0.98 47.84 1.48
CA ARG D 87 -2.40 47.61 1.71
C ARG D 87 -2.64 46.86 3.02
N VAL D 88 -1.74 45.93 3.37
CA VAL D 88 -1.87 45.21 4.62
C VAL D 88 -1.50 46.13 5.80
N LYS D 89 -0.36 46.81 5.71
CA LYS D 89 0.09 47.64 6.83
C LYS D 89 -0.93 48.71 7.16
N LYS D 90 -1.56 49.32 6.15
CA LYS D 90 -2.51 50.41 6.36
C LYS D 90 -3.92 49.92 6.66
N SER D 91 -4.13 48.61 6.78
CA SER D 91 -5.48 48.09 7.04
C SER D 91 -6.01 48.56 8.38
N GLU D 92 -5.21 48.40 9.45
CA GLU D 92 -5.59 48.88 10.78
C GLU D 92 -4.63 49.99 11.25
N LYS D 100 -14.31 48.57 16.29
CA LYS D 100 -15.19 47.46 15.97
C LYS D 100 -14.37 46.20 15.71
N LYS D 101 -13.20 46.38 15.08
CA LYS D 101 -12.36 45.26 14.71
C LYS D 101 -11.60 44.68 15.91
N ARG D 102 -11.20 45.54 16.85
CA ARG D 102 -10.46 45.05 18.01
C ARG D 102 -11.32 44.12 18.86
N LYS D 103 -12.63 44.34 18.91
CA LYS D 103 -13.52 43.36 19.51
C LYS D 103 -13.81 42.21 18.55
N GLU D 104 -13.72 42.46 17.24
CA GLU D 104 -14.06 41.46 16.24
C GLU D 104 -12.92 40.48 16.00
N TYR D 105 -11.68 40.98 15.94
CA TYR D 105 -10.50 40.16 15.70
C TYR D 105 -9.56 40.36 16.88
N PRO D 106 -9.84 39.74 18.03
CA PRO D 106 -9.06 40.04 19.24
C PRO D 106 -7.68 39.40 19.24
N ASP D 107 -7.39 38.44 18.37
CA ASP D 107 -6.07 37.82 18.33
C ASP D 107 -5.19 38.36 17.22
N ALA D 108 -5.53 39.53 16.68
CA ALA D 108 -4.82 40.09 15.54
C ALA D 108 -3.32 40.21 15.82
N ASN D 109 -2.52 39.91 14.81
CA ASN D 109 -1.06 39.87 14.93
C ASN D 109 -0.52 41.22 14.44
N LYS D 110 -0.13 42.07 15.38
CA LYS D 110 0.22 43.45 15.05
C LYS D 110 1.67 43.76 15.45
N ASP D 111 2.26 44.73 14.74
CA ASP D 111 3.58 45.24 15.06
C ASP D 111 3.46 46.27 16.20
N ASN D 112 4.56 46.98 16.49
CA ASN D 112 4.59 47.88 17.64
C ASN D 112 3.69 49.09 17.47
N PHE D 113 3.21 49.37 16.27
CA PHE D 113 2.37 50.53 16.02
C PHE D 113 0.91 50.16 15.81
N GLY D 114 0.52 48.94 16.17
CA GLY D 114 -0.85 48.50 15.96
C GLY D 114 -1.19 48.07 14.56
N ARG D 115 -0.21 47.96 13.67
CA ARG D 115 -0.47 47.58 12.28
C ARG D 115 -0.32 46.08 12.09
N LEU D 116 -1.21 45.52 11.27
CA LEU D 116 -1.12 44.09 10.93
C LEU D 116 0.26 43.74 10.40
N ARG D 117 0.82 42.64 10.91
CA ARG D 117 2.06 42.10 10.38
C ARG D 117 1.85 41.52 8.98
N VAL D 118 2.89 41.63 8.15
CA VAL D 118 2.88 41.03 6.82
C VAL D 118 4.29 40.59 6.44
N GLY D 119 4.36 39.51 5.66
CA GLY D 119 5.61 39.09 5.06
C GLY D 119 5.57 39.21 3.54
N ALA D 120 6.73 39.23 2.90
CA ALA D 120 6.80 39.26 1.44
C ALA D 120 7.93 38.37 0.97
N ALA D 121 7.69 37.67 -0.14
CA ALA D 121 8.69 36.78 -0.71
C ALA D 121 9.65 37.54 -1.60
N ILE D 122 10.92 37.13 -1.58
CA ILE D 122 11.94 37.61 -2.50
C ILE D 122 12.74 36.43 -3.01
N GLY D 123 13.53 36.67 -4.07
CA GLY D 123 14.39 35.67 -4.65
C GLY D 123 15.86 36.05 -4.48
N VAL D 124 16.73 35.14 -4.94
CA VAL D 124 18.17 35.37 -4.86
C VAL D 124 18.52 36.65 -5.59
N GLY D 125 19.39 37.46 -4.98
CA GLY D 125 19.90 38.66 -5.62
C GLY D 125 18.94 39.83 -5.75
N GLN D 126 17.71 39.72 -5.24
CA GLN D 126 16.73 40.78 -5.46
C GLN D 126 16.82 41.88 -4.40
N MET D 127 17.97 42.55 -4.34
CA MET D 127 18.16 43.55 -3.30
C MET D 127 17.30 44.79 -3.56
N ASP D 128 17.10 45.16 -4.83
CA ASP D 128 16.17 46.24 -5.15
C ASP D 128 14.80 45.97 -4.58
N ARG D 129 14.32 44.73 -4.71
CA ARG D 129 13.02 44.40 -4.16
C ARG D 129 13.04 44.48 -2.63
N VAL D 130 14.15 44.06 -2.00
CA VAL D 130 14.28 44.17 -0.56
C VAL D 130 14.19 45.63 -0.11
N ASP D 131 14.97 46.50 -0.73
CA ASP D 131 14.96 47.92 -0.36
C ASP D 131 13.54 48.47 -0.35
N ALA D 132 12.76 48.13 -1.39
CA ALA D 132 11.43 48.70 -1.51
C ALA D 132 10.47 48.07 -0.51
N LEU D 133 10.62 46.78 -0.21
CA LEU D 133 9.77 46.17 0.81
C LEU D 133 10.10 46.72 2.20
N VAL D 134 11.38 46.87 2.51
CA VAL D 134 11.77 47.49 3.78
C VAL D 134 11.15 48.87 3.90
N GLU D 135 11.28 49.68 2.85
CA GLU D 135 10.73 51.04 2.86
C GLU D 135 9.20 51.02 3.01
N ALA D 136 8.54 49.98 2.53
CA ALA D 136 7.09 49.86 2.71
C ALA D 136 6.71 49.33 4.09
N GLY D 137 7.67 49.01 4.95
CA GLY D 137 7.34 48.55 6.29
C GLY D 137 7.05 47.07 6.42
N VAL D 138 7.58 46.23 5.53
CA VAL D 138 7.36 44.80 5.66
C VAL D 138 7.98 44.32 6.96
N ASP D 139 7.32 43.37 7.62
CA ASP D 139 7.76 42.91 8.92
C ASP D 139 8.84 41.84 8.81
N VAL D 140 8.86 41.11 7.71
CA VAL D 140 9.71 39.95 7.55
C VAL D 140 9.78 39.64 6.06
N VAL D 141 10.97 39.29 5.61
CA VAL D 141 11.21 38.94 4.23
C VAL D 141 11.42 37.43 4.16
N VAL D 142 10.81 36.78 3.16
CA VAL D 142 10.89 35.34 3.00
C VAL D 142 11.70 35.07 1.74
N LEU D 143 12.98 34.76 1.94
CA LEU D 143 13.89 34.44 0.86
C LEU D 143 13.56 33.02 0.40
N ASP D 144 12.93 32.91 -0.75
CA ASP D 144 12.37 31.66 -1.23
C ASP D 144 13.18 31.17 -2.41
N SER D 145 13.62 29.92 -2.34
CA SER D 145 14.23 29.21 -3.45
C SER D 145 13.79 27.76 -3.41
N ALA D 146 13.75 27.14 -4.60
CA ALA D 146 13.57 25.69 -4.67
C ALA D 146 14.61 24.96 -3.85
N HIS D 147 15.82 25.54 -3.76
CA HIS D 147 16.95 24.92 -3.07
C HIS D 147 17.59 25.98 -2.17
N GLY D 148 17.16 26.04 -0.92
CA GLY D 148 17.71 27.03 -0.01
C GLY D 148 19.14 26.72 0.44
N HIS D 149 19.56 25.46 0.33
CA HIS D 149 20.93 25.09 0.73
C HIS D 149 21.88 25.32 -0.45
N SER D 150 22.09 26.60 -0.78
CA SER D 150 22.85 26.99 -1.96
C SER D 150 23.65 28.27 -1.69
N LYS D 151 24.73 28.41 -2.43
CA LYS D 151 25.58 29.60 -2.33
C LYS D 151 24.77 30.87 -2.58
N GLY D 152 23.89 30.83 -3.58
CA GLY D 152 23.11 32.01 -3.91
C GLY D 152 22.23 32.47 -2.77
N ILE D 153 21.60 31.52 -2.08
CA ILE D 153 20.75 31.88 -0.94
C ILE D 153 21.60 32.42 0.21
N ILE D 154 22.69 31.72 0.52
CA ILE D 154 23.52 32.09 1.65
C ILE D 154 24.14 33.47 1.43
N ASP D 155 24.69 33.70 0.22
CA ASP D 155 25.22 35.02 -0.10
C ASP D 155 24.15 36.10 0.03
N THR D 156 22.91 35.78 -0.37
CA THR D 156 21.84 36.75 -0.26
C THR D 156 21.48 37.02 1.19
N VAL D 157 21.46 35.97 2.02
CA VAL D 157 21.23 36.18 3.45
C VAL D 157 22.24 37.17 4.01
N LYS D 158 23.51 36.98 3.64
CA LYS D 158 24.58 37.79 4.24
C LYS D 158 24.49 39.23 3.76
N ALA D 159 24.16 39.43 2.48
CA ALA D 159 24.03 40.79 1.96
C ALA D 159 22.86 41.52 2.61
N ILE D 160 21.74 40.84 2.84
CA ILE D 160 20.59 41.49 3.45
C ILE D 160 20.88 41.85 4.90
N LYS D 161 21.46 40.91 5.66
CA LYS D 161 21.80 41.20 7.05
C LYS D 161 22.82 42.32 7.15
N ALA D 162 23.77 42.38 6.21
CA ALA D 162 24.75 43.46 6.22
C ALA D 162 24.08 44.81 5.99
N LYS D 163 23.03 44.86 5.17
CA LYS D 163 22.36 46.13 4.89
C LYS D 163 21.26 46.43 5.89
N TYR D 164 20.54 45.40 6.35
CA TYR D 164 19.38 45.56 7.23
C TYR D 164 19.53 44.63 8.42
N PRO D 165 20.40 44.97 9.37
CA PRO D 165 20.70 44.04 10.48
C PRO D 165 19.48 43.66 11.30
N ASN D 166 18.45 44.51 11.36
CA ASN D 166 17.27 44.25 12.18
C ASN D 166 16.08 43.76 11.36
N LEU D 167 16.25 43.51 10.08
CA LEU D 167 15.18 42.93 9.26
C LEU D 167 15.10 41.43 9.54
N ASP D 168 13.94 40.96 10.01
CA ASP D 168 13.76 39.53 10.18
C ASP D 168 13.72 38.82 8.83
N LEU D 169 14.44 37.72 8.74
CA LEU D 169 14.66 37.02 7.48
C LEU D 169 14.31 35.55 7.66
N ILE D 170 13.33 35.07 6.89
CA ILE D 170 13.09 33.64 6.73
C ILE D 170 13.79 33.18 5.46
N ALA D 171 14.42 31.99 5.49
CA ALA D 171 15.05 31.45 4.29
C ALA D 171 14.71 29.97 4.14
N GLY D 172 14.52 29.55 2.89
CA GLY D 172 14.14 28.20 2.54
C GLY D 172 14.14 28.06 1.04
N ASN D 173 13.74 26.87 0.56
CA ASN D 173 13.35 25.76 1.41
C ASN D 173 14.48 24.75 1.56
N ILE D 174 14.47 24.06 2.70
CA ILE D 174 15.50 23.08 3.03
C ILE D 174 14.82 21.79 3.50
N ALA D 175 15.64 20.75 3.67
CA ALA D 175 15.11 19.49 4.19
C ALA D 175 16.14 18.69 4.97
N THR D 176 17.32 19.25 5.28
CA THR D 176 18.37 18.49 5.98
C THR D 176 18.93 19.33 7.11
N ALA D 177 19.54 18.63 8.08
CA ALA D 177 20.20 19.31 9.19
C ALA D 177 21.37 20.17 8.69
N ALA D 178 22.14 19.67 7.72
CA ALA D 178 23.26 20.45 7.18
C ALA D 178 22.77 21.76 6.58
N ALA D 179 21.63 21.72 5.89
CA ALA D 179 21.05 22.94 5.35
C ALA D 179 20.60 23.87 6.46
N ALA D 180 19.97 23.34 7.51
CA ALA D 180 19.56 24.19 8.63
C ALA D 180 20.76 24.84 9.29
N LYS D 181 21.84 24.07 9.47
CA LYS D 181 23.04 24.60 10.10
C LYS D 181 23.64 25.74 9.25
N ALA D 182 23.74 25.53 7.95
CA ALA D 182 24.36 26.56 7.10
C ALA D 182 23.53 27.85 7.10
N LEU D 183 22.19 27.74 6.99
CA LEU D 183 21.39 28.97 7.01
C LEU D 183 21.46 29.64 8.38
N CYS D 184 21.40 28.87 9.46
CA CYS D 184 21.47 29.49 10.79
C CYS D 184 22.80 30.19 10.99
N GLU D 185 23.88 29.57 10.52
CA GLU D 185 25.19 30.19 10.69
C GLU D 185 25.32 31.45 9.86
N ALA D 186 24.55 31.58 8.78
CA ALA D 186 24.54 32.82 8.02
C ALA D 186 23.70 33.91 8.68
N GLY D 187 22.93 33.58 9.71
CA GLY D 187 22.19 34.56 10.49
C GLY D 187 20.71 34.67 10.19
N VAL D 188 20.08 33.65 9.58
CA VAL D 188 18.64 33.74 9.36
C VAL D 188 17.89 33.74 10.69
N ASP D 189 16.65 34.23 10.64
CA ASP D 189 15.81 34.29 11.82
C ASP D 189 14.79 33.16 11.87
N ALA D 190 14.66 32.39 10.79
CA ALA D 190 13.87 31.17 10.72
C ALA D 190 14.28 30.46 9.46
N VAL D 191 14.12 29.13 9.44
CA VAL D 191 14.31 28.32 8.24
C VAL D 191 12.96 27.75 7.87
N LYS D 192 12.71 27.64 6.56
CA LYS D 192 11.47 27.03 6.04
C LYS D 192 11.79 25.66 5.47
N VAL D 193 11.12 24.63 5.98
CA VAL D 193 11.43 23.24 5.68
C VAL D 193 10.37 22.68 4.74
N GLY D 194 10.82 22.10 3.63
CA GLY D 194 9.94 21.39 2.73
C GLY D 194 10.49 21.32 1.32
N ILE D 195 11.00 20.16 0.92
CA ILE D 195 11.45 19.93 -0.47
C ILE D 195 10.53 18.87 -1.07
N GLY D 196 9.56 19.30 -1.88
CA GLY D 196 8.68 18.39 -2.58
C GLY D 196 7.30 18.00 -2.03
N PRO D 197 6.97 18.27 -0.75
CA PRO D 197 5.71 17.72 -0.22
C PRO D 197 4.45 18.44 -0.70
N GLY D 198 4.58 19.63 -1.31
CA GLY D 198 3.40 20.42 -1.59
C GLY D 198 2.43 19.73 -2.54
N SER D 199 1.13 20.02 -2.33
CA SER D 199 0.07 19.40 -3.12
C SER D 199 0.31 19.48 -4.63
N ILE D 200 0.77 20.65 -5.11
CA ILE D 200 0.91 20.91 -6.53
C ILE D 200 2.34 20.68 -7.02
N CYS D 201 3.22 20.18 -6.14
CA CYS D 201 4.66 20.12 -6.40
C CYS D 201 5.06 18.81 -7.07
N THR D 202 5.90 18.89 -8.10
CA THR D 202 6.41 17.68 -8.75
C THR D 202 7.93 17.56 -8.62
N THR D 203 8.56 18.35 -7.76
CA THR D 203 10.01 18.30 -7.59
C THR D 203 10.53 16.88 -7.37
N ARG D 204 9.86 16.13 -6.48
CA ARG D 204 10.38 14.79 -6.20
C ARG D 204 10.26 13.88 -7.41
N ILE D 205 9.24 14.10 -8.26
CA ILE D 205 9.05 13.22 -9.41
C ILE D 205 9.95 13.64 -10.56
N VAL D 206 10.11 14.95 -10.74
CA VAL D 206 10.86 15.49 -11.87
C VAL D 206 12.36 15.31 -11.64
N SER D 207 12.82 15.53 -10.41
CA SER D 207 14.24 15.55 -10.09
C SER D 207 14.69 14.39 -9.22
N GLY D 208 13.77 13.62 -8.65
CA GLY D 208 14.16 12.53 -7.79
C GLY D 208 14.61 12.95 -6.39
N VAL D 209 14.42 14.21 -6.02
CA VAL D 209 15.02 14.81 -4.83
C VAL D 209 13.93 15.18 -3.83
N GLY D 210 14.16 14.85 -2.56
CA GLY D 210 13.34 15.36 -1.47
C GLY D 210 13.43 14.48 -0.25
N VAL D 211 12.78 14.94 0.82
CA VAL D 211 12.74 14.23 2.09
C VAL D 211 11.30 14.22 2.59
N PRO D 212 10.67 13.05 2.85
CA PRO D 212 9.35 13.02 3.50
C PRO D 212 9.24 14.00 4.67
N GLN D 213 8.12 14.72 4.72
CA GLN D 213 8.06 15.99 5.45
C GLN D 213 8.24 15.83 6.95
N ILE D 214 7.69 14.76 7.55
CA ILE D 214 7.81 14.60 9.00
C ILE D 214 9.27 14.41 9.40
N SER D 215 10.01 13.59 8.65
CA SER D 215 11.42 13.39 8.97
C SER D 215 12.24 14.64 8.67
N ALA D 216 11.88 15.37 7.60
CA ALA D 216 12.59 16.61 7.29
C ALA D 216 12.46 17.61 8.44
N ILE D 217 11.22 17.83 8.91
CA ILE D 217 11.00 18.74 10.05
C ILE D 217 11.84 18.30 11.24
N ASP D 218 11.73 17.02 11.59
CA ASP D 218 12.43 16.50 12.75
C ASP D 218 13.92 16.77 12.69
N GLU D 219 14.53 16.45 11.54
CA GLU D 219 15.96 16.64 11.37
C GLU D 219 16.33 18.11 11.44
N CYS D 220 15.53 18.99 10.83
CA CYS D 220 15.90 20.40 10.78
C CYS D 220 15.66 21.08 12.12
N VAL D 221 14.59 20.69 12.83
CA VAL D 221 14.30 21.29 14.14
C VAL D 221 15.46 21.03 15.10
N GLU D 222 15.95 19.77 15.12
CA GLU D 222 17.03 19.39 16.03
C GLU D 222 18.27 20.26 15.81
N GLU D 223 18.62 20.52 14.54
CA GLU D 223 19.73 21.41 14.24
C GLU D 223 19.38 22.87 14.53
N ALA D 224 18.23 23.35 14.04
CA ALA D 224 17.89 24.77 14.19
C ALA D 224 17.75 25.16 15.66
N ASN D 225 17.22 24.25 16.50
CA ASN D 225 17.07 24.52 17.93
C ASN D 225 18.39 24.90 18.58
N LYS D 226 19.52 24.39 18.06
CA LYS D 226 20.82 24.73 18.62
C LYS D 226 21.11 26.23 18.50
N PHE D 227 20.48 26.87 17.51
CA PHE D 227 20.66 28.30 17.25
C PHE D 227 19.50 29.12 17.77
N GLY D 228 18.52 28.50 18.40
CA GLY D 228 17.32 29.21 18.80
C GLY D 228 16.50 29.69 17.63
N VAL D 229 16.52 28.98 16.52
CA VAL D 229 15.92 29.43 15.26
C VAL D 229 14.66 28.60 15.01
N PRO D 230 13.50 29.23 14.85
CA PRO D 230 12.27 28.47 14.58
C PRO D 230 12.27 27.84 13.21
N VAL D 231 11.47 26.78 13.08
CA VAL D 231 11.30 26.05 11.83
C VAL D 231 9.87 26.26 11.34
N ILE D 232 9.72 26.62 10.08
CA ILE D 232 8.41 26.71 9.44
C ILE D 232 8.22 25.45 8.59
N ALA D 233 7.19 24.67 8.91
CA ALA D 233 6.88 23.44 8.17
C ALA D 233 5.98 23.79 6.99
N ASP D 234 6.54 23.71 5.78
CA ASP D 234 5.93 24.26 4.57
C ASP D 234 5.57 23.14 3.60
N GLY D 235 4.28 22.91 3.43
CA GLY D 235 3.78 22.07 2.37
C GLY D 235 3.39 20.68 2.84
N GLY D 236 2.43 20.08 2.12
CA GLY D 236 2.00 18.72 2.39
C GLY D 236 0.92 18.59 3.44
N ILE D 237 0.47 19.70 4.02
CA ILE D 237 -0.60 19.68 5.00
C ILE D 237 -1.92 19.41 4.27
N LYS D 238 -2.57 18.31 4.64
CA LYS D 238 -3.87 17.96 4.06
C LYS D 238 -5.02 18.15 5.03
N TYR D 239 -4.77 17.95 6.33
CA TYR D 239 -5.80 17.96 7.35
C TYR D 239 -5.27 18.67 8.58
N SER D 240 -6.21 19.10 9.45
CA SER D 240 -5.82 19.74 10.70
C SER D 240 -4.88 18.85 11.51
N GLY D 241 -5.09 17.53 11.46
CA GLY D 241 -4.18 16.62 12.15
C GLY D 241 -2.73 16.72 11.69
N ASP D 242 -2.50 17.11 10.43
CA ASP D 242 -1.13 17.27 9.93
C ASP D 242 -0.45 18.47 10.57
N ILE D 243 -1.18 19.58 10.73
CA ILE D 243 -0.70 20.73 11.50
C ILE D 243 -0.25 20.28 12.89
N ALA D 244 -1.13 19.56 13.60
CA ALA D 244 -0.79 19.07 14.93
C ALA D 244 0.49 18.23 14.92
N LYS D 245 0.60 17.31 13.96
CA LYS D 245 1.80 16.47 13.90
C LYS D 245 3.06 17.30 13.60
N ALA D 246 2.98 18.22 12.63
CA ALA D 246 4.14 19.06 12.31
C ALA D 246 4.59 19.88 13.52
N LEU D 247 3.65 20.49 14.25
CA LEU D 247 4.03 21.27 15.44
C LEU D 247 4.57 20.35 16.53
N ALA D 248 3.93 19.20 16.73
CA ALA D 248 4.39 18.28 17.77
C ALA D 248 5.82 17.81 17.53
N VAL D 249 6.21 17.56 16.27
CA VAL D 249 7.58 17.11 16.05
C VAL D 249 8.58 18.23 16.24
N GLY D 250 8.13 19.49 16.35
CA GLY D 250 9.07 20.55 16.67
C GLY D 250 9.01 21.78 15.81
N ALA D 251 8.26 21.76 14.71
CA ALA D 251 8.06 23.00 13.96
C ALA D 251 7.39 24.06 14.84
N SER D 252 7.72 25.33 14.59
CA SER D 252 7.10 26.42 15.32
C SER D 252 5.90 26.99 14.59
N SER D 253 5.80 26.79 13.29
CA SER D 253 4.65 27.26 12.52
C SER D 253 4.54 26.42 11.25
N VAL D 254 3.44 26.60 10.54
CA VAL D 254 3.08 25.77 9.40
C VAL D 254 2.63 26.68 8.27
N MET D 255 3.21 26.48 7.07
CA MET D 255 2.80 27.21 5.88
C MET D 255 1.86 26.34 5.04
N ILE D 256 0.75 26.93 4.61
CA ILE D 256 -0.32 26.18 3.98
C ILE D 256 -0.69 26.82 2.66
N GLY D 257 -0.75 26.02 1.60
CA GLY D 257 -1.20 26.50 0.31
C GLY D 257 -2.59 26.02 -0.09
N SER D 258 -2.74 24.71 -0.34
CA SER D 258 -3.93 24.22 -1.04
C SER D 258 -5.19 24.43 -0.20
N LEU D 259 -5.09 24.24 1.11
CA LEU D 259 -6.24 24.41 2.00
C LEU D 259 -6.75 25.85 2.03
N LEU D 260 -5.94 26.82 1.61
CA LEU D 260 -6.38 28.21 1.61
C LEU D 260 -6.67 28.75 0.22
N ALA D 261 -6.34 28.01 -0.84
CA ALA D 261 -6.48 28.54 -2.19
C ALA D 261 -7.92 28.59 -2.66
N GLY D 262 -8.83 27.85 -2.03
CA GLY D 262 -10.22 27.91 -2.46
C GLY D 262 -11.08 28.87 -1.68
N THR D 263 -10.44 29.82 -1.00
CA THR D 263 -11.19 30.73 -0.14
C THR D 263 -11.60 31.99 -0.89
N ASP D 264 -12.52 32.74 -0.28
CA ASP D 264 -12.93 34.03 -0.81
C ASP D 264 -11.74 34.96 -1.00
N GLU D 265 -10.80 34.94 -0.06
CA GLU D 265 -9.79 35.98 0.01
C GLU D 265 -8.59 35.72 -0.88
N SER D 266 -8.39 34.48 -1.33
CA SER D 266 -7.30 34.19 -2.25
C SER D 266 -7.54 34.92 -3.58
N PRO D 267 -6.48 35.22 -4.32
CA PRO D 267 -6.66 35.93 -5.59
C PRO D 267 -7.36 35.02 -6.60
N GLY D 268 -7.91 35.66 -7.62
CA GLY D 268 -8.63 34.88 -8.62
C GLY D 268 -10.10 34.74 -8.30
N GLU D 269 -10.90 34.63 -9.34
CA GLU D 269 -12.33 34.61 -9.18
C GLU D 269 -12.87 33.19 -9.12
N LEU D 270 -14.02 33.04 -8.47
CA LEU D 270 -14.72 31.77 -8.50
C LEU D 270 -15.11 31.42 -9.93
N PHE D 271 -15.24 30.12 -10.18
CA PHE D 271 -15.82 29.67 -11.43
C PHE D 271 -16.54 28.35 -11.17
N THR D 272 -17.55 28.09 -11.98
CA THR D 272 -18.37 26.88 -11.87
C THR D 272 -17.96 25.91 -12.96
N TYR D 273 -17.76 24.65 -12.58
CA TYR D 273 -17.46 23.57 -13.52
C TYR D 273 -18.39 22.41 -13.18
N GLN D 274 -19.44 22.25 -13.99
CA GLN D 274 -20.41 21.17 -13.82
C GLN D 274 -21.08 21.21 -12.45
N GLY D 275 -21.78 22.32 -12.19
CA GLY D 275 -22.60 22.46 -11.00
C GLY D 275 -21.87 22.81 -9.73
N ARG D 276 -20.55 22.61 -9.66
CA ARG D 276 -19.79 22.88 -8.45
C ARG D 276 -18.83 24.03 -8.68
N GLN D 277 -18.48 24.72 -7.60
CA GLN D 277 -17.64 25.92 -7.68
C GLN D 277 -16.19 25.60 -7.32
N TYR D 278 -15.26 26.24 -8.04
CA TYR D 278 -13.84 25.98 -7.86
C TYR D 278 -13.06 27.29 -7.93
N LYS D 279 -11.80 27.21 -7.50
CA LYS D 279 -10.81 28.24 -7.73
C LYS D 279 -9.53 27.59 -8.22
N SER D 280 -8.81 28.31 -9.08
CA SER D 280 -7.54 27.80 -9.59
C SER D 280 -6.49 27.76 -8.49
N TYR D 281 -5.62 26.77 -8.56
CA TYR D 281 -4.49 26.65 -7.65
C TYR D 281 -3.36 26.02 -8.44
N ARG D 282 -2.19 26.68 -8.45
CA ARG D 282 -1.09 26.23 -9.29
C ARG D 282 0.23 26.43 -8.57
N GLY D 283 1.16 25.53 -8.87
CA GLY D 283 2.50 25.70 -8.36
C GLY D 283 3.15 26.96 -8.91
N MET D 284 4.00 27.57 -8.08
CA MET D 284 4.76 28.72 -8.54
C MET D 284 5.90 28.31 -9.48
N GLY D 285 6.24 27.02 -9.52
CA GLY D 285 7.09 26.46 -10.54
C GLY D 285 6.34 25.79 -11.68
N SER D 286 5.05 26.03 -11.83
CA SER D 286 4.29 25.52 -12.96
C SER D 286 4.54 26.38 -14.20
N LEU D 287 4.23 25.80 -15.37
CA LEU D 287 4.40 26.54 -16.62
C LEU D 287 3.64 27.85 -16.60
N GLY D 288 2.36 27.83 -16.22
CA GLY D 288 1.55 29.04 -16.24
C GLY D 288 2.03 30.11 -15.28
N ALA D 289 2.54 29.71 -14.11
CA ALA D 289 3.06 30.69 -13.17
C ALA D 289 4.36 31.32 -13.66
N MET D 290 5.17 30.56 -14.42
CA MET D 290 6.43 31.08 -14.90
C MET D 290 6.30 31.93 -16.16
N GLN D 291 5.15 31.90 -16.83
CA GLN D 291 4.94 32.76 -18.00
C GLN D 291 4.86 34.22 -17.54
N TYR D 298 16.54 32.13 -10.23
CA TYR D 298 17.97 31.86 -10.04
C TYR D 298 18.29 30.39 -10.29
N PHE D 299 17.74 29.50 -9.46
CA PHE D 299 18.05 28.07 -9.58
C PHE D 299 17.35 27.45 -10.78
N GLN D 300 16.07 27.76 -10.98
CA GLN D 300 15.30 27.24 -12.11
C GLN D 300 15.80 27.84 -13.43
N LYS D 307 12.84 25.75 -23.85
CA LYS D 307 11.55 25.74 -23.17
C LYS D 307 11.70 25.41 -21.68
N LEU D 308 10.72 25.82 -20.89
CA LEU D 308 10.81 25.65 -19.44
C LEU D 308 10.61 24.19 -19.05
N VAL D 309 11.32 23.77 -18.01
CA VAL D 309 11.11 22.46 -17.39
C VAL D 309 10.50 22.71 -16.02
N PRO D 310 9.19 22.56 -15.86
CA PRO D 310 8.53 22.97 -14.61
C PRO D 310 8.70 21.95 -13.49
N GLU D 311 8.39 22.42 -12.27
CA GLU D 311 8.40 21.56 -11.09
C GLU D 311 7.08 21.64 -10.34
N GLY D 312 6.01 22.00 -11.03
CA GLY D 312 4.69 22.12 -10.44
C GLY D 312 3.65 22.06 -11.54
N ILE D 313 2.39 21.87 -11.13
CA ILE D 313 1.29 21.73 -12.06
C ILE D 313 0.30 22.88 -11.84
N GLU D 314 -0.65 23.00 -12.77
CA GLU D 314 -1.73 23.97 -12.70
C GLU D 314 -3.04 23.21 -12.53
N GLY D 315 -3.80 23.53 -11.49
CA GLY D 315 -5.04 22.82 -11.24
C GLY D 315 -6.11 23.65 -10.59
N ARG D 316 -7.06 23.00 -9.92
CA ARG D 316 -8.14 23.70 -9.23
C ARG D 316 -8.46 22.98 -7.92
N VAL D 317 -8.96 23.75 -6.96
CA VAL D 317 -9.46 23.22 -5.70
C VAL D 317 -10.91 23.66 -5.55
N PRO D 318 -11.72 22.93 -4.79
CA PRO D 318 -13.10 23.37 -4.53
C PRO D 318 -13.13 24.68 -3.76
N TYR D 319 -14.20 25.44 -3.99
CA TYR D 319 -14.46 26.62 -3.17
C TYR D 319 -14.92 26.19 -1.78
N VAL D 320 -14.30 26.78 -0.75
CA VAL D 320 -14.53 26.36 0.63
C VAL D 320 -15.02 27.50 1.52
N GLY D 321 -15.38 28.65 0.93
CA GLY D 321 -15.84 29.76 1.74
C GLY D 321 -14.73 30.68 2.22
N SER D 322 -14.89 31.25 3.42
CA SER D 322 -13.96 32.24 3.91
C SER D 322 -12.73 31.60 4.54
N ILE D 323 -11.61 32.32 4.48
CA ILE D 323 -10.41 31.93 5.21
C ILE D 323 -10.73 31.71 6.67
N ARG D 324 -11.59 32.55 7.25
CA ARG D 324 -11.90 32.45 8.66
C ARG D 324 -12.51 31.09 8.99
N SER D 325 -13.46 30.62 8.18
CA SER D 325 -14.09 29.34 8.47
C SER D 325 -13.09 28.19 8.34
N VAL D 326 -12.19 28.27 7.36
CA VAL D 326 -11.16 27.25 7.21
C VAL D 326 -10.22 27.24 8.41
N VAL D 327 -9.70 28.41 8.77
CA VAL D 327 -8.76 28.52 9.88
C VAL D 327 -9.40 28.02 11.18
N HIS D 328 -10.69 28.31 11.36
CA HIS D 328 -11.39 27.87 12.56
C HIS D 328 -11.35 26.35 12.70
N GLN D 329 -11.64 25.62 11.62
CA GLN D 329 -11.59 24.16 11.68
C GLN D 329 -10.17 23.67 11.91
N LEU D 330 -9.20 24.29 11.24
CA LEU D 330 -7.81 23.89 11.38
C LEU D 330 -7.34 24.04 12.82
N LEU D 331 -7.54 25.23 13.40
CA LEU D 331 -7.08 25.46 14.76
C LEU D 331 -7.86 24.63 15.77
N GLY D 332 -9.13 24.34 15.48
CA GLY D 332 -9.88 23.47 16.37
C GLY D 332 -9.32 22.06 16.41
N GLY D 333 -8.87 21.56 15.25
CA GLY D 333 -8.20 20.26 15.26
C GLY D 333 -6.89 20.28 16.02
N LEU D 334 -6.16 21.39 15.93
CA LEU D 334 -4.93 21.54 16.72
C LEU D 334 -5.23 21.58 18.22
N ARG D 335 -6.29 22.31 18.60
CA ARG D 335 -6.66 22.38 20.02
C ARG D 335 -7.10 21.01 20.54
N SER D 336 -7.86 20.28 19.73
CA SER D 336 -8.26 18.93 20.13
C SER D 336 -7.03 18.04 20.34
N SER D 337 -6.06 18.14 19.43
CA SER D 337 -4.83 17.38 19.55
C SER D 337 -4.08 17.67 20.84
N MET D 338 -3.90 18.96 21.15
CA MET D 338 -3.21 19.31 22.39
C MET D 338 -3.97 18.83 23.62
N GLY D 339 -5.31 18.94 23.60
CA GLY D 339 -6.10 18.36 24.69
C GLY D 339 -5.91 16.87 24.85
N TYR D 340 -5.84 16.14 23.73
CA TYR D 340 -5.59 14.69 23.78
C TYR D 340 -4.25 14.38 24.41
N VAL D 341 -3.25 15.23 24.15
CA VAL D 341 -1.89 15.02 24.63
C VAL D 341 -1.72 15.60 26.03
N GLY D 342 -2.63 16.45 26.48
CA GLY D 342 -2.54 17.07 27.79
C GLY D 342 -1.72 18.33 27.81
N ALA D 343 -1.46 18.94 26.66
CA ALA D 343 -0.54 20.07 26.56
C ALA D 343 -1.26 21.40 26.76
N LYS D 344 -0.67 22.27 27.58
CA LYS D 344 -1.26 23.57 27.84
C LYS D 344 -0.90 24.62 26.80
N ASP D 345 0.20 24.42 26.06
CA ASP D 345 0.64 25.35 25.01
C ASP D 345 1.58 24.60 24.08
N ILE D 346 2.11 25.31 23.07
CA ILE D 346 2.83 24.64 21.98
C ILE D 346 4.12 23.99 22.50
N GLU D 347 4.89 24.72 23.30
N GLU D 347 4.91 24.73 23.28
CA GLU D 347 6.16 24.16 23.78
CA GLU D 347 6.16 24.16 23.79
C GLU D 347 5.93 22.94 24.66
C GLU D 347 5.88 22.90 24.61
N ASP D 348 4.88 22.96 25.49
CA ASP D 348 4.52 21.80 26.29
C ASP D 348 4.08 20.63 25.40
N PHE D 349 3.30 20.95 24.36
CA PHE D 349 2.93 20.00 23.32
C PHE D 349 4.15 19.28 22.76
N GLN D 350 5.20 20.04 22.41
CA GLN D 350 6.41 19.43 21.85
C GLN D 350 7.16 18.60 22.89
N LYS D 351 7.12 19.01 24.15
CA LYS D 351 7.76 18.24 25.21
C LYS D 351 7.04 16.92 25.46
N ARG D 352 5.70 16.93 25.41
CA ARG D 352 4.93 15.74 25.74
C ARG D 352 4.83 14.75 24.57
N ALA D 353 4.95 15.24 23.34
CA ALA D 353 4.59 14.47 22.15
C ALA D 353 5.29 13.12 22.09
N GLU D 354 4.50 12.06 21.91
CA GLU D 354 5.01 10.71 21.65
C GLU D 354 4.28 10.16 20.44
N PHE D 355 5.05 9.66 19.47
CA PHE D 355 4.49 9.23 18.21
C PHE D 355 4.48 7.71 18.13
N VAL D 356 3.57 7.21 17.32
CA VAL D 356 3.54 5.81 16.92
C VAL D 356 3.64 5.77 15.39
N GLU D 357 4.45 4.84 14.86
CA GLU D 357 4.45 4.56 13.44
C GLU D 357 3.33 3.57 13.13
N ILE D 358 2.59 3.84 12.07
CA ILE D 358 1.45 2.98 11.73
C ILE D 358 1.69 2.39 10.34
N THR D 359 0.83 1.44 9.98
CA THR D 359 0.83 0.82 8.66
C THR D 359 -0.28 1.43 7.80
N THR D 360 -0.24 1.06 6.52
CA THR D 360 -1.32 1.38 5.59
C THR D 360 -2.68 0.94 6.14
N ALA D 361 -2.77 -0.30 6.63
CA ALA D 361 -4.01 -0.75 7.25
C ALA D 361 -4.40 0.17 8.41
N GLY D 362 -3.43 0.59 9.22
CA GLY D 362 -3.74 1.53 10.30
C GLY D 362 -4.21 2.87 9.78
N LEU D 363 -3.69 3.30 8.62
CA LEU D 363 -4.17 4.52 7.98
C LEU D 363 -5.60 4.34 7.47
N LYS D 364 -5.86 3.25 6.74
CA LYS D 364 -7.23 2.92 6.35
C LYS D 364 -8.16 2.97 7.55
N GLU D 365 -7.73 2.37 8.65
CA GLU D 365 -8.55 2.34 9.86
C GLU D 365 -8.79 3.74 10.41
N SER D 366 -7.84 4.66 10.19
CA SER D 366 -7.93 5.98 10.79
C SER D 366 -8.91 6.87 10.02
N HIS D 367 -8.91 6.76 8.70
CA HIS D 367 -9.89 7.45 7.88
C HIS D 367 -11.27 6.83 8.09
N VAL D 368 -12.28 7.47 7.52
CA VAL D 368 -13.62 6.90 7.47
C VAL D 368 -13.59 5.66 6.58
N HIS D 369 -14.23 4.58 7.02
CA HIS D 369 -14.20 3.32 6.29
C HIS D 369 -15.52 2.58 6.46
N ASP D 370 -15.89 1.82 5.43
CA ASP D 370 -17.05 0.92 5.44
C ASP D 370 -18.37 1.67 5.65
N VAL D 371 -18.36 2.99 5.50
CA VAL D 371 -19.55 3.82 5.61
C VAL D 371 -19.54 4.80 4.46
N THR D 372 -20.69 4.94 3.79
CA THR D 372 -20.84 5.92 2.73
C THR D 372 -21.25 7.26 3.32
N ILE D 373 -20.38 8.27 3.18
CA ILE D 373 -20.66 9.59 3.72
C ILE D 373 -21.77 10.25 2.91
N THR D 374 -22.72 10.89 3.60
CA THR D 374 -23.85 11.55 2.94
C THR D 374 -23.99 13.02 3.30
N HIS D 375 -23.34 13.50 4.36
CA HIS D 375 -23.27 14.92 4.67
C HIS D 375 -21.80 15.32 4.70
N GLU D 376 -21.50 16.48 4.14
CA GLU D 376 -20.11 16.94 4.08
C GLU D 376 -19.69 17.48 5.44
N ALA D 377 -18.62 16.89 5.99
CA ALA D 377 -18.04 17.40 7.23
C ALA D 377 -17.23 18.67 6.94
N PRO D 378 -17.26 19.65 7.85
CA PRO D 378 -16.51 20.89 7.61
C PRO D 378 -15.00 20.69 7.59
N ASN D 379 -14.49 19.63 8.21
CA ASN D 379 -13.05 19.46 8.39
C ASN D 379 -12.56 18.11 7.86
N TYR D 380 -13.31 17.49 6.95
CA TYR D 380 -12.94 16.17 6.44
C TYR D 380 -13.61 15.97 5.08
N LYS D 381 -12.81 15.67 4.06
CA LYS D 381 -13.35 15.46 2.71
C LYS D 381 -12.87 14.17 2.09
C2 JQS E . 10.27 -6.94 -23.53
C3 JQS E . 11.67 -5.39 -24.20
C5 JQS E . 13.87 -4.11 -22.82
O3 JQS E . 14.74 -1.93 -23.36
C1 JQS E . 9.25 -8.03 -23.43
O1 JQS E . 8.34 -8.10 -24.27
O2 JQS E . 15.02 -4.13 -21.96
C4 JQS E . 12.65 -4.56 -22.03
C10 JQS E . 10.94 -7.68 -20.41
C6 JQS E . 13.55 -2.67 -23.20
C7 JQS E . 12.77 -2.24 -21.97
C8 JQS E . 11.95 -0.95 -22.12
C9 JQS E . 10.94 -6.37 -22.45
N1 JQS E . 10.76 -6.31 -24.61
N2 JQS E . 11.77 -5.41 -22.86
N3 JQS E . 10.74 -6.64 -21.12
N4 JQS E . 11.46 -8.83 -20.82
O4 JQS E . 11.42 -0.66 -20.84
O5 JQS E . 11.51 1.88 -20.82
O6 JQS E . 9.41 0.77 -21.47
O7 JQS E . 10.12 0.68 -19.10
O8 JQS E . 11.93 -3.37 -21.72
O9 JQS E . 9.35 -8.88 -22.52
P1 JQS E . 10.61 0.70 -20.56
S SO4 F . 16.73 15.88 -41.59
O1 SO4 F . 16.60 15.90 -40.14
O2 SO4 F . 16.70 17.26 -42.08
O3 SO4 F . 15.61 15.13 -42.16
O4 SO4 F . 18.00 15.26 -41.96
S SO4 G . 16.54 -14.48 -26.06
O1 SO4 G . 15.45 -15.45 -26.18
O2 SO4 G . 16.34 -13.69 -24.85
O3 SO4 G . 16.52 -13.60 -27.23
O4 SO4 G . 17.81 -15.20 -25.98
CL CL H . 2.68 -0.94 1.77
CL CL I . 20.13 -13.61 -38.08
CL CL J . 9.74 20.30 -31.45
CL CL K . 34.66 8.89 -27.72
C1 MPD L . 15.55 -9.93 -25.77
C2 MPD L . 14.40 -8.91 -25.85
O2 MPD L . 14.69 -7.76 -25.00
CM MPD L . 14.31 -8.42 -27.30
C3 MPD L . 13.10 -9.55 -25.37
C4 MPD L . 13.23 -10.03 -23.92
O4 MPD L . 13.47 -8.94 -23.07
C5 MPD L . 11.98 -10.78 -23.44
K K M . 4.09 16.70 -4.15
K K N . 7.08 -4.92 -15.83
C2 JQS O . -13.09 -22.94 -0.58
C3 JQS O . -12.09 -24.48 -1.79
C5 JQS O . -9.32 -25.30 -1.80
O3 JQS O . -8.06 -26.12 -3.73
C1 JQS O . -14.05 -22.02 0.11
O1 JQS O . -15.27 -22.24 0.08
O2 JQS O . -8.14 -25.65 -1.07
C4 JQS O . -9.66 -23.90 -1.37
C10 JQS O . -10.89 -21.69 1.47
C6 JQS O . -9.03 -25.17 -3.29
C7 JQS O . -8.45 -23.76 -3.37
C8 JQS O . -8.47 -23.13 -4.78
C9 JQS O . -11.72 -22.84 -0.48
N1 JQS O . -13.31 -24.00 -1.40
N2 JQS O . -11.11 -23.75 -1.22
N3 JQS O . -11.00 -21.87 0.21
N4 JQS O . -11.47 -22.40 2.43
O4 JQS O . -7.77 -21.88 -4.73
O5 JQS O . -6.57 -21.79 -7.00
O6 JQS O . -8.79 -20.71 -6.72
O7 JQS O . -6.75 -19.72 -5.64
O8 JQS O . -9.21 -23.02 -2.41
O9 JQS O . -13.60 -21.00 0.68
P1 JQS O . -7.46 -21.01 -6.06
S SO4 P . -14.59 -29.93 6.93
O1 SO4 P . -16.00 -29.95 7.33
O2 SO4 P . -14.14 -28.56 6.78
O3 SO4 P . -14.47 -30.62 5.64
O4 SO4 P . -13.78 -30.61 7.95
S SO4 Q . -18.22 -37.27 -21.65
O1 SO4 Q . -18.93 -37.11 -20.38
O2 SO4 Q . -18.56 -36.15 -22.53
O3 SO4 Q . -16.78 -37.27 -21.40
O4 SO4 Q . -18.61 -38.53 -22.26
S SO4 R . -11.72 -38.22 -25.84
O1 SO4 R . -11.14 -37.27 -24.90
O2 SO4 R . -13.01 -37.70 -26.31
O3 SO4 R . -10.80 -38.37 -26.97
O4 SO4 R . -11.92 -39.51 -25.19
S SO4 S . -15.81 -9.67 -14.90
O1 SO4 S . -15.21 -8.85 -13.86
O2 SO4 S . -17.09 -9.08 -15.29
O3 SO4 S . -14.92 -9.72 -16.06
O4 SO4 S . -16.03 -11.02 -14.41
S SO4 T . -6.53 -26.30 -27.88
O1 SO4 T . -5.54 -25.91 -26.87
O2 SO4 T . -7.66 -25.37 -27.85
O3 SO4 T . -5.90 -26.26 -29.19
O4 SO4 T . -6.99 -27.66 -27.59
K K U . -18.47 -28.97 -19.45
S SO4 V . -20.16 -43.26 -19.54
O1 SO4 V . -20.30 -43.89 -18.23
O2 SO4 V . -20.98 -42.05 -19.60
O3 SO4 V . -18.77 -42.89 -19.76
O4 SO4 V . -20.60 -44.18 -20.58
CL CL W . 4.98 -43.59 -10.29
C1 MPD X . -12.99 -28.61 2.64
C2 MPD X . -13.06 -27.79 1.34
O2 MPD X . -11.72 -27.49 0.88
CM MPD X . -13.76 -28.61 0.27
C3 MPD X . -13.82 -26.47 1.61
C4 MPD X . -13.16 -25.69 2.76
O4 MPD X . -11.89 -25.24 2.35
C5 MPD X . -14.00 -24.50 3.18
K K Y . -8.66 -15.62 -0.12
C2 JQS Z . -17.71 8.75 16.86
C3 JQS Z . -18.71 7.16 17.99
C5 JQS Z . -17.54 4.88 19.44
O3 JQS Z . -18.49 2.67 19.77
C1 JQS Z . -17.36 9.97 16.10
O1 JQS Z . -16.30 10.00 15.42
O2 JQS Z . -16.51 4.36 20.29
C4 JQS Z . -16.82 5.49 18.25
C10 JQS Z . -14.51 8.32 17.00
C6 JQS Z . -18.34 3.73 18.83
C7 JQS Z . -17.44 3.30 17.70
C8 JQS Z . -18.11 2.42 16.63
C9 JQS Z . -16.82 7.72 17.15
N1 JQS Z . -18.89 8.38 17.42
N2 JQS Z . -17.43 6.75 17.81
N3 JQS Z . -15.52 7.59 16.74
N4 JQS Z . -14.49 9.42 17.74
O4 JQS Z . -17.15 2.10 15.63
O5 JQS Z . -18.04 -0.25 15.07
O6 JQS Z . -16.20 0.72 13.72
O7 JQS Z . -18.54 1.65 13.57
O8 JQS Z . -16.98 4.55 17.18
O9 JQS Z . -18.17 10.92 16.10
P1 JQS Z . -17.49 1.03 14.46
S SO4 AA . -16.68 14.33 25.63
O1 SO4 AA . -16.99 15.71 25.26
O2 SO4 AA . -15.94 14.32 26.89
O3 SO4 AA . -15.86 13.70 24.59
O4 SO4 AA . -17.94 13.58 25.76
CL CL BA . -27.40 15.55 31.63
S SO4 CA . -23.33 2.56 -0.91
O1 SO4 CA . -23.57 2.62 0.53
O2 SO4 CA . -24.22 3.50 -1.58
O3 SO4 CA . -21.94 2.91 -1.20
O4 SO4 CA . -23.58 1.19 -1.40
S SO4 DA . -43.76 2.06 27.19
O1 SO4 DA . -43.13 3.36 27.45
O2 SO4 DA . -45.10 2.07 27.76
O3 SO4 DA . -42.96 1.00 27.81
O4 SO4 DA . -43.84 1.83 25.74
S SO4 EA . -41.25 -8.75 21.82
O1 SO4 EA . -41.06 -7.90 23.00
O2 SO4 EA . -42.62 -8.64 21.34
O3 SO4 EA . -40.33 -8.33 20.76
O4 SO4 EA . -40.97 -10.14 22.18
S SO4 FA . -34.27 -13.57 11.13
O1 SO4 FA . -34.08 -12.49 10.16
O2 SO4 FA . -35.12 -13.10 12.23
O3 SO4 FA . -32.97 -13.97 11.68
O4 SO4 FA . -34.88 -14.70 10.48
C1 MPD GA . -17.61 10.02 23.16
C2 MPD GA . -18.25 9.55 21.85
O2 MPD GA . -17.76 8.22 21.53
CM MPD GA . -19.76 9.47 22.05
C3 MPD GA . -17.89 10.51 20.71
C4 MPD GA . -16.38 10.69 20.55
O4 MPD GA . -15.81 9.48 20.10
C5 MPD GA . -16.03 11.80 19.57
K K HA . -11.69 6.03 11.51
C2 JQS IA . 5.62 24.98 -6.08
C3 JQS IA . 5.04 26.27 -4.41
C5 JQS IA . 5.70 26.02 -1.59
O3 JQS IA . 4.36 26.94 0.26
C1 JQS IA . 5.92 24.39 -7.42
O1 JQS IA . 6.72 23.44 -7.50
O2 JQS IA . 6.69 25.75 -0.57
C4 JQS IA . 5.49 24.78 -2.43
C10 JQS IA . 7.39 22.49 -4.89
C6 JQS IA . 4.33 26.27 -1.00
C7 JQS IA . 3.83 24.84 -0.82
C8 JQS IA . 2.32 24.71 -0.57
C9 JQS IA . 5.83 24.34 -4.87
N1 JQS IA . 5.13 26.20 -5.77
N2 JQS IA . 5.46 25.12 -3.86
N3 JQS IA . 6.27 23.04 -4.65
N4 JQS IA . 8.45 23.07 -5.46
O4 JQS IA . 2.04 23.31 -0.44
O5 JQS IA . 0.65 21.26 0.18
O6 JQS IA . -0.39 23.13 -1.14
O7 JQS IA . 0.14 23.47 1.24
O8 JQS IA . 4.23 24.23 -2.05
O9 JQS IA . 5.37 24.86 -8.44
P1 JQS IA . 0.57 22.77 -0.04
S SO4 JA . 14.67 29.66 -7.60
O1 SO4 JA . 15.91 29.89 -6.86
O2 SO4 JA . 13.66 30.66 -7.24
O3 SO4 JA . 14.94 29.77 -9.03
O4 SO4 JA . 14.16 28.34 -7.29
S SO4 KA . -9.99 45.44 -1.62
O1 SO4 KA . -10.18 46.84 -1.26
O2 SO4 KA . -9.55 44.67 -0.45
O3 SO4 KA . -11.25 44.87 -2.09
O4 SO4 KA . -8.99 45.36 -2.68
S SO4 LA . 13.07 27.32 19.64
O1 SO4 LA . 13.84 26.64 20.68
O2 SO4 LA . 12.47 28.54 20.16
O3 SO4 LA . 13.96 27.66 18.53
O4 SO4 LA . 12.01 26.43 19.16
CL CL MA . 6.20 40.22 18.74
CL CL NA . 12.97 42.07 -9.08
CL CL OA . -12.29 45.53 5.94
CL CL PA . -17.76 33.33 7.66
S SO4 QA . -4.26 47.72 -8.53
O1 SO4 QA . -5.22 48.35 -7.63
O2 SO4 QA . -2.91 48.06 -8.09
O3 SO4 QA . -4.47 48.21 -9.90
O4 SO4 QA . -4.44 46.27 -8.50
#